data_1C6Z
# 
_entry.id   1C6Z 
# 
_audit_conform.dict_name       mmcif_pdbx.dic 
_audit_conform.dict_version    5.383 
_audit_conform.dict_location   http://mmcif.pdb.org/dictionaries/ascii/mmcif_pdbx.dic 
# 
loop_
_database_2.database_id 
_database_2.database_code 
_database_2.pdbx_database_accession 
_database_2.pdbx_DOI 
PDB   1C6Z         pdb_00001c6z 10.2210/pdb1c6z/pdb 
RCSB  RCSB001412   ?            ?                   
WWPDB D_1000001412 ?            ?                   
# 
loop_
_pdbx_audit_revision_history.ordinal 
_pdbx_audit_revision_history.data_content_type 
_pdbx_audit_revision_history.major_revision 
_pdbx_audit_revision_history.minor_revision 
_pdbx_audit_revision_history.revision_date 
1 'Structure model' 1 0 2000-12-28 
2 'Structure model' 1 1 2008-04-26 
3 'Structure model' 1 2 2011-07-13 
4 'Structure model' 1 3 2013-02-27 
5 'Structure model' 1 4 2023-12-27 
# 
_pdbx_audit_revision_details.ordinal             1 
_pdbx_audit_revision_details.revision_ordinal    1 
_pdbx_audit_revision_details.data_content_type   'Structure model' 
_pdbx_audit_revision_details.provider            repository 
_pdbx_audit_revision_details.type                'Initial release' 
_pdbx_audit_revision_details.description         ? 
_pdbx_audit_revision_details.details             ? 
# 
loop_
_pdbx_audit_revision_group.ordinal 
_pdbx_audit_revision_group.revision_ordinal 
_pdbx_audit_revision_group.data_content_type 
_pdbx_audit_revision_group.group 
1  2 'Structure model' 'Version format compliance' 
2  3 'Structure model' 'Atomic model'              
3  3 'Structure model' 'Database references'       
4  3 'Structure model' 'Derived calculations'      
5  3 'Structure model' 'Non-polymer description'   
6  3 'Structure model' 'Structure summary'         
7  3 'Structure model' 'Version format compliance' 
8  4 'Structure model' Other                       
9  5 'Structure model' 'Data collection'           
10 5 'Structure model' 'Database references'       
11 5 'Structure model' 'Derived calculations'      
12 5 'Structure model' 'Structure summary'         
# 
loop_
_pdbx_audit_revision_category.ordinal 
_pdbx_audit_revision_category.revision_ordinal 
_pdbx_audit_revision_category.data_content_type 
_pdbx_audit_revision_category.category 
1 5 'Structure model' chem_comp           
2 5 'Structure model' chem_comp_atom      
3 5 'Structure model' chem_comp_bond      
4 5 'Structure model' database_2          
5 5 'Structure model' entity              
6 5 'Structure model' pdbx_entity_nonpoly 
7 5 'Structure model' struct_site         
# 
loop_
_pdbx_audit_revision_item.ordinal 
_pdbx_audit_revision_item.revision_ordinal 
_pdbx_audit_revision_item.data_content_type 
_pdbx_audit_revision_item.item 
1 5 'Structure model' '_chem_comp.name'                     
2 5 'Structure model' '_chem_comp.pdbx_synonyms'            
3 5 'Structure model' '_database_2.pdbx_DOI'                
4 5 'Structure model' '_database_2.pdbx_database_accession' 
5 5 'Structure model' '_entity.pdbx_description'            
6 5 'Structure model' '_pdbx_entity_nonpoly.name'           
7 5 'Structure model' '_struct_site.pdbx_auth_asym_id'      
8 5 'Structure model' '_struct_site.pdbx_auth_comp_id'      
9 5 'Structure model' '_struct_site.pdbx_auth_seq_id'       
# 
_pdbx_database_status.status_code                     REL 
_pdbx_database_status.entry_id                        1C6Z 
_pdbx_database_status.recvd_initial_deposition_date   1999-12-28 
_pdbx_database_status.deposit_site                    RCSB 
_pdbx_database_status.process_site                    RCSB 
_pdbx_database_status.SG_entry                        . 
_pdbx_database_status.pdb_format_compatible           Y 
_pdbx_database_status.status_code_mr                  ? 
_pdbx_database_status.status_code_sf                  ? 
_pdbx_database_status.status_code_cs                  ? 
_pdbx_database_status.status_code_nmr_data            ? 
_pdbx_database_status.methods_development_category    ? 
# 
loop_
_pdbx_database_related.db_name 
_pdbx_database_related.db_id 
_pdbx_database_related.details 
_pdbx_database_related.content_type 
PDB 1c6x 'HIV-1 PROTEASE WITH L-739,622' unspecified 
PDB 1c6y 'HIV-1 protease with L-735,524' unspecified 
PDB 1c70 'HIV-1 PROTEASE WITH L-756,423' unspecified 
# 
_audit_author.name           'Munshi, S.' 
_audit_author.pdbx_ordinal   1 
# 
loop_
_citation.id 
_citation.title 
_citation.journal_abbrev 
_citation.journal_volume 
_citation.page_first 
_citation.page_last 
_citation.year 
_citation.journal_id_ASTM 
_citation.country 
_citation.journal_id_ISSN 
_citation.journal_id_CSD 
_citation.book_publisher 
_citation.pdbx_database_id_PubMed 
_citation.pdbx_database_id_DOI 
primary 
;An alternate binding site for the P1-P3 group of a class of potent HIV-1 protease inhibitors as a result of concerted structural change in the 80s loop of the protease.
;
'Acta Crystallogr.,Sect.D' 56 381  388  2000 ABCRE6 DK 0907-4449 0766 ? 10739910 10.1107/S0907444900000469 
1       'Novel Binding Mode of Highly Potent HIV-Proteinase Inhibitors Incorporating the (R)-Hydroxyethylamine Isostere' 
J.Med.Chem.                34 3340 3342 1991 JMCMAR US 0022-2623 0151 ? ?        ?                         
# 
loop_
_citation_author.citation_id 
_citation_author.name 
_citation_author.ordinal 
_citation_author.identifier_ORCID 
primary 'Munshi, S.'    1  ? 
primary 'Chen, Z.'      2  ? 
primary 'Yan, Y.'       3  ? 
primary 'Li, Y.'        4  ? 
primary 'Olsen, D.B.'   5  ? 
primary 'Schock, H.B.'  6  ? 
primary 'Galvin, B.B.'  7  ? 
primary 'Dorsey, B.'    8  ? 
primary 'Kuo, L.C.'     9  ? 
1       'Krohn, A.'     10 ? 
1       'Redshaw, S.'   11 ? 
1       'Ritchie, J.C.' 12 ? 
1       'Graves, B.J.'  13 ? 
1       'Hatada, M.H.'  14 ? 
# 
loop_
_entity.id 
_entity.type 
_entity.src_method 
_entity.pdbx_description 
_entity.formula_weight 
_entity.pdbx_number_of_molecules 
_entity.pdbx_ec 
_entity.pdbx_mutation 
_entity.pdbx_fragment 
_entity.details 
1 polymer     man 'PROTEIN (PROTEASE)' 10801.674 2  3.4.24.- ? ? 'NY5 ISOLATE' 
2 non-polymer syn 
;(2S)-N-[(2S,3R)-4-[(2S,3S,4aS,8aS)-3-(tert-butylcarbamoyl)-3,4,4a,5,6,7,8,8a-octahydro-1H-isoquinolin-2-yl]-3-hydroxy-1 -phenyl-butan-2-yl]-2-(quinolin-2-ylcarbonylamino)butanediamide
;
670.841   1  ?        ? ? ?             
3 water       nat water 18.015    76 ?        ? ? ?             
# 
_entity_poly.entity_id                      1 
_entity_poly.type                           'polypeptide(L)' 
_entity_poly.nstd_linkage                   no 
_entity_poly.nstd_monomer                   no 
_entity_poly.pdbx_seq_one_letter_code       
;PQITLWQRPVVTIKIGGQLMEALIDTGADDTVLEEMDLPGRWKPKIIGGIGGFVKVRQYDQIPIEICGHKVIGTVLVGPT
PTNIIGRNLLTQIGCTLNF
;
_entity_poly.pdbx_seq_one_letter_code_can   
;PQITLWQRPVVTIKIGGQLMEALIDTGADDTVLEEMDLPGRWKPKIIGGIGGFVKVRQYDQIPIEICGHKVIGTVLVGPT
PTNIIGRNLLTQIGCTLNF
;
_entity_poly.pdbx_strand_id                 A,B 
_entity_poly.pdbx_target_identifier         ? 
# 
loop_
_pdbx_entity_nonpoly.entity_id 
_pdbx_entity_nonpoly.name 
_pdbx_entity_nonpoly.comp_id 
2 
;(2S)-N-[(2S,3R)-4-[(2S,3S,4aS,8aS)-3-(tert-butylcarbamoyl)-3,4,4a,5,6,7,8,8a-octahydro-1H-isoquinolin-2-yl]-3-hydroxy-1 -phenyl-butan-2-yl]-2-(quinolin-2-ylcarbonylamino)butanediamide
;
ROC 
3 water HOH 
# 
loop_
_entity_poly_seq.entity_id 
_entity_poly_seq.num 
_entity_poly_seq.mon_id 
_entity_poly_seq.hetero 
1 1  PRO n 
1 2  GLN n 
1 3  ILE n 
1 4  THR n 
1 5  LEU n 
1 6  TRP n 
1 7  GLN n 
1 8  ARG n 
1 9  PRO n 
1 10 VAL n 
1 11 VAL n 
1 12 THR n 
1 13 ILE n 
1 14 LYS n 
1 15 ILE n 
1 16 GLY n 
1 17 GLY n 
1 18 GLN n 
1 19 LEU n 
1 20 MET n 
1 21 GLU n 
1 22 ALA n 
1 23 LEU n 
1 24 ILE n 
1 25 ASP n 
1 26 THR n 
1 27 GLY n 
1 28 ALA n 
1 29 ASP n 
1 30 ASP n 
1 31 THR n 
1 32 VAL n 
1 33 LEU n 
1 34 GLU n 
1 35 GLU n 
1 36 MET n 
1 37 ASP n 
1 38 LEU n 
1 39 PRO n 
1 40 GLY n 
1 41 ARG n 
1 42 TRP n 
1 43 LYS n 
1 44 PRO n 
1 45 LYS n 
1 46 ILE n 
1 47 ILE n 
1 48 GLY n 
1 49 GLY n 
1 50 ILE n 
1 51 GLY n 
1 52 GLY n 
1 53 PHE n 
1 54 VAL n 
1 55 LYS n 
1 56 VAL n 
1 57 ARG n 
1 58 GLN n 
1 59 TYR n 
1 60 ASP n 
1 61 GLN n 
1 62 ILE n 
1 63 PRO n 
1 64 ILE n 
1 65 GLU n 
1 66 ILE n 
1 67 CYS n 
1 68 GLY n 
1 69 HIS n 
1 70 LYS n 
1 71 VAL n 
1 72 ILE n 
1 73 GLY n 
1 74 THR n 
1 75 VAL n 
1 76 LEU n 
1 77 VAL n 
1 78 GLY n 
1 79 PRO n 
1 80 THR n 
1 81 PRO n 
1 82 THR n 
1 83 ASN n 
1 84 ILE n 
1 85 ILE n 
1 86 GLY n 
1 87 ARG n 
1 88 ASN n 
1 89 LEU n 
1 90 LEU n 
1 91 THR n 
1 92 GLN n 
1 93 ILE n 
1 94 GLY n 
1 95 CYS n 
1 96 THR n 
1 97 LEU n 
1 98 ASN n 
1 99 PHE n 
# 
_entity_src_gen.entity_id                          1 
_entity_src_gen.pdbx_src_id                        1 
_entity_src_gen.pdbx_alt_source_flag               sample 
_entity_src_gen.pdbx_seq_type                      ? 
_entity_src_gen.pdbx_beg_seq_num                   ? 
_entity_src_gen.pdbx_end_seq_num                   ? 
_entity_src_gen.gene_src_common_name               ? 
_entity_src_gen.gene_src_genus                     Lentivirus 
_entity_src_gen.pdbx_gene_src_gene                 'NY5 ISOLATE' 
_entity_src_gen.gene_src_species                   ? 
_entity_src_gen.gene_src_strain                    ? 
_entity_src_gen.gene_src_tissue                    ? 
_entity_src_gen.gene_src_tissue_fraction           ? 
_entity_src_gen.gene_src_details                   ? 
_entity_src_gen.pdbx_gene_src_fragment             ? 
_entity_src_gen.pdbx_gene_src_scientific_name      'Human immunodeficiency virus 1' 
_entity_src_gen.pdbx_gene_src_ncbi_taxonomy_id     11676 
_entity_src_gen.pdbx_gene_src_variant              ? 
_entity_src_gen.pdbx_gene_src_cell_line            ? 
_entity_src_gen.pdbx_gene_src_atcc                 ? 
_entity_src_gen.pdbx_gene_src_organ                ? 
_entity_src_gen.pdbx_gene_src_organelle            ? 
_entity_src_gen.pdbx_gene_src_cell                 ? 
_entity_src_gen.pdbx_gene_src_cellular_location    ? 
_entity_src_gen.host_org_common_name               ? 
_entity_src_gen.pdbx_host_org_scientific_name      'Escherichia coli' 
_entity_src_gen.pdbx_host_org_ncbi_taxonomy_id     562 
_entity_src_gen.host_org_genus                     Escherichia 
_entity_src_gen.pdbx_host_org_gene                 ? 
_entity_src_gen.pdbx_host_org_organ                ? 
_entity_src_gen.host_org_species                   ? 
_entity_src_gen.pdbx_host_org_tissue               ? 
_entity_src_gen.pdbx_host_org_tissue_fraction      ? 
_entity_src_gen.pdbx_host_org_strain               ? 
_entity_src_gen.pdbx_host_org_variant              ? 
_entity_src_gen.pdbx_host_org_cell_line            ? 
_entity_src_gen.pdbx_host_org_atcc                 ? 
_entity_src_gen.pdbx_host_org_culture_collection   ? 
_entity_src_gen.pdbx_host_org_cell                 ? 
_entity_src_gen.pdbx_host_org_organelle            ? 
_entity_src_gen.pdbx_host_org_cellular_location    ? 
_entity_src_gen.pdbx_host_org_vector_type          ? 
_entity_src_gen.pdbx_host_org_vector               ? 
_entity_src_gen.host_org_details                   ? 
_entity_src_gen.expression_system_id               ? 
_entity_src_gen.plasmid_name                       ? 
_entity_src_gen.plasmid_details                    ? 
_entity_src_gen.pdbx_description                   ? 
# 
loop_
_chem_comp.id 
_chem_comp.type 
_chem_comp.mon_nstd_flag 
_chem_comp.name 
_chem_comp.pdbx_synonyms 
_chem_comp.formula 
_chem_comp.formula_weight 
ALA 'L-peptide linking' y ALANINE ?                                   'C3 H7 N O2'     89.093  
ARG 'L-peptide linking' y ARGININE ?                                   'C6 H15 N4 O2 1' 175.209 
ASN 'L-peptide linking' y ASPARAGINE ?                                   'C4 H8 N2 O3'    132.118 
ASP 'L-peptide linking' y 'ASPARTIC ACID' ?                                   'C4 H7 N O4'     133.103 
CYS 'L-peptide linking' y CYSTEINE ?                                   'C3 H7 N O2 S'   121.158 
GLN 'L-peptide linking' y GLUTAMINE ?                                   'C5 H10 N2 O3'   146.144 
GLU 'L-peptide linking' y 'GLUTAMIC ACID' ?                                   'C5 H9 N O4'     147.129 
GLY 'peptide linking'   y GLYCINE ?                                   'C2 H5 N O2'     75.067  
HIS 'L-peptide linking' y HISTIDINE ?                                   'C6 H10 N3 O2 1' 156.162 
HOH non-polymer         . WATER ?                                   'H2 O'           18.015  
ILE 'L-peptide linking' y ISOLEUCINE ?                                   'C6 H13 N O2'    131.173 
LEU 'L-peptide linking' y LEUCINE ?                                   'C6 H13 N O2'    131.173 
LYS 'L-peptide linking' y LYSINE ?                                   'C6 H15 N2 O2 1' 147.195 
MET 'L-peptide linking' y METHIONINE ?                                   'C5 H11 N O2 S'  149.211 
PHE 'L-peptide linking' y PHENYLALANINE ?                                   'C9 H11 N O2'    165.189 
PRO 'L-peptide linking' y PROLINE ?                                   'C5 H9 N O2'     115.130 
ROC peptide-like        . 
;(2S)-N-[(2S,3R)-4-[(2S,3S,4aS,8aS)-3-(tert-butylcarbamoyl)-3,4,4a,5,6,7,8,8a-octahydro-1H-isoquinolin-2-yl]-3-hydroxy-1 -phenyl-butan-2-yl]-2-(quinolin-2-ylcarbonylamino)butanediamide
;
'Fortovase; SAQUINAVIR; RO 31-8959' 'C38 H50 N6 O5'  670.841 
THR 'L-peptide linking' y THREONINE ?                                   'C4 H9 N O3'     119.119 
TRP 'L-peptide linking' y TRYPTOPHAN ?                                   'C11 H12 N2 O2'  204.225 
TYR 'L-peptide linking' y TYROSINE ?                                   'C9 H11 N O3'    181.189 
VAL 'L-peptide linking' y VALINE ?                                   'C5 H11 N O2'    117.146 
# 
loop_
_pdbx_poly_seq_scheme.asym_id 
_pdbx_poly_seq_scheme.entity_id 
_pdbx_poly_seq_scheme.seq_id 
_pdbx_poly_seq_scheme.mon_id 
_pdbx_poly_seq_scheme.ndb_seq_num 
_pdbx_poly_seq_scheme.pdb_seq_num 
_pdbx_poly_seq_scheme.auth_seq_num 
_pdbx_poly_seq_scheme.pdb_mon_id 
_pdbx_poly_seq_scheme.auth_mon_id 
_pdbx_poly_seq_scheme.pdb_strand_id 
_pdbx_poly_seq_scheme.pdb_ins_code 
_pdbx_poly_seq_scheme.hetero 
A 1 1  PRO 1  1   1   PRO PRO A . n 
A 1 2  GLN 2  2   2   GLN GLN A . n 
A 1 3  ILE 3  3   3   ILE ILE A . n 
A 1 4  THR 4  4   4   THR THR A . n 
A 1 5  LEU 5  5   5   LEU LEU A . n 
A 1 6  TRP 6  6   6   TRP TRP A . n 
A 1 7  GLN 7  7   7   GLN GLN A . n 
A 1 8  ARG 8  8   8   ARG ARG A . n 
A 1 9  PRO 9  9   9   PRO PRO A . n 
A 1 10 VAL 10 10  10  VAL VAL A . n 
A 1 11 VAL 11 11  11  VAL VAL A . n 
A 1 12 THR 12 12  12  THR THR A . n 
A 1 13 ILE 13 13  13  ILE ILE A . n 
A 1 14 LYS 14 14  14  LYS LYS A . n 
A 1 15 ILE 15 15  15  ILE ILE A . n 
A 1 16 GLY 16 16  16  GLY GLY A . n 
A 1 17 GLY 17 17  17  GLY GLY A . n 
A 1 18 GLN 18 18  18  GLN GLN A . n 
A 1 19 LEU 19 19  19  LEU LEU A . n 
A 1 20 MET 20 20  20  MET MET A . n 
A 1 21 GLU 21 21  21  GLU GLU A . n 
A 1 22 ALA 22 22  22  ALA ALA A . n 
A 1 23 LEU 23 23  23  LEU LEU A . n 
A 1 24 ILE 24 24  24  ILE ILE A . n 
A 1 25 ASP 25 25  25  ASP ASP A . n 
A 1 26 THR 26 26  26  THR THR A . n 
A 1 27 GLY 27 27  27  GLY GLY A . n 
A 1 28 ALA 28 28  28  ALA ALA A . n 
A 1 29 ASP 29 29  29  ASP ASP A . n 
A 1 30 ASP 30 30  30  ASP ASP A . n 
A 1 31 THR 31 31  31  THR THR A . n 
A 1 32 VAL 32 32  32  VAL VAL A . n 
A 1 33 LEU 33 33  33  LEU LEU A . n 
A 1 34 GLU 34 34  34  GLU GLU A . n 
A 1 35 GLU 35 35  35  GLU GLU A . n 
A 1 36 MET 36 36  36  MET MET A . n 
A 1 37 ASP 37 37  37  ASP ASP A . n 
A 1 38 LEU 38 38  38  LEU LEU A . n 
A 1 39 PRO 39 39  39  PRO PRO A . n 
A 1 40 GLY 40 40  40  GLY GLY A . n 
A 1 41 ARG 41 41  41  ARG ARG A . n 
A 1 42 TRP 42 42  42  TRP TRP A . n 
A 1 43 LYS 43 43  43  LYS LYS A . n 
A 1 44 PRO 44 44  44  PRO PRO A . n 
A 1 45 LYS 45 45  45  LYS LYS A . n 
A 1 46 ILE 46 46  46  ILE ILE A . n 
A 1 47 ILE 47 47  47  ILE ILE A . n 
A 1 48 GLY 48 48  48  GLY GLY A . n 
A 1 49 GLY 49 49  49  GLY GLY A . n 
A 1 50 ILE 50 50  50  ILE ILE A . n 
A 1 51 GLY 51 51  51  GLY GLY A . n 
A 1 52 GLY 52 52  52  GLY GLY A . n 
A 1 53 PHE 53 53  53  PHE PHE A . n 
A 1 54 VAL 54 54  54  VAL VAL A . n 
A 1 55 LYS 55 55  55  LYS LYS A . n 
A 1 56 VAL 56 56  56  VAL VAL A . n 
A 1 57 ARG 57 57  57  ARG ARG A . n 
A 1 58 GLN 58 58  58  GLN GLN A . n 
A 1 59 TYR 59 59  59  TYR TYR A . n 
A 1 60 ASP 60 60  60  ASP ASP A . n 
A 1 61 GLN 61 61  61  GLN GLN A . n 
A 1 62 ILE 62 62  62  ILE ILE A . n 
A 1 63 PRO 63 63  63  PRO PRO A . n 
A 1 64 ILE 64 64  64  ILE ILE A . n 
A 1 65 GLU 65 65  65  GLU GLU A . n 
A 1 66 ILE 66 66  66  ILE ILE A . n 
A 1 67 CYS 67 67  67  CYS CYS A . n 
A 1 68 GLY 68 68  68  GLY GLY A . n 
A 1 69 HIS 69 69  69  HIS HIS A . n 
A 1 70 LYS 70 70  70  LYS LYS A . n 
A 1 71 VAL 71 71  71  VAL VAL A . n 
A 1 72 ILE 72 72  72  ILE ILE A . n 
A 1 73 GLY 73 73  73  GLY GLY A . n 
A 1 74 THR 74 74  74  THR THR A . n 
A 1 75 VAL 75 75  75  VAL VAL A . n 
A 1 76 LEU 76 76  76  LEU LEU A . n 
A 1 77 VAL 77 77  77  VAL VAL A . n 
A 1 78 GLY 78 78  78  GLY GLY A . n 
A 1 79 PRO 79 79  79  PRO PRO A . n 
A 1 80 THR 80 80  80  THR THR A . n 
A 1 81 PRO 81 81  81  PRO PRO A . n 
A 1 82 THR 82 82  82  THR THR A . n 
A 1 83 ASN 83 83  83  ASN ASN A . n 
A 1 84 ILE 84 84  84  ILE ILE A . n 
A 1 85 ILE 85 85  85  ILE ILE A . n 
A 1 86 GLY 86 86  86  GLY GLY A . n 
A 1 87 ARG 87 87  87  ARG ARG A . n 
A 1 88 ASN 88 88  88  ASN ASN A . n 
A 1 89 LEU 89 89  89  LEU LEU A . n 
A 1 90 LEU 90 90  90  LEU LEU A . n 
A 1 91 THR 91 91  91  THR THR A . n 
A 1 92 GLN 92 92  92  GLN GLN A . n 
A 1 93 ILE 93 93  93  ILE ILE A . n 
A 1 94 GLY 94 94  94  GLY GLY A . n 
A 1 95 CYS 95 95  95  CYS CYS A . n 
A 1 96 THR 96 96  96  THR THR A . n 
A 1 97 LEU 97 97  97  LEU LEU A . n 
A 1 98 ASN 98 98  98  ASN ASN A . n 
A 1 99 PHE 99 99  99  PHE PHE A . n 
B 1 1  PRO 1  201 201 PRO PRO B . n 
B 1 2  GLN 2  202 202 GLN GLN B . n 
B 1 3  ILE 3  203 203 ILE ILE B . n 
B 1 4  THR 4  204 204 THR THR B . n 
B 1 5  LEU 5  205 205 LEU LEU B . n 
B 1 6  TRP 6  206 206 TRP TRP B . n 
B 1 7  GLN 7  207 207 GLN GLN B . n 
B 1 8  ARG 8  208 208 ARG ARG B . n 
B 1 9  PRO 9  209 209 PRO PRO B . n 
B 1 10 VAL 10 210 210 VAL VAL B . n 
B 1 11 VAL 11 211 211 VAL VAL B . n 
B 1 12 THR 12 212 212 THR THR B . n 
B 1 13 ILE 13 213 213 ILE ILE B . n 
B 1 14 LYS 14 214 214 LYS LYS B . n 
B 1 15 ILE 15 215 215 ILE ILE B . n 
B 1 16 GLY 16 216 216 GLY GLY B . n 
B 1 17 GLY 17 217 217 GLY GLY B . n 
B 1 18 GLN 18 218 218 GLN GLN B . n 
B 1 19 LEU 19 219 219 LEU LEU B . n 
B 1 20 MET 20 220 220 MET MET B . n 
B 1 21 GLU 21 221 221 GLU GLU B . n 
B 1 22 ALA 22 222 222 ALA ALA B . n 
B 1 23 LEU 23 223 223 LEU LEU B . n 
B 1 24 ILE 24 224 224 ILE ILE B . n 
B 1 25 ASP 25 225 225 ASP ASP B . n 
B 1 26 THR 26 226 226 THR THR B . n 
B 1 27 GLY 27 227 227 GLY GLY B . n 
B 1 28 ALA 28 228 228 ALA ALA B . n 
B 1 29 ASP 29 229 229 ASP ASP B . n 
B 1 30 ASP 30 230 230 ASP ASP B . n 
B 1 31 THR 31 231 231 THR THR B . n 
B 1 32 VAL 32 232 232 VAL VAL B . n 
B 1 33 LEU 33 233 233 LEU LEU B . n 
B 1 34 GLU 34 234 234 GLU GLU B . n 
B 1 35 GLU 35 235 235 GLU GLU B . n 
B 1 36 MET 36 236 236 MET MET B . n 
B 1 37 ASP 37 237 237 ASP ASP B . n 
B 1 38 LEU 38 238 238 LEU LEU B . n 
B 1 39 PRO 39 239 239 PRO PRO B . n 
B 1 40 GLY 40 240 240 GLY GLY B . n 
B 1 41 ARG 41 241 241 ARG ARG B . n 
B 1 42 TRP 42 242 242 TRP TRP B . n 
B 1 43 LYS 43 243 243 LYS LYS B . n 
B 1 44 PRO 44 244 244 PRO PRO B . n 
B 1 45 LYS 45 245 245 LYS LYS B . n 
B 1 46 ILE 46 246 246 ILE ILE B . n 
B 1 47 ILE 47 247 247 ILE ILE B . n 
B 1 48 GLY 48 248 248 GLY GLY B . n 
B 1 49 GLY 49 249 249 GLY GLY B . n 
B 1 50 ILE 50 250 250 ILE ILE B . n 
B 1 51 GLY 51 251 251 GLY GLY B . n 
B 1 52 GLY 52 252 252 GLY GLY B . n 
B 1 53 PHE 53 253 253 PHE PHE B . n 
B 1 54 VAL 54 254 254 VAL VAL B . n 
B 1 55 LYS 55 255 255 LYS LYS B . n 
B 1 56 VAL 56 256 256 VAL VAL B . n 
B 1 57 ARG 57 257 257 ARG ARG B . n 
B 1 58 GLN 58 258 258 GLN GLN B . n 
B 1 59 TYR 59 259 259 TYR TYR B . n 
B 1 60 ASP 60 260 260 ASP ASP B . n 
B 1 61 GLN 61 261 261 GLN GLN B . n 
B 1 62 ILE 62 262 262 ILE ILE B . n 
B 1 63 PRO 63 263 263 PRO PRO B . n 
B 1 64 ILE 64 264 264 ILE ILE B . n 
B 1 65 GLU 65 265 265 GLU GLU B . n 
B 1 66 ILE 66 266 266 ILE ILE B . n 
B 1 67 CYS 67 267 267 CYS CYS B . n 
B 1 68 GLY 68 268 268 GLY GLY B . n 
B 1 69 HIS 69 269 269 HIS HIS B . n 
B 1 70 LYS 70 270 270 LYS LYS B . n 
B 1 71 VAL 71 271 271 VAL VAL B . n 
B 1 72 ILE 72 272 272 ILE ILE B . n 
B 1 73 GLY 73 273 273 GLY GLY B . n 
B 1 74 THR 74 274 274 THR THR B . n 
B 1 75 VAL 75 275 275 VAL VAL B . n 
B 1 76 LEU 76 276 276 LEU LEU B . n 
B 1 77 VAL 77 277 277 VAL VAL B . n 
B 1 78 GLY 78 278 278 GLY GLY B . n 
B 1 79 PRO 79 279 279 PRO PRO B . n 
B 1 80 THR 80 280 280 THR THR B . n 
B 1 81 PRO 81 281 281 PRO PRO B . n 
B 1 82 THR 82 282 282 THR THR B . n 
B 1 83 ASN 83 283 283 ASN ASN B . n 
B 1 84 ILE 84 284 284 ILE ILE B . n 
B 1 85 ILE 85 285 285 ILE ILE B . n 
B 1 86 GLY 86 286 286 GLY GLY B . n 
B 1 87 ARG 87 287 287 ARG ARG B . n 
B 1 88 ASN 88 288 288 ASN ASN B . n 
B 1 89 LEU 89 289 289 LEU LEU B . n 
B 1 90 LEU 90 290 290 LEU LEU B . n 
B 1 91 THR 91 291 291 THR THR B . n 
B 1 92 GLN 92 292 292 GLN GLN B . n 
B 1 93 ILE 93 293 293 ILE ILE B . n 
B 1 94 GLY 94 294 294 GLY GLY B . n 
B 1 95 CYS 95 295 295 CYS CYS B . n 
B 1 96 THR 96 296 296 THR THR B . n 
B 1 97 LEU 97 297 297 LEU LEU B . n 
B 1 98 ASN 98 298 298 ASN ASN B . n 
B 1 99 PHE 99 299 299 PHE PHE B . n 
# 
loop_
_pdbx_nonpoly_scheme.asym_id 
_pdbx_nonpoly_scheme.entity_id 
_pdbx_nonpoly_scheme.mon_id 
_pdbx_nonpoly_scheme.ndb_seq_num 
_pdbx_nonpoly_scheme.pdb_seq_num 
_pdbx_nonpoly_scheme.auth_seq_num 
_pdbx_nonpoly_scheme.pdb_mon_id 
_pdbx_nonpoly_scheme.auth_mon_id 
_pdbx_nonpoly_scheme.pdb_strand_id 
_pdbx_nonpoly_scheme.pdb_ins_code 
C 2 ROC 1  505 505 ROC ROC B . 
D 3 HOH 1  302 302 HOH HOH A . 
D 3 HOH 2  306 306 HOH HOH A . 
D 3 HOH 3  310 310 HOH HOH A . 
D 3 HOH 4  311 311 HOH HOH A . 
D 3 HOH 5  315 315 HOH HOH A . 
D 3 HOH 6  316 316 HOH HOH A . 
D 3 HOH 7  317 317 HOH HOH A . 
D 3 HOH 8  319 319 HOH HOH A . 
D 3 HOH 9  320 320 HOH HOH A . 
D 3 HOH 10 321 321 HOH HOH A . 
D 3 HOH 11 322 322 HOH HOH A . 
D 3 HOH 12 323 323 HOH HOH A . 
D 3 HOH 13 326 326 HOH HOH A . 
D 3 HOH 14 327 327 HOH HOH A . 
D 3 HOH 15 329 329 HOH HOH A . 
D 3 HOH 16 331 331 HOH HOH A . 
D 3 HOH 17 333 333 HOH HOH A . 
D 3 HOH 18 335 335 HOH HOH A . 
D 3 HOH 19 336 336 HOH HOH A . 
D 3 HOH 20 337 337 HOH HOH A . 
D 3 HOH 21 339 339 HOH HOH A . 
D 3 HOH 22 342 342 HOH HOH A . 
D 3 HOH 23 345 345 HOH HOH A . 
D 3 HOH 24 349 349 HOH HOH A . 
D 3 HOH 25 350 350 HOH HOH A . 
D 3 HOH 26 351 351 HOH HOH A . 
D 3 HOH 27 352 352 HOH HOH A . 
D 3 HOH 28 353 353 HOH HOH A . 
D 3 HOH 29 356 356 HOH HOH A . 
D 3 HOH 30 357 357 HOH HOH A . 
D 3 HOH 31 360 360 HOH HOH A . 
D 3 HOH 32 361 361 HOH HOH A . 
D 3 HOH 33 362 362 HOH HOH A . 
D 3 HOH 34 364 364 HOH HOH A . 
D 3 HOH 35 365 365 HOH HOH A . 
D 3 HOH 36 366 366 HOH HOH A . 
D 3 HOH 37 367 367 HOH HOH A . 
D 3 HOH 38 370 370 HOH HOH A . 
D 3 HOH 39 371 371 HOH HOH A . 
D 3 HOH 40 372 372 HOH HOH A . 
E 3 HOH 1  300 300 HOH HOH B . 
E 3 HOH 2  301 301 HOH HOH B . 
E 3 HOH 3  303 303 HOH HOH B . 
E 3 HOH 4  304 304 HOH HOH B . 
E 3 HOH 5  305 305 HOH HOH B . 
E 3 HOH 6  307 307 HOH HOH B . 
E 3 HOH 7  308 308 HOH HOH B . 
E 3 HOH 8  309 309 HOH HOH B . 
E 3 HOH 9  312 312 HOH HOH B . 
E 3 HOH 10 313 313 HOH HOH B . 
E 3 HOH 11 314 314 HOH HOH B . 
E 3 HOH 12 318 318 HOH HOH B . 
E 3 HOH 13 324 324 HOH HOH B . 
E 3 HOH 14 325 325 HOH HOH B . 
E 3 HOH 15 328 328 HOH HOH B . 
E 3 HOH 16 330 330 HOH HOH B . 
E 3 HOH 17 332 332 HOH HOH B . 
E 3 HOH 18 334 334 HOH HOH B . 
E 3 HOH 19 338 338 HOH HOH B . 
E 3 HOH 20 340 340 HOH HOH B . 
E 3 HOH 21 341 341 HOH HOH B . 
E 3 HOH 22 343 343 HOH HOH B . 
E 3 HOH 23 344 344 HOH HOH B . 
E 3 HOH 24 346 346 HOH HOH B . 
E 3 HOH 25 347 347 HOH HOH B . 
E 3 HOH 26 348 348 HOH HOH B . 
E 3 HOH 27 354 354 HOH HOH B . 
E 3 HOH 28 355 355 HOH HOH B . 
E 3 HOH 29 358 358 HOH HOH B . 
E 3 HOH 30 359 359 HOH HOH B . 
E 3 HOH 31 363 363 HOH HOH B . 
E 3 HOH 32 368 368 HOH HOH B . 
E 3 HOH 33 369 369 HOH HOH B . 
E 3 HOH 34 373 373 HOH HOH B . 
E 3 HOH 35 374 374 HOH HOH B . 
E 3 HOH 36 375 375 HOH HOH B . 
# 
_software.name             X-PLOR 
_software.classification   refinement 
_software.version          . 
_software.citation_id      ? 
_software.pdbx_ordinal     1 
# 
_cell.entry_id           1C6Z 
_cell.length_a           88.13 
_cell.length_b           88.14 
_cell.length_c           32.99 
_cell.angle_alpha        90.00 
_cell.angle_beta         90.00 
_cell.angle_gamma        90.00 
_cell.Z_PDB              8 
_cell.pdbx_unique_axis   ? 
# 
_symmetry.entry_id                         1C6Z 
_symmetry.space_group_name_H-M             'P 21 21 21' 
_symmetry.pdbx_full_space_group_name_H-M   ? 
_symmetry.cell_setting                     ? 
_symmetry.Int_Tables_number                19 
# 
_exptl.entry_id          1C6Z 
_exptl.method            'X-RAY DIFFRACTION' 
_exptl.crystals_number   ? 
# 
_exptl_crystal.id                    1 
_exptl_crystal.density_meas          ? 
_exptl_crystal.density_Matthews      2.96 
_exptl_crystal.density_percent_sol   58.50 
_exptl_crystal.description           ? 
# 
_exptl_crystal_grow.crystal_id      1 
_exptl_crystal_grow.method          ? 
_exptl_crystal_grow.temp            ? 
_exptl_crystal_grow.temp_details    ? 
_exptl_crystal_grow.pH              ? 
_exptl_crystal_grow.pdbx_details    
;CRYSTALS OBTAINED BY CO-CRYSTALLIZATION AT PH 5.2, USING 0.6M NaCl AS PRECIPITATING AGENT IN 0.1M SODIUM ACETATE BUFFER. PROTEIN WAS AT 5.5 MG/ML CONCENTRATION.
;
_exptl_crystal_grow.pdbx_pH_range   ? 
# 
_diffrn.id                     1 
_diffrn.crystal_id             1 
_diffrn.ambient_temp           ? 
_diffrn.ambient_temp_details   ? 
# 
_diffrn_radiation.diffrn_id                        1 
_diffrn_radiation.wavelength_id                    1 
_diffrn_radiation.pdbx_monochromatic_or_laue_m_l   M 
_diffrn_radiation.monochromator                    ? 
_diffrn_radiation.pdbx_diffrn_protocol             'SINGLE WAVELENGTH' 
_diffrn_radiation.pdbx_scattering_type             x-ray 
# 
_diffrn_radiation_wavelength.id           1 
_diffrn_radiation_wavelength.wavelength   . 
_diffrn_radiation_wavelength.wt           1.0 
# 
_reflns.entry_id                     1C6Z 
_reflns.observed_criterion_sigma_I   ? 
_reflns.observed_criterion_sigma_F   ? 
_reflns.d_resolution_low             ? 
_reflns.d_resolution_high            ? 
_reflns.number_obs                   7717 
_reflns.number_all                   41654 
_reflns.percent_possible_obs         82.0 
_reflns.pdbx_Rmerge_I_obs            0.0620000 
_reflns.pdbx_Rsym_value              ? 
_reflns.pdbx_netI_over_sigmaI        ? 
_reflns.B_iso_Wilson_estimate        ? 
_reflns.pdbx_redundancy              ? 
_reflns.R_free_details               ? 
_reflns.limit_h_max                  ? 
_reflns.limit_h_min                  ? 
_reflns.limit_k_max                  ? 
_reflns.limit_k_min                  ? 
_reflns.limit_l_max                  ? 
_reflns.limit_l_min                  ? 
_reflns.observed_criterion_F_max     ? 
_reflns.observed_criterion_F_min     ? 
_reflns.pdbx_ordinal                 1 
_reflns.pdbx_diffrn_id               1 
# 
_reflns_shell.d_res_high             2.5 
_reflns_shell.d_res_low              2.59 
_reflns_shell.percent_possible_all   73.0 
_reflns_shell.Rmerge_I_obs           ? 
_reflns_shell.pdbx_Rsym_value        ? 
_reflns_shell.meanI_over_sigI_obs    ? 
_reflns_shell.pdbx_redundancy        ? 
_reflns_shell.percent_possible_obs   ? 
_reflns_shell.number_unique_all      ? 
_reflns_shell.pdbx_ordinal           1 
_reflns_shell.pdbx_diffrn_id         1 
# 
_refine.entry_id                                 1C6Z 
_refine.ls_number_reflns_obs                     ? 
_refine.ls_number_reflns_all                     ? 
_refine.pdbx_ls_sigma_I                          ? 
_refine.pdbx_ls_sigma_F                          2.0 
_refine.pdbx_data_cutoff_high_absF               ? 
_refine.pdbx_data_cutoff_low_absF                ? 
_refine.pdbx_data_cutoff_high_rms_absF           ? 
_refine.ls_d_res_low                             8.0 
_refine.ls_d_res_high                            2.5 
_refine.ls_percent_reflns_obs                    ? 
_refine.ls_R_factor_obs                          0.1800000 
_refine.ls_R_factor_all                          ? 
_refine.ls_R_factor_R_work                       0.1800000 
_refine.ls_R_factor_R_free                       0.2900000 
_refine.ls_R_factor_R_free_error                 ? 
_refine.ls_R_factor_R_free_error_details         ? 
_refine.ls_percent_reflns_R_free                 ? 
_refine.ls_number_reflns_R_free                  ? 
_refine.ls_number_parameters                     ? 
_refine.ls_number_restraints                     ? 
_refine.occupancy_min                            ? 
_refine.occupancy_max                            ? 
_refine.B_iso_mean                               ? 
_refine.aniso_B[1][1]                            ? 
_refine.aniso_B[2][2]                            ? 
_refine.aniso_B[3][3]                            ? 
_refine.aniso_B[1][2]                            ? 
_refine.aniso_B[1][3]                            ? 
_refine.aniso_B[2][3]                            ? 
_refine.solvent_model_details                    ? 
_refine.solvent_model_param_ksol                 ? 
_refine.solvent_model_param_bsol                 ? 
_refine.pdbx_ls_cross_valid_method               ? 
_refine.details                                  ? 
_refine.pdbx_starting_model                      ? 
_refine.pdbx_method_to_determine_struct          ? 
_refine.pdbx_isotropic_thermal_model             ? 
_refine.pdbx_stereochemistry_target_values       ? 
_refine.pdbx_stereochem_target_val_spec_case     ? 
_refine.pdbx_R_Free_selection_details            ? 
_refine.pdbx_overall_ESU_R                       ? 
_refine.pdbx_overall_ESU_R_Free                  ? 
_refine.overall_SU_ML                            ? 
_refine.overall_SU_B                             ? 
_refine.ls_redundancy_reflns_obs                 ? 
_refine.B_iso_min                                ? 
_refine.B_iso_max                                ? 
_refine.correlation_coeff_Fo_to_Fc               ? 
_refine.correlation_coeff_Fo_to_Fc_free          ? 
_refine.overall_SU_R_Cruickshank_DPI             ? 
_refine.overall_SU_R_free                        ? 
_refine.pdbx_refine_id                           'X-RAY DIFFRACTION' 
_refine.pdbx_diffrn_id                           1 
_refine.pdbx_TLS_residual_ADP_flag               ? 
_refine.pdbx_solvent_vdw_probe_radii             ? 
_refine.pdbx_solvent_ion_probe_radii             ? 
_refine.pdbx_solvent_shrinkage_radii             ? 
_refine.pdbx_overall_phase_error                 ? 
_refine.pdbx_overall_SU_R_free_Cruickshank_DPI   ? 
_refine.pdbx_overall_SU_R_Blow_DPI               ? 
_refine.pdbx_overall_SU_R_free_Blow_DPI          ? 
# 
_refine_hist.pdbx_refine_id                   'X-RAY DIFFRACTION' 
_refine_hist.cycle_id                         LAST 
_refine_hist.pdbx_number_atoms_protein        1514 
_refine_hist.pdbx_number_atoms_nucleic_acid   0 
_refine_hist.pdbx_number_atoms_ligand         49 
_refine_hist.number_atoms_solvent             76 
_refine_hist.number_atoms_total               1639 
_refine_hist.d_res_high                       2.5 
_refine_hist.d_res_low                        8.0 
# 
loop_
_refine_ls_restr.type 
_refine_ls_restr.dev_ideal 
_refine_ls_restr.dev_ideal_target 
_refine_ls_restr.weight 
_refine_ls_restr.number 
_refine_ls_restr.pdbx_refine_id 
_refine_ls_restr.pdbx_restraint_function 
x_bond_d                0.017 ? ? ? 'X-RAY DIFFRACTION' ? 
x_bond_d_na             ?     ? ? ? 'X-RAY DIFFRACTION' ? 
x_bond_d_prot           ?     ? ? ? 'X-RAY DIFFRACTION' ? 
x_angle_d               ?     ? ? ? 'X-RAY DIFFRACTION' ? 
x_angle_d_na            ?     ? ? ? 'X-RAY DIFFRACTION' ? 
x_angle_d_prot          ?     ? ? ? 'X-RAY DIFFRACTION' ? 
x_angle_deg             2.5   ? ? ? 'X-RAY DIFFRACTION' ? 
x_angle_deg_na          ?     ? ? ? 'X-RAY DIFFRACTION' ? 
x_angle_deg_prot        ?     ? ? ? 'X-RAY DIFFRACTION' ? 
x_dihedral_angle_d      ?     ? ? ? 'X-RAY DIFFRACTION' ? 
x_dihedral_angle_d_na   ?     ? ? ? 'X-RAY DIFFRACTION' ? 
x_dihedral_angle_d_prot ?     ? ? ? 'X-RAY DIFFRACTION' ? 
x_improper_angle_d      ?     ? ? ? 'X-RAY DIFFRACTION' ? 
x_improper_angle_d_na   ?     ? ? ? 'X-RAY DIFFRACTION' ? 
x_improper_angle_d_prot ?     ? ? ? 'X-RAY DIFFRACTION' ? 
x_mcbond_it             ?     ? ? ? 'X-RAY DIFFRACTION' ? 
x_mcangle_it            ?     ? ? ? 'X-RAY DIFFRACTION' ? 
x_scbond_it             ?     ? ? ? 'X-RAY DIFFRACTION' ? 
x_scangle_it            ?     ? ? ? 'X-RAY DIFFRACTION' ? 
# 
_struct.entry_id                  1C6Z 
_struct.title                     
;ALTERNATE BINDING SITE FOR THE P1-P3 GROUP OF A CLASS OF POTENT HIV-1 PROTEASE INHIBITORS AS A RESULT OF CONCERTED STRUCTURAL CHANGE IN 80'S LOOP.
;
_struct.pdbx_model_details        ? 
_struct.pdbx_CASP_flag            ? 
_struct.pdbx_model_type_details   ? 
# 
_struct_keywords.entry_id        1C6Z 
_struct_keywords.pdbx_keywords   'HYDROLASE/HYDROLASE INHIBITOR' 
_struct_keywords.text            'hydrolase-hydrolase inhibitor complex' 
# 
loop_
_struct_asym.id 
_struct_asym.pdbx_blank_PDB_chainid_flag 
_struct_asym.pdbx_modified 
_struct_asym.entity_id 
_struct_asym.details 
A N N 1 ? 
B N N 1 ? 
C N N 2 ? 
D N N 3 ? 
E N N 3 ? 
# 
_struct_ref.id                         1 
_struct_ref.db_code                    O09893_9HIV1 
_struct_ref.db_name                    UNP 
_struct_ref.entity_id                  1 
_struct_ref.pdbx_db_accession          O09893 
_struct_ref.pdbx_align_begin           ? 
_struct_ref.pdbx_seq_one_letter_code   ? 
_struct_ref.pdbx_db_isoform            ? 
# 
loop_
_struct_ref_seq.align_id 
_struct_ref_seq.ref_id 
_struct_ref_seq.pdbx_PDB_id_code 
_struct_ref_seq.pdbx_strand_id 
_struct_ref_seq.seq_align_beg 
_struct_ref_seq.pdbx_seq_align_beg_ins_code 
_struct_ref_seq.seq_align_end 
_struct_ref_seq.pdbx_seq_align_end_ins_code 
_struct_ref_seq.pdbx_db_accession 
_struct_ref_seq.db_align_beg 
_struct_ref_seq.pdbx_db_align_beg_ins_code 
_struct_ref_seq.db_align_end 
_struct_ref_seq.pdbx_db_align_end_ins_code 
_struct_ref_seq.pdbx_auth_seq_align_beg 
_struct_ref_seq.pdbx_auth_seq_align_end 
1 1 1C6Z A 1 ? 99 ? O09893 1 ? 99 ? 1   99  
2 1 1C6Z B 1 ? 99 ? O09893 1 ? 99 ? 201 299 
# 
_pdbx_struct_assembly.id                   1 
_pdbx_struct_assembly.details              author_and_software_defined_assembly 
_pdbx_struct_assembly.method_details       PISA 
_pdbx_struct_assembly.oligomeric_details   dimeric 
_pdbx_struct_assembly.oligomeric_count     2 
# 
loop_
_pdbx_struct_assembly_prop.biol_id 
_pdbx_struct_assembly_prop.type 
_pdbx_struct_assembly_prop.value 
_pdbx_struct_assembly_prop.details 
1 'ABSA (A^2)' 5170 ? 
1 MORE         -29  ? 
1 'SSA (A^2)'  9200 ? 
# 
_pdbx_struct_assembly_gen.assembly_id       1 
_pdbx_struct_assembly_gen.oper_expression   1 
_pdbx_struct_assembly_gen.asym_id_list      A,B,C,D,E 
# 
_pdbx_struct_oper_list.id                   1 
_pdbx_struct_oper_list.type                 'identity operation' 
_pdbx_struct_oper_list.name                 1_555 
_pdbx_struct_oper_list.symmetry_operation   x,y,z 
_pdbx_struct_oper_list.matrix[1][1]         1.0000000000 
_pdbx_struct_oper_list.matrix[1][2]         0.0000000000 
_pdbx_struct_oper_list.matrix[1][3]         0.0000000000 
_pdbx_struct_oper_list.vector[1]            0.0000000000 
_pdbx_struct_oper_list.matrix[2][1]         0.0000000000 
_pdbx_struct_oper_list.matrix[2][2]         1.0000000000 
_pdbx_struct_oper_list.matrix[2][3]         0.0000000000 
_pdbx_struct_oper_list.vector[2]            0.0000000000 
_pdbx_struct_oper_list.matrix[3][1]         0.0000000000 
_pdbx_struct_oper_list.matrix[3][2]         0.0000000000 
_pdbx_struct_oper_list.matrix[3][3]         1.0000000000 
_pdbx_struct_oper_list.vector[3]            0.0000000000 
# 
_struct_biol.id                    1 
_struct_biol.pdbx_parent_biol_id   ? 
_struct_biol.details               ? 
# 
loop_
_struct_conf.conf_type_id 
_struct_conf.id 
_struct_conf.pdbx_PDB_helix_id 
_struct_conf.beg_label_comp_id 
_struct_conf.beg_label_asym_id 
_struct_conf.beg_label_seq_id 
_struct_conf.pdbx_beg_PDB_ins_code 
_struct_conf.end_label_comp_id 
_struct_conf.end_label_asym_id 
_struct_conf.end_label_seq_id 
_struct_conf.pdbx_end_PDB_ins_code 
_struct_conf.beg_auth_comp_id 
_struct_conf.beg_auth_asym_id 
_struct_conf.beg_auth_seq_id 
_struct_conf.end_auth_comp_id 
_struct_conf.end_auth_asym_id 
_struct_conf.end_auth_seq_id 
_struct_conf.pdbx_PDB_helix_class 
_struct_conf.details 
_struct_conf.pdbx_PDB_helix_length 
HELX_P HELX_P1 1 GLY A 86 ? THR A 91 ? GLY A 86 THR A 91 1 ? 6 
HELX_P HELX_P2 2 GLN A 92 ? GLY A 94 ? GLN A 92 GLY A 94 5 ? 3 
# 
_struct_conf_type.id          HELX_P 
_struct_conf_type.criteria    ? 
_struct_conf_type.reference   ? 
# 
loop_
_struct_sheet.id 
_struct_sheet.type 
_struct_sheet.number_strands 
_struct_sheet.details 
A ? 4 ? 
B ? 3 ? 
C ? 4 ? 
D ? 8 ? 
# 
loop_
_struct_sheet_order.sheet_id 
_struct_sheet_order.range_id_1 
_struct_sheet_order.range_id_2 
_struct_sheet_order.offset 
_struct_sheet_order.sense 
A 1 2 ? anti-parallel 
A 2 3 ? anti-parallel 
A 3 4 ? anti-parallel 
B 1 2 ? anti-parallel 
B 2 3 ? parallel      
C 1 2 ? parallel      
C 2 3 ? anti-parallel 
C 3 4 ? anti-parallel 
D 1 2 ? anti-parallel 
D 2 3 ? anti-parallel 
D 3 4 ? parallel      
D 4 5 ? anti-parallel 
D 5 6 ? parallel      
D 6 7 ? anti-parallel 
D 7 8 ? anti-parallel 
# 
loop_
_struct_sheet_range.sheet_id 
_struct_sheet_range.id 
_struct_sheet_range.beg_label_comp_id 
_struct_sheet_range.beg_label_asym_id 
_struct_sheet_range.beg_label_seq_id 
_struct_sheet_range.pdbx_beg_PDB_ins_code 
_struct_sheet_range.end_label_comp_id 
_struct_sheet_range.end_label_asym_id 
_struct_sheet_range.end_label_seq_id 
_struct_sheet_range.pdbx_end_PDB_ins_code 
_struct_sheet_range.beg_auth_comp_id 
_struct_sheet_range.beg_auth_asym_id 
_struct_sheet_range.beg_auth_seq_id 
_struct_sheet_range.end_auth_comp_id 
_struct_sheet_range.end_auth_asym_id 
_struct_sheet_range.end_auth_seq_id 
A 1 GLN A 2  ? THR A 4  ? GLN A 2   THR A 4   
A 2 THR B 96 ? ASN B 98 ? THR B 296 ASN B 298 
A 3 THR A 96 ? ASN A 98 ? THR A 96  ASN A 98  
A 4 GLN B 2  ? THR B 4  ? GLN B 202 THR B 204 
B 1 VAL A 10 ? ILE A 15 ? VAL A 10  ILE A 15  
B 2 GLN A 18 ? ILE A 24 ? GLN A 18  ILE A 24  
B 3 ILE A 84 ? ILE A 85 ? ILE A 84  ILE A 85  
C 1 VAL A 32 ? LEU A 33 ? VAL A 32  LEU A 33  
C 2 HIS A 69 ? VAL A 77 ? HIS A 69  VAL A 77  
C 3 GLY A 52 ? ILE A 66 ? GLY A 52  ILE A 66  
C 4 LYS A 43 ? GLY A 49 ? LYS A 43  GLY A 49  
D 1 PRO B 44 ? GLY B 49 ? PRO B 244 GLY B 249 
D 2 GLY B 52 ? ILE B 66 ? GLY B 252 ILE B 266 
D 3 HIS B 69 ? GLY B 78 ? HIS B 269 GLY B 278 
D 4 THR B 31 ? GLU B 34 ? THR B 231 GLU B 234 
D 5 ILE B 84 ? ILE B 85 ? ILE B 284 ILE B 285 
D 6 GLN B 18 ? ILE B 24 ? GLN B 218 ILE B 224 
D 7 VAL B 10 ? ILE B 15 ? VAL B 210 ILE B 215 
D 8 GLY B 52 ? ILE B 66 ? GLY B 252 ILE B 266 
# 
loop_
_pdbx_struct_sheet_hbond.sheet_id 
_pdbx_struct_sheet_hbond.range_id_1 
_pdbx_struct_sheet_hbond.range_id_2 
_pdbx_struct_sheet_hbond.range_1_label_atom_id 
_pdbx_struct_sheet_hbond.range_1_label_comp_id 
_pdbx_struct_sheet_hbond.range_1_label_asym_id 
_pdbx_struct_sheet_hbond.range_1_label_seq_id 
_pdbx_struct_sheet_hbond.range_1_PDB_ins_code 
_pdbx_struct_sheet_hbond.range_1_auth_atom_id 
_pdbx_struct_sheet_hbond.range_1_auth_comp_id 
_pdbx_struct_sheet_hbond.range_1_auth_asym_id 
_pdbx_struct_sheet_hbond.range_1_auth_seq_id 
_pdbx_struct_sheet_hbond.range_2_label_atom_id 
_pdbx_struct_sheet_hbond.range_2_label_comp_id 
_pdbx_struct_sheet_hbond.range_2_label_asym_id 
_pdbx_struct_sheet_hbond.range_2_label_seq_id 
_pdbx_struct_sheet_hbond.range_2_PDB_ins_code 
_pdbx_struct_sheet_hbond.range_2_auth_atom_id 
_pdbx_struct_sheet_hbond.range_2_auth_comp_id 
_pdbx_struct_sheet_hbond.range_2_auth_asym_id 
_pdbx_struct_sheet_hbond.range_2_auth_seq_id 
A 1 2 N ILE A 3  ? N ILE A 3   O LEU B 97 ? O LEU B 297 
A 2 3 O ASN B 98 ? O ASN B 298 N THR A 96 ? N THR A 96  
A 3 4 O LEU A 97 ? O LEU A 97  N ILE B 3  ? N ILE B 203 
B 1 2 N ILE A 15 ? N ILE A 15  O GLN A 18 ? O GLN A 18  
B 2 3 O LEU A 23 ? O LEU A 23  N ILE A 85 ? N ILE A 85  
C 1 2 N LEU A 33 ? N LEU A 33  O LEU A 76 ? O LEU A 76  
C 2 3 O VAL A 77 ? O VAL A 77  N ARG A 57 ? N ARG A 57  
C 3 4 N GLN A 58 ? N GLN A 58  O LYS A 43 ? O LYS A 43  
D 1 2 N GLY B 49 ? N GLY B 249 O GLY B 52 ? O GLY B 252 
D 2 3 O ILE B 66 ? O ILE B 266 N HIS B 69 ? N HIS B 269 
D 3 4 N LEU B 76 ? N LEU B 276 O THR B 31 ? O THR B 231 
D 4 5 O VAL B 32 ? O VAL B 232 N ILE B 84 ? N ILE B 284 
D 5 6 N ILE B 85 ? N ILE B 285 O LEU B 23 ? O LEU B 223 
D 6 7 N ALA B 22 ? N ALA B 222 O VAL B 11 ? O VAL B 211 
D 7 8 O LYS B 14 ? O LYS B 214 N GLU B 65 ? N GLU B 265 
# 
_struct_site.id                   AC1 
_struct_site.pdbx_evidence_code   Software 
_struct_site.pdbx_auth_asym_id    B 
_struct_site.pdbx_auth_comp_id    ROC 
_struct_site.pdbx_auth_seq_id     505 
_struct_site.pdbx_auth_ins_code   ? 
_struct_site.pdbx_num_residues    22 
_struct_site.details              'BINDING SITE FOR RESIDUE ROC B 505' 
# 
loop_
_struct_site_gen.id 
_struct_site_gen.site_id 
_struct_site_gen.pdbx_num_res 
_struct_site_gen.label_comp_id 
_struct_site_gen.label_asym_id 
_struct_site_gen.label_seq_id 
_struct_site_gen.pdbx_auth_ins_code 
_struct_site_gen.auth_comp_id 
_struct_site_gen.auth_asym_id 
_struct_site_gen.auth_seq_id 
_struct_site_gen.label_atom_id 
_struct_site_gen.label_alt_id 
_struct_site_gen.symmetry 
_struct_site_gen.details 
1  AC1 22 ASP A 25 ? ASP A 25  . ? 1_555 ? 
2  AC1 22 GLY A 27 ? GLY A 27  . ? 1_555 ? 
3  AC1 22 ALA A 28 ? ALA A 28  . ? 1_555 ? 
4  AC1 22 ASP A 29 ? ASP A 29  . ? 1_555 ? 
5  AC1 22 ASP A 30 ? ASP A 30  . ? 1_555 ? 
6  AC1 22 GLY A 48 ? GLY A 48  . ? 1_555 ? 
7  AC1 22 GLY A 49 ? GLY A 49  . ? 1_555 ? 
8  AC1 22 ILE A 50 ? ILE A 50  . ? 1_555 ? 
9  AC1 22 PRO A 81 ? PRO A 81  . ? 1_555 ? 
10 AC1 22 THR A 82 ? THR A 82  . ? 1_555 ? 
11 AC1 22 ARG B 8  ? ARG B 208 . ? 1_555 ? 
12 AC1 22 ASP B 25 ? ASP B 225 . ? 1_555 ? 
13 AC1 22 GLY B 27 ? GLY B 227 . ? 1_555 ? 
14 AC1 22 ALA B 28 ? ALA B 228 . ? 1_555 ? 
15 AC1 22 ASP B 29 ? ASP B 229 . ? 1_555 ? 
16 AC1 22 ASP B 30 ? ASP B 230 . ? 1_555 ? 
17 AC1 22 ILE B 47 ? ILE B 247 . ? 1_555 ? 
18 AC1 22 GLY B 48 ? GLY B 248 . ? 1_555 ? 
19 AC1 22 GLY B 49 ? GLY B 249 . ? 1_555 ? 
20 AC1 22 PRO B 81 ? PRO B 281 . ? 1_555 ? 
21 AC1 22 ILE B 84 ? ILE B 284 . ? 1_555 ? 
22 AC1 22 HOH E .  ? HOH B 301 . ? 1_555 ? 
# 
loop_
_pdbx_validate_close_contact.id 
_pdbx_validate_close_contact.PDB_model_num 
_pdbx_validate_close_contact.auth_atom_id_1 
_pdbx_validate_close_contact.auth_asym_id_1 
_pdbx_validate_close_contact.auth_comp_id_1 
_pdbx_validate_close_contact.auth_seq_id_1 
_pdbx_validate_close_contact.PDB_ins_code_1 
_pdbx_validate_close_contact.label_alt_id_1 
_pdbx_validate_close_contact.auth_atom_id_2 
_pdbx_validate_close_contact.auth_asym_id_2 
_pdbx_validate_close_contact.auth_comp_id_2 
_pdbx_validate_close_contact.auth_seq_id_2 
_pdbx_validate_close_contact.PDB_ins_code_2 
_pdbx_validate_close_contact.label_alt_id_2 
_pdbx_validate_close_contact.dist 
1 1 CG2 A THR 4   ? ? O B HOH 307 ? ? 1.60 
2 1 O   B THR 204 ? ? O B HOH 324 ? ? 2.10 
3 1 O   A ILE 72  ? ? O A HOH 333 ? ? 2.19 
# 
loop_
_pdbx_validate_symm_contact.id 
_pdbx_validate_symm_contact.PDB_model_num 
_pdbx_validate_symm_contact.auth_atom_id_1 
_pdbx_validate_symm_contact.auth_asym_id_1 
_pdbx_validate_symm_contact.auth_comp_id_1 
_pdbx_validate_symm_contact.auth_seq_id_1 
_pdbx_validate_symm_contact.PDB_ins_code_1 
_pdbx_validate_symm_contact.label_alt_id_1 
_pdbx_validate_symm_contact.site_symmetry_1 
_pdbx_validate_symm_contact.auth_atom_id_2 
_pdbx_validate_symm_contact.auth_asym_id_2 
_pdbx_validate_symm_contact.auth_comp_id_2 
_pdbx_validate_symm_contact.auth_seq_id_2 
_pdbx_validate_symm_contact.PDB_ins_code_2 
_pdbx_validate_symm_contact.label_alt_id_2 
_pdbx_validate_symm_contact.site_symmetry_2 
_pdbx_validate_symm_contact.dist 
1 1 O   A HOH 306 ? ? 1_555 O A HOH 327 ? ? 3_646 0.39 
2 1 O   A HOH 339 ? ? 1_555 O A HOH 351 ? ? 3_656 1.13 
3 1 N   A LEU 89  ? ? 1_555 O B HOH 332 ? ? 4_556 1.41 
4 1 CA  A LEU 89  ? ? 1_555 O B HOH 332 ? ? 4_556 1.51 
5 1 NH1 B ARG 241 ? ? 1_555 O A HOH 333 ? ? 4_456 1.61 
6 1 C   A ASN 88  ? ? 1_555 O B HOH 332 ? ? 4_556 1.89 
7 1 CB  A LEU 89  ? ? 1_555 O B HOH 332 ? ? 4_556 2.15 
# 
loop_
_pdbx_validate_rmsd_angle.id 
_pdbx_validate_rmsd_angle.PDB_model_num 
_pdbx_validate_rmsd_angle.auth_atom_id_1 
_pdbx_validate_rmsd_angle.auth_asym_id_1 
_pdbx_validate_rmsd_angle.auth_comp_id_1 
_pdbx_validate_rmsd_angle.auth_seq_id_1 
_pdbx_validate_rmsd_angle.PDB_ins_code_1 
_pdbx_validate_rmsd_angle.label_alt_id_1 
_pdbx_validate_rmsd_angle.auth_atom_id_2 
_pdbx_validate_rmsd_angle.auth_asym_id_2 
_pdbx_validate_rmsd_angle.auth_comp_id_2 
_pdbx_validate_rmsd_angle.auth_seq_id_2 
_pdbx_validate_rmsd_angle.PDB_ins_code_2 
_pdbx_validate_rmsd_angle.label_alt_id_2 
_pdbx_validate_rmsd_angle.auth_atom_id_3 
_pdbx_validate_rmsd_angle.auth_asym_id_3 
_pdbx_validate_rmsd_angle.auth_comp_id_3 
_pdbx_validate_rmsd_angle.auth_seq_id_3 
_pdbx_validate_rmsd_angle.PDB_ins_code_3 
_pdbx_validate_rmsd_angle.label_alt_id_3 
_pdbx_validate_rmsd_angle.angle_value 
_pdbx_validate_rmsd_angle.angle_target_value 
_pdbx_validate_rmsd_angle.angle_deviation 
_pdbx_validate_rmsd_angle.angle_standard_deviation 
_pdbx_validate_rmsd_angle.linker_flag 
1 1 CA A PRO 1   ? ? N  A PRO 1   ? ? CD  A PRO 1   ? ? 98.47  111.50 -13.03 1.40 N 
2 1 CG A GLN 7   ? ? CD A GLN 7   ? ? OE1 A GLN 7   ? ? 133.98 121.60 12.38  2.00 N 
3 1 CA A GLU 35  ? ? CB A GLU 35  ? ? CG  A GLU 35  ? ? 132.70 113.40 19.30  2.20 N 
4 1 CA A GLN 61  ? ? CB A GLN 61  ? ? CG  A GLN 61  ? ? 99.08  113.40 -14.32 2.20 N 
5 1 CB A ASN 98  ? ? CA A ASN 98  ? ? C   A ASN 98  ? ? 95.87  110.40 -14.53 2.00 N 
6 1 CA B PRO 201 ? ? N  B PRO 201 ? ? CD  B PRO 201 ? ? 101.83 111.50 -9.67  1.40 N 
7 1 CA B GLN 218 ? ? CB B GLN 218 ? ? CG  B GLN 218 ? ? 127.29 113.40 13.89  2.20 N 
# 
loop_
_pdbx_validate_torsion.id 
_pdbx_validate_torsion.PDB_model_num 
_pdbx_validate_torsion.auth_comp_id 
_pdbx_validate_torsion.auth_asym_id 
_pdbx_validate_torsion.auth_seq_id 
_pdbx_validate_torsion.PDB_ins_code 
_pdbx_validate_torsion.label_alt_id 
_pdbx_validate_torsion.phi 
_pdbx_validate_torsion.psi 
1 1 MET A 36  ? ? 179.85  168.96 
2 1 GLN A 61  ? ? 38.04   58.87  
3 1 GLU A 65  ? ? -100.98 78.73  
4 1 LEU B 205 ? ? -92.35  31.20  
5 1 PRO B 209 ? ? -66.38  82.21  
6 1 PRO B 239 ? ? -67.73  58.61  
7 1 PRO B 279 ? ? -75.32  44.39  
8 1 ARG B 287 ? ? -72.81  23.75  
# 
_pdbx_molecule_features.prd_id    PRD_000454 
_pdbx_molecule_features.name      Saquinavir 
_pdbx_molecule_features.type      Peptide-like 
_pdbx_molecule_features.class     Inhibitor 
_pdbx_molecule_features.details   ? 
# 
_pdbx_molecule.instance_id   1 
_pdbx_molecule.prd_id        PRD_000454 
_pdbx_molecule.asym_id       C 
# 
_pdbx_entry_details.entry_id                 1C6Z 
_pdbx_entry_details.compound_details         
;9X MUTANT PROTEASE HAS NINE POINT MUTATIONS COMPARED TO
WILD TYPE: L10V,K20M,L24I,S37D,M46I,I54V,L63P,A71V,V82T

THERE IS ONE PROTEASE DIMER IN AN ASYMMETRICAL UNIT.  THE
TWO MOLECULES ARE LABELED AS CHAIN A AND CHAIN B.  THERE
is one SAQUINAVIR INHIBITOR MOLECULE LABELED AS ROC 505
WITH alternate conformations of OCCUPANCY 0.5
;
_pdbx_entry_details.source_details           ? 
_pdbx_entry_details.nonpolymer_details       
;THE INHIBITOR ROC IS A HYDROXYETHYLAMINE CONTAINING 
TRANSITION STATE MIMETIC.
;
_pdbx_entry_details.sequence_details         ? 
_pdbx_entry_details.has_ligand_of_interest   ? 
# 
loop_
_chem_comp_atom.comp_id 
_chem_comp_atom.atom_id 
_chem_comp_atom.type_symbol 
_chem_comp_atom.pdbx_aromatic_flag 
_chem_comp_atom.pdbx_stereo_config 
_chem_comp_atom.pdbx_ordinal 
ALA N    N N N 1   
ALA CA   C N S 2   
ALA C    C N N 3   
ALA O    O N N 4   
ALA CB   C N N 5   
ALA OXT  O N N 6   
ALA H    H N N 7   
ALA H2   H N N 8   
ALA HA   H N N 9   
ALA HB1  H N N 10  
ALA HB2  H N N 11  
ALA HB3  H N N 12  
ALA HXT  H N N 13  
ARG N    N N N 14  
ARG CA   C N S 15  
ARG C    C N N 16  
ARG O    O N N 17  
ARG CB   C N N 18  
ARG CG   C N N 19  
ARG CD   C N N 20  
ARG NE   N N N 21  
ARG CZ   C N N 22  
ARG NH1  N N N 23  
ARG NH2  N N N 24  
ARG OXT  O N N 25  
ARG H    H N N 26  
ARG H2   H N N 27  
ARG HA   H N N 28  
ARG HB2  H N N 29  
ARG HB3  H N N 30  
ARG HG2  H N N 31  
ARG HG3  H N N 32  
ARG HD2  H N N 33  
ARG HD3  H N N 34  
ARG HE   H N N 35  
ARG HH11 H N N 36  
ARG HH12 H N N 37  
ARG HH21 H N N 38  
ARG HH22 H N N 39  
ARG HXT  H N N 40  
ASN N    N N N 41  
ASN CA   C N S 42  
ASN C    C N N 43  
ASN O    O N N 44  
ASN CB   C N N 45  
ASN CG   C N N 46  
ASN OD1  O N N 47  
ASN ND2  N N N 48  
ASN OXT  O N N 49  
ASN H    H N N 50  
ASN H2   H N N 51  
ASN HA   H N N 52  
ASN HB2  H N N 53  
ASN HB3  H N N 54  
ASN HD21 H N N 55  
ASN HD22 H N N 56  
ASN HXT  H N N 57  
ASP N    N N N 58  
ASP CA   C N S 59  
ASP C    C N N 60  
ASP O    O N N 61  
ASP CB   C N N 62  
ASP CG   C N N 63  
ASP OD1  O N N 64  
ASP OD2  O N N 65  
ASP OXT  O N N 66  
ASP H    H N N 67  
ASP H2   H N N 68  
ASP HA   H N N 69  
ASP HB2  H N N 70  
ASP HB3  H N N 71  
ASP HD2  H N N 72  
ASP HXT  H N N 73  
CYS N    N N N 74  
CYS CA   C N R 75  
CYS C    C N N 76  
CYS O    O N N 77  
CYS CB   C N N 78  
CYS SG   S N N 79  
CYS OXT  O N N 80  
CYS H    H N N 81  
CYS H2   H N N 82  
CYS HA   H N N 83  
CYS HB2  H N N 84  
CYS HB3  H N N 85  
CYS HG   H N N 86  
CYS HXT  H N N 87  
GLN N    N N N 88  
GLN CA   C N S 89  
GLN C    C N N 90  
GLN O    O N N 91  
GLN CB   C N N 92  
GLN CG   C N N 93  
GLN CD   C N N 94  
GLN OE1  O N N 95  
GLN NE2  N N N 96  
GLN OXT  O N N 97  
GLN H    H N N 98  
GLN H2   H N N 99  
GLN HA   H N N 100 
GLN HB2  H N N 101 
GLN HB3  H N N 102 
GLN HG2  H N N 103 
GLN HG3  H N N 104 
GLN HE21 H N N 105 
GLN HE22 H N N 106 
GLN HXT  H N N 107 
GLU N    N N N 108 
GLU CA   C N S 109 
GLU C    C N N 110 
GLU O    O N N 111 
GLU CB   C N N 112 
GLU CG   C N N 113 
GLU CD   C N N 114 
GLU OE1  O N N 115 
GLU OE2  O N N 116 
GLU OXT  O N N 117 
GLU H    H N N 118 
GLU H2   H N N 119 
GLU HA   H N N 120 
GLU HB2  H N N 121 
GLU HB3  H N N 122 
GLU HG2  H N N 123 
GLU HG3  H N N 124 
GLU HE2  H N N 125 
GLU HXT  H N N 126 
GLY N    N N N 127 
GLY CA   C N N 128 
GLY C    C N N 129 
GLY O    O N N 130 
GLY OXT  O N N 131 
GLY H    H N N 132 
GLY H2   H N N 133 
GLY HA2  H N N 134 
GLY HA3  H N N 135 
GLY HXT  H N N 136 
HIS N    N N N 137 
HIS CA   C N S 138 
HIS C    C N N 139 
HIS O    O N N 140 
HIS CB   C N N 141 
HIS CG   C Y N 142 
HIS ND1  N Y N 143 
HIS CD2  C Y N 144 
HIS CE1  C Y N 145 
HIS NE2  N Y N 146 
HIS OXT  O N N 147 
HIS H    H N N 148 
HIS H2   H N N 149 
HIS HA   H N N 150 
HIS HB2  H N N 151 
HIS HB3  H N N 152 
HIS HD1  H N N 153 
HIS HD2  H N N 154 
HIS HE1  H N N 155 
HIS HE2  H N N 156 
HIS HXT  H N N 157 
HOH O    O N N 158 
HOH H1   H N N 159 
HOH H2   H N N 160 
ILE N    N N N 161 
ILE CA   C N S 162 
ILE C    C N N 163 
ILE O    O N N 164 
ILE CB   C N S 165 
ILE CG1  C N N 166 
ILE CG2  C N N 167 
ILE CD1  C N N 168 
ILE OXT  O N N 169 
ILE H    H N N 170 
ILE H2   H N N 171 
ILE HA   H N N 172 
ILE HB   H N N 173 
ILE HG12 H N N 174 
ILE HG13 H N N 175 
ILE HG21 H N N 176 
ILE HG22 H N N 177 
ILE HG23 H N N 178 
ILE HD11 H N N 179 
ILE HD12 H N N 180 
ILE HD13 H N N 181 
ILE HXT  H N N 182 
LEU N    N N N 183 
LEU CA   C N S 184 
LEU C    C N N 185 
LEU O    O N N 186 
LEU CB   C N N 187 
LEU CG   C N N 188 
LEU CD1  C N N 189 
LEU CD2  C N N 190 
LEU OXT  O N N 191 
LEU H    H N N 192 
LEU H2   H N N 193 
LEU HA   H N N 194 
LEU HB2  H N N 195 
LEU HB3  H N N 196 
LEU HG   H N N 197 
LEU HD11 H N N 198 
LEU HD12 H N N 199 
LEU HD13 H N N 200 
LEU HD21 H N N 201 
LEU HD22 H N N 202 
LEU HD23 H N N 203 
LEU HXT  H N N 204 
LYS N    N N N 205 
LYS CA   C N S 206 
LYS C    C N N 207 
LYS O    O N N 208 
LYS CB   C N N 209 
LYS CG   C N N 210 
LYS CD   C N N 211 
LYS CE   C N N 212 
LYS NZ   N N N 213 
LYS OXT  O N N 214 
LYS H    H N N 215 
LYS H2   H N N 216 
LYS HA   H N N 217 
LYS HB2  H N N 218 
LYS HB3  H N N 219 
LYS HG2  H N N 220 
LYS HG3  H N N 221 
LYS HD2  H N N 222 
LYS HD3  H N N 223 
LYS HE2  H N N 224 
LYS HE3  H N N 225 
LYS HZ1  H N N 226 
LYS HZ2  H N N 227 
LYS HZ3  H N N 228 
LYS HXT  H N N 229 
MET N    N N N 230 
MET CA   C N S 231 
MET C    C N N 232 
MET O    O N N 233 
MET CB   C N N 234 
MET CG   C N N 235 
MET SD   S N N 236 
MET CE   C N N 237 
MET OXT  O N N 238 
MET H    H N N 239 
MET H2   H N N 240 
MET HA   H N N 241 
MET HB2  H N N 242 
MET HB3  H N N 243 
MET HG2  H N N 244 
MET HG3  H N N 245 
MET HE1  H N N 246 
MET HE2  H N N 247 
MET HE3  H N N 248 
MET HXT  H N N 249 
PHE N    N N N 250 
PHE CA   C N S 251 
PHE C    C N N 252 
PHE O    O N N 253 
PHE CB   C N N 254 
PHE CG   C Y N 255 
PHE CD1  C Y N 256 
PHE CD2  C Y N 257 
PHE CE1  C Y N 258 
PHE CE2  C Y N 259 
PHE CZ   C Y N 260 
PHE OXT  O N N 261 
PHE H    H N N 262 
PHE H2   H N N 263 
PHE HA   H N N 264 
PHE HB2  H N N 265 
PHE HB3  H N N 266 
PHE HD1  H N N 267 
PHE HD2  H N N 268 
PHE HE1  H N N 269 
PHE HE2  H N N 270 
PHE HZ   H N N 271 
PHE HXT  H N N 272 
PRO N    N N N 273 
PRO CA   C N S 274 
PRO C    C N N 275 
PRO O    O N N 276 
PRO CB   C N N 277 
PRO CG   C N N 278 
PRO CD   C N N 279 
PRO OXT  O N N 280 
PRO H    H N N 281 
PRO HA   H N N 282 
PRO HB2  H N N 283 
PRO HB3  H N N 284 
PRO HG2  H N N 285 
PRO HG3  H N N 286 
PRO HD2  H N N 287 
PRO HD3  H N N 288 
PRO HXT  H N N 289 
ROC C    C N N 290 
ROC O    O N N 291 
ROC N1   N Y N 292 
ROC C2   C Y N 293 
ROC C3   C Y N 294 
ROC C4   C Y N 295 
ROC C5   C Y N 296 
ROC C6   C Y N 297 
ROC C7   C Y N 298 
ROC C8   C Y N 299 
ROC C4A  C Y N 300 
ROC C8A  C Y N 301 
ROC N    N N N 302 
ROC CA   C N S 303 
ROC C1   C N N 304 
ROC O1   O N N 305 
ROC CB   C N N 306 
ROC CG   C N N 307 
ROC OD1  O N N 308 
ROC ND2  N N N 309 
ROC C9   C N R 310 
ROC O2   O N N 311 
ROC CA1  C N S 312 
ROC N2   N N N 313 
ROC CB1  C N N 314 
ROC CG1  C Y N 315 
ROC CD1  C Y N 316 
ROC CD2  C Y N 317 
ROC CE1  C Y N 318 
ROC CE2  C Y N 319 
ROC CZ   C Y N 320 
ROC N11  N N N 321 
ROC CM   C N N 322 
ROC C21  C N S 323 
ROC CC   C N N 324 
ROC O3   O N N 325 
ROC C31  C N N 326 
ROC C3A  C N S 327 
ROC C41  C N N 328 
ROC C51  C N N 329 
ROC C61  C N N 330 
ROC C71  C N N 331 
ROC C7A  C N S 332 
ROC C81  C N N 333 
ROC N3   N N N 334 
ROC CD   C N N 335 
ROC C11  C N N 336 
ROC C22  C N N 337 
ROC C32  C N N 338 
ROC H3   H N N 339 
ROC H4   H N N 340 
ROC H5   H N N 341 
ROC H6   H N N 342 
ROC H7   H N N 343 
ROC H8   H N N 344 
ROC H    H N N 345 
ROC HA   H N N 346 
ROC HB2  H N N 347 
ROC HB3  H N N 348 
ROC HD21 H N N 349 
ROC HD22 H N N 350 
ROC HC   H N N 351 
ROC HO   H N N 352 
ROC HA1  H N N 353 
ROC H1   H N N 354 
ROC HB21 H N N 355 
ROC HB31 H N N 356 
ROC HD1  H N N 357 
ROC HD2  H N N 358 
ROC HE1  H N N 359 
ROC HE2  H N N 360 
ROC HZ   H N N 361 
ROC HM1  H N N 362 
ROC HM2  H N N 363 
ROC H2   H N N 364 
ROC H31  H N N 365 
ROC H32  H N N 366 
ROC H3A  H N N 367 
ROC H41  H N N 368 
ROC H42  H N N 369 
ROC H51  H N N 370 
ROC H52  H N N 371 
ROC H61  H N N 372 
ROC H62  H N N 373 
ROC H71  H N N 374 
ROC H72  H N N 375 
ROC H7A  H N N 376 
ROC H81  H N N 377 
ROC H82  H N N 378 
ROC HN1  H N N 379 
ROC H11  H N N 380 
ROC H12  H N N 381 
ROC H13  H N N 382 
ROC H21  H N N 383 
ROC H22  H N N 384 
ROC H23  H N N 385 
ROC H311 H N N 386 
ROC H321 H N N 387 
ROC H33  H N N 388 
THR N    N N N 389 
THR CA   C N S 390 
THR C    C N N 391 
THR O    O N N 392 
THR CB   C N R 393 
THR OG1  O N N 394 
THR CG2  C N N 395 
THR OXT  O N N 396 
THR H    H N N 397 
THR H2   H N N 398 
THR HA   H N N 399 
THR HB   H N N 400 
THR HG1  H N N 401 
THR HG21 H N N 402 
THR HG22 H N N 403 
THR HG23 H N N 404 
THR HXT  H N N 405 
TRP N    N N N 406 
TRP CA   C N S 407 
TRP C    C N N 408 
TRP O    O N N 409 
TRP CB   C N N 410 
TRP CG   C Y N 411 
TRP CD1  C Y N 412 
TRP CD2  C Y N 413 
TRP NE1  N Y N 414 
TRP CE2  C Y N 415 
TRP CE3  C Y N 416 
TRP CZ2  C Y N 417 
TRP CZ3  C Y N 418 
TRP CH2  C Y N 419 
TRP OXT  O N N 420 
TRP H    H N N 421 
TRP H2   H N N 422 
TRP HA   H N N 423 
TRP HB2  H N N 424 
TRP HB3  H N N 425 
TRP HD1  H N N 426 
TRP HE1  H N N 427 
TRP HE3  H N N 428 
TRP HZ2  H N N 429 
TRP HZ3  H N N 430 
TRP HH2  H N N 431 
TRP HXT  H N N 432 
TYR N    N N N 433 
TYR CA   C N S 434 
TYR C    C N N 435 
TYR O    O N N 436 
TYR CB   C N N 437 
TYR CG   C Y N 438 
TYR CD1  C Y N 439 
TYR CD2  C Y N 440 
TYR CE1  C Y N 441 
TYR CE2  C Y N 442 
TYR CZ   C Y N 443 
TYR OH   O N N 444 
TYR OXT  O N N 445 
TYR H    H N N 446 
TYR H2   H N N 447 
TYR HA   H N N 448 
TYR HB2  H N N 449 
TYR HB3  H N N 450 
TYR HD1  H N N 451 
TYR HD2  H N N 452 
TYR HE1  H N N 453 
TYR HE2  H N N 454 
TYR HH   H N N 455 
TYR HXT  H N N 456 
VAL N    N N N 457 
VAL CA   C N S 458 
VAL C    C N N 459 
VAL O    O N N 460 
VAL CB   C N N 461 
VAL CG1  C N N 462 
VAL CG2  C N N 463 
VAL OXT  O N N 464 
VAL H    H N N 465 
VAL H2   H N N 466 
VAL HA   H N N 467 
VAL HB   H N N 468 
VAL HG11 H N N 469 
VAL HG12 H N N 470 
VAL HG13 H N N 471 
VAL HG21 H N N 472 
VAL HG22 H N N 473 
VAL HG23 H N N 474 
VAL HXT  H N N 475 
# 
loop_
_chem_comp_bond.comp_id 
_chem_comp_bond.atom_id_1 
_chem_comp_bond.atom_id_2 
_chem_comp_bond.value_order 
_chem_comp_bond.pdbx_aromatic_flag 
_chem_comp_bond.pdbx_stereo_config 
_chem_comp_bond.pdbx_ordinal 
ALA N   CA   sing N N 1   
ALA N   H    sing N N 2   
ALA N   H2   sing N N 3   
ALA CA  C    sing N N 4   
ALA CA  CB   sing N N 5   
ALA CA  HA   sing N N 6   
ALA C   O    doub N N 7   
ALA C   OXT  sing N N 8   
ALA CB  HB1  sing N N 9   
ALA CB  HB2  sing N N 10  
ALA CB  HB3  sing N N 11  
ALA OXT HXT  sing N N 12  
ARG N   CA   sing N N 13  
ARG N   H    sing N N 14  
ARG N   H2   sing N N 15  
ARG CA  C    sing N N 16  
ARG CA  CB   sing N N 17  
ARG CA  HA   sing N N 18  
ARG C   O    doub N N 19  
ARG C   OXT  sing N N 20  
ARG CB  CG   sing N N 21  
ARG CB  HB2  sing N N 22  
ARG CB  HB3  sing N N 23  
ARG CG  CD   sing N N 24  
ARG CG  HG2  sing N N 25  
ARG CG  HG3  sing N N 26  
ARG CD  NE   sing N N 27  
ARG CD  HD2  sing N N 28  
ARG CD  HD3  sing N N 29  
ARG NE  CZ   sing N N 30  
ARG NE  HE   sing N N 31  
ARG CZ  NH1  sing N N 32  
ARG CZ  NH2  doub N N 33  
ARG NH1 HH11 sing N N 34  
ARG NH1 HH12 sing N N 35  
ARG NH2 HH21 sing N N 36  
ARG NH2 HH22 sing N N 37  
ARG OXT HXT  sing N N 38  
ASN N   CA   sing N N 39  
ASN N   H    sing N N 40  
ASN N   H2   sing N N 41  
ASN CA  C    sing N N 42  
ASN CA  CB   sing N N 43  
ASN CA  HA   sing N N 44  
ASN C   O    doub N N 45  
ASN C   OXT  sing N N 46  
ASN CB  CG   sing N N 47  
ASN CB  HB2  sing N N 48  
ASN CB  HB3  sing N N 49  
ASN CG  OD1  doub N N 50  
ASN CG  ND2  sing N N 51  
ASN ND2 HD21 sing N N 52  
ASN ND2 HD22 sing N N 53  
ASN OXT HXT  sing N N 54  
ASP N   CA   sing N N 55  
ASP N   H    sing N N 56  
ASP N   H2   sing N N 57  
ASP CA  C    sing N N 58  
ASP CA  CB   sing N N 59  
ASP CA  HA   sing N N 60  
ASP C   O    doub N N 61  
ASP C   OXT  sing N N 62  
ASP CB  CG   sing N N 63  
ASP CB  HB2  sing N N 64  
ASP CB  HB3  sing N N 65  
ASP CG  OD1  doub N N 66  
ASP CG  OD2  sing N N 67  
ASP OD2 HD2  sing N N 68  
ASP OXT HXT  sing N N 69  
CYS N   CA   sing N N 70  
CYS N   H    sing N N 71  
CYS N   H2   sing N N 72  
CYS CA  C    sing N N 73  
CYS CA  CB   sing N N 74  
CYS CA  HA   sing N N 75  
CYS C   O    doub N N 76  
CYS C   OXT  sing N N 77  
CYS CB  SG   sing N N 78  
CYS CB  HB2  sing N N 79  
CYS CB  HB3  sing N N 80  
CYS SG  HG   sing N N 81  
CYS OXT HXT  sing N N 82  
GLN N   CA   sing N N 83  
GLN N   H    sing N N 84  
GLN N   H2   sing N N 85  
GLN CA  C    sing N N 86  
GLN CA  CB   sing N N 87  
GLN CA  HA   sing N N 88  
GLN C   O    doub N N 89  
GLN C   OXT  sing N N 90  
GLN CB  CG   sing N N 91  
GLN CB  HB2  sing N N 92  
GLN CB  HB3  sing N N 93  
GLN CG  CD   sing N N 94  
GLN CG  HG2  sing N N 95  
GLN CG  HG3  sing N N 96  
GLN CD  OE1  doub N N 97  
GLN CD  NE2  sing N N 98  
GLN NE2 HE21 sing N N 99  
GLN NE2 HE22 sing N N 100 
GLN OXT HXT  sing N N 101 
GLU N   CA   sing N N 102 
GLU N   H    sing N N 103 
GLU N   H2   sing N N 104 
GLU CA  C    sing N N 105 
GLU CA  CB   sing N N 106 
GLU CA  HA   sing N N 107 
GLU C   O    doub N N 108 
GLU C   OXT  sing N N 109 
GLU CB  CG   sing N N 110 
GLU CB  HB2  sing N N 111 
GLU CB  HB3  sing N N 112 
GLU CG  CD   sing N N 113 
GLU CG  HG2  sing N N 114 
GLU CG  HG3  sing N N 115 
GLU CD  OE1  doub N N 116 
GLU CD  OE2  sing N N 117 
GLU OE2 HE2  sing N N 118 
GLU OXT HXT  sing N N 119 
GLY N   CA   sing N N 120 
GLY N   H    sing N N 121 
GLY N   H2   sing N N 122 
GLY CA  C    sing N N 123 
GLY CA  HA2  sing N N 124 
GLY CA  HA3  sing N N 125 
GLY C   O    doub N N 126 
GLY C   OXT  sing N N 127 
GLY OXT HXT  sing N N 128 
HIS N   CA   sing N N 129 
HIS N   H    sing N N 130 
HIS N   H2   sing N N 131 
HIS CA  C    sing N N 132 
HIS CA  CB   sing N N 133 
HIS CA  HA   sing N N 134 
HIS C   O    doub N N 135 
HIS C   OXT  sing N N 136 
HIS CB  CG   sing N N 137 
HIS CB  HB2  sing N N 138 
HIS CB  HB3  sing N N 139 
HIS CG  ND1  sing Y N 140 
HIS CG  CD2  doub Y N 141 
HIS ND1 CE1  doub Y N 142 
HIS ND1 HD1  sing N N 143 
HIS CD2 NE2  sing Y N 144 
HIS CD2 HD2  sing N N 145 
HIS CE1 NE2  sing Y N 146 
HIS CE1 HE1  sing N N 147 
HIS NE2 HE2  sing N N 148 
HIS OXT HXT  sing N N 149 
HOH O   H1   sing N N 150 
HOH O   H2   sing N N 151 
ILE N   CA   sing N N 152 
ILE N   H    sing N N 153 
ILE N   H2   sing N N 154 
ILE CA  C    sing N N 155 
ILE CA  CB   sing N N 156 
ILE CA  HA   sing N N 157 
ILE C   O    doub N N 158 
ILE C   OXT  sing N N 159 
ILE CB  CG1  sing N N 160 
ILE CB  CG2  sing N N 161 
ILE CB  HB   sing N N 162 
ILE CG1 CD1  sing N N 163 
ILE CG1 HG12 sing N N 164 
ILE CG1 HG13 sing N N 165 
ILE CG2 HG21 sing N N 166 
ILE CG2 HG22 sing N N 167 
ILE CG2 HG23 sing N N 168 
ILE CD1 HD11 sing N N 169 
ILE CD1 HD12 sing N N 170 
ILE CD1 HD13 sing N N 171 
ILE OXT HXT  sing N N 172 
LEU N   CA   sing N N 173 
LEU N   H    sing N N 174 
LEU N   H2   sing N N 175 
LEU CA  C    sing N N 176 
LEU CA  CB   sing N N 177 
LEU CA  HA   sing N N 178 
LEU C   O    doub N N 179 
LEU C   OXT  sing N N 180 
LEU CB  CG   sing N N 181 
LEU CB  HB2  sing N N 182 
LEU CB  HB3  sing N N 183 
LEU CG  CD1  sing N N 184 
LEU CG  CD2  sing N N 185 
LEU CG  HG   sing N N 186 
LEU CD1 HD11 sing N N 187 
LEU CD1 HD12 sing N N 188 
LEU CD1 HD13 sing N N 189 
LEU CD2 HD21 sing N N 190 
LEU CD2 HD22 sing N N 191 
LEU CD2 HD23 sing N N 192 
LEU OXT HXT  sing N N 193 
LYS N   CA   sing N N 194 
LYS N   H    sing N N 195 
LYS N   H2   sing N N 196 
LYS CA  C    sing N N 197 
LYS CA  CB   sing N N 198 
LYS CA  HA   sing N N 199 
LYS C   O    doub N N 200 
LYS C   OXT  sing N N 201 
LYS CB  CG   sing N N 202 
LYS CB  HB2  sing N N 203 
LYS CB  HB3  sing N N 204 
LYS CG  CD   sing N N 205 
LYS CG  HG2  sing N N 206 
LYS CG  HG3  sing N N 207 
LYS CD  CE   sing N N 208 
LYS CD  HD2  sing N N 209 
LYS CD  HD3  sing N N 210 
LYS CE  NZ   sing N N 211 
LYS CE  HE2  sing N N 212 
LYS CE  HE3  sing N N 213 
LYS NZ  HZ1  sing N N 214 
LYS NZ  HZ2  sing N N 215 
LYS NZ  HZ3  sing N N 216 
LYS OXT HXT  sing N N 217 
MET N   CA   sing N N 218 
MET N   H    sing N N 219 
MET N   H2   sing N N 220 
MET CA  C    sing N N 221 
MET CA  CB   sing N N 222 
MET CA  HA   sing N N 223 
MET C   O    doub N N 224 
MET C   OXT  sing N N 225 
MET CB  CG   sing N N 226 
MET CB  HB2  sing N N 227 
MET CB  HB3  sing N N 228 
MET CG  SD   sing N N 229 
MET CG  HG2  sing N N 230 
MET CG  HG3  sing N N 231 
MET SD  CE   sing N N 232 
MET CE  HE1  sing N N 233 
MET CE  HE2  sing N N 234 
MET CE  HE3  sing N N 235 
MET OXT HXT  sing N N 236 
PHE N   CA   sing N N 237 
PHE N   H    sing N N 238 
PHE N   H2   sing N N 239 
PHE CA  C    sing N N 240 
PHE CA  CB   sing N N 241 
PHE CA  HA   sing N N 242 
PHE C   O    doub N N 243 
PHE C   OXT  sing N N 244 
PHE CB  CG   sing N N 245 
PHE CB  HB2  sing N N 246 
PHE CB  HB3  sing N N 247 
PHE CG  CD1  doub Y N 248 
PHE CG  CD2  sing Y N 249 
PHE CD1 CE1  sing Y N 250 
PHE CD1 HD1  sing N N 251 
PHE CD2 CE2  doub Y N 252 
PHE CD2 HD2  sing N N 253 
PHE CE1 CZ   doub Y N 254 
PHE CE1 HE1  sing N N 255 
PHE CE2 CZ   sing Y N 256 
PHE CE2 HE2  sing N N 257 
PHE CZ  HZ   sing N N 258 
PHE OXT HXT  sing N N 259 
PRO N   CA   sing N N 260 
PRO N   CD   sing N N 261 
PRO N   H    sing N N 262 
PRO CA  C    sing N N 263 
PRO CA  CB   sing N N 264 
PRO CA  HA   sing N N 265 
PRO C   O    doub N N 266 
PRO C   OXT  sing N N 267 
PRO CB  CG   sing N N 268 
PRO CB  HB2  sing N N 269 
PRO CB  HB3  sing N N 270 
PRO CG  CD   sing N N 271 
PRO CG  HG2  sing N N 272 
PRO CG  HG3  sing N N 273 
PRO CD  HD2  sing N N 274 
PRO CD  HD3  sing N N 275 
PRO OXT HXT  sing N N 276 
ROC O   C    doub N N 277 
ROC C   C2   sing N N 278 
ROC N1  C2   doub Y N 279 
ROC N1  C8A  sing Y N 280 
ROC C2  C3   sing Y N 281 
ROC C3  C4   doub Y N 282 
ROC C3  H3   sing N N 283 
ROC C4  C4A  sing Y N 284 
ROC C4  H4   sing N N 285 
ROC C4A C5   doub Y N 286 
ROC C4A C8A  sing Y N 287 
ROC C5  C6   sing Y N 288 
ROC C5  H5   sing N N 289 
ROC C6  C7   doub Y N 290 
ROC C6  H6   sing N N 291 
ROC C7  C8   sing Y N 292 
ROC C7  H7   sing N N 293 
ROC C8  C8A  doub Y N 294 
ROC C8  H8   sing N N 295 
ROC N   CA   sing N N 296 
ROC N   H    sing N N 297 
ROC CA  C1   sing N N 298 
ROC CA  CB   sing N N 299 
ROC CA  HA   sing N N 300 
ROC C1  O1   doub N N 301 
ROC CB  CG   sing N N 302 
ROC CB  HB2  sing N N 303 
ROC CB  HB3  sing N N 304 
ROC CG  OD1  doub N N 305 
ROC CG  ND2  sing N N 306 
ROC ND2 HD21 sing N N 307 
ROC ND2 HD22 sing N N 308 
ROC C9  O2   sing N N 309 
ROC C9  CA1  sing N N 310 
ROC C9  HC   sing N N 311 
ROC O2  HO   sing N N 312 
ROC CA1 N2   sing N N 313 
ROC CA1 CB1  sing N N 314 
ROC CA1 HA1  sing N N 315 
ROC N2  H1   sing N N 316 
ROC CB1 CG1  sing N N 317 
ROC CB1 HB21 sing N N 318 
ROC CB1 HB31 sing N N 319 
ROC CG1 CD1  doub Y N 320 
ROC CG1 CD2  sing Y N 321 
ROC CD1 CE1  sing Y N 322 
ROC CD1 HD1  sing N N 323 
ROC CD2 CE2  doub Y N 324 
ROC CD2 HD2  sing N N 325 
ROC CE1 CZ   doub Y N 326 
ROC CE1 HE1  sing N N 327 
ROC CE2 CZ   sing Y N 328 
ROC CE2 HE2  sing N N 329 
ROC CZ  HZ   sing N N 330 
ROC N11 CM   sing N N 331 
ROC N11 C21  sing N N 332 
ROC N11 C81  sing N N 333 
ROC CM  HM1  sing N N 334 
ROC CM  HM2  sing N N 335 
ROC C21 CC   sing N N 336 
ROC C21 C31  sing N N 337 
ROC C21 H2   sing N N 338 
ROC CC  O3   doub N N 339 
ROC C31 C3A  sing N N 340 
ROC C31 H31  sing N N 341 
ROC C31 H32  sing N N 342 
ROC C3A C41  sing N N 343 
ROC C3A C7A  sing N N 344 
ROC C3A H3A  sing N N 345 
ROC C41 C51  sing N N 346 
ROC C41 H41  sing N N 347 
ROC C41 H42  sing N N 348 
ROC C51 C61  sing N N 349 
ROC C51 H51  sing N N 350 
ROC C51 H52  sing N N 351 
ROC C61 C71  sing N N 352 
ROC C61 H61  sing N N 353 
ROC C61 H62  sing N N 354 
ROC C71 C7A  sing N N 355 
ROC C71 H71  sing N N 356 
ROC C71 H72  sing N N 357 
ROC C7A C81  sing N N 358 
ROC C7A H7A  sing N N 359 
ROC C81 H81  sing N N 360 
ROC C81 H82  sing N N 361 
ROC N3  CD   sing N N 362 
ROC N3  HN1  sing N N 363 
ROC CD  C11  sing N N 364 
ROC CD  C22  sing N N 365 
ROC CD  C32  sing N N 366 
ROC C11 H11  sing N N 367 
ROC C11 H12  sing N N 368 
ROC C11 H13  sing N N 369 
ROC C22 H21  sing N N 370 
ROC C22 H22  sing N N 371 
ROC C22 H23  sing N N 372 
ROC C32 H311 sing N N 373 
ROC C32 H321 sing N N 374 
ROC C32 H33  sing N N 375 
ROC C   N    sing N N 376 
ROC C1  N2   sing N N 377 
ROC C9  CM   sing N N 378 
ROC CC  N3   sing N N 379 
THR N   CA   sing N N 380 
THR N   H    sing N N 381 
THR N   H2   sing N N 382 
THR CA  C    sing N N 383 
THR CA  CB   sing N N 384 
THR CA  HA   sing N N 385 
THR C   O    doub N N 386 
THR C   OXT  sing N N 387 
THR CB  OG1  sing N N 388 
THR CB  CG2  sing N N 389 
THR CB  HB   sing N N 390 
THR OG1 HG1  sing N N 391 
THR CG2 HG21 sing N N 392 
THR CG2 HG22 sing N N 393 
THR CG2 HG23 sing N N 394 
THR OXT HXT  sing N N 395 
TRP N   CA   sing N N 396 
TRP N   H    sing N N 397 
TRP N   H2   sing N N 398 
TRP CA  C    sing N N 399 
TRP CA  CB   sing N N 400 
TRP CA  HA   sing N N 401 
TRP C   O    doub N N 402 
TRP C   OXT  sing N N 403 
TRP CB  CG   sing N N 404 
TRP CB  HB2  sing N N 405 
TRP CB  HB3  sing N N 406 
TRP CG  CD1  doub Y N 407 
TRP CG  CD2  sing Y N 408 
TRP CD1 NE1  sing Y N 409 
TRP CD1 HD1  sing N N 410 
TRP CD2 CE2  doub Y N 411 
TRP CD2 CE3  sing Y N 412 
TRP NE1 CE2  sing Y N 413 
TRP NE1 HE1  sing N N 414 
TRP CE2 CZ2  sing Y N 415 
TRP CE3 CZ3  doub Y N 416 
TRP CE3 HE3  sing N N 417 
TRP CZ2 CH2  doub Y N 418 
TRP CZ2 HZ2  sing N N 419 
TRP CZ3 CH2  sing Y N 420 
TRP CZ3 HZ3  sing N N 421 
TRP CH2 HH2  sing N N 422 
TRP OXT HXT  sing N N 423 
TYR N   CA   sing N N 424 
TYR N   H    sing N N 425 
TYR N   H2   sing N N 426 
TYR CA  C    sing N N 427 
TYR CA  CB   sing N N 428 
TYR CA  HA   sing N N 429 
TYR C   O    doub N N 430 
TYR C   OXT  sing N N 431 
TYR CB  CG   sing N N 432 
TYR CB  HB2  sing N N 433 
TYR CB  HB3  sing N N 434 
TYR CG  CD1  doub Y N 435 
TYR CG  CD2  sing Y N 436 
TYR CD1 CE1  sing Y N 437 
TYR CD1 HD1  sing N N 438 
TYR CD2 CE2  doub Y N 439 
TYR CD2 HD2  sing N N 440 
TYR CE1 CZ   doub Y N 441 
TYR CE1 HE1  sing N N 442 
TYR CE2 CZ   sing Y N 443 
TYR CE2 HE2  sing N N 444 
TYR CZ  OH   sing N N 445 
TYR OH  HH   sing N N 446 
TYR OXT HXT  sing N N 447 
VAL N   CA   sing N N 448 
VAL N   H    sing N N 449 
VAL N   H2   sing N N 450 
VAL CA  C    sing N N 451 
VAL CA  CB   sing N N 452 
VAL CA  HA   sing N N 453 
VAL C   O    doub N N 454 
VAL C   OXT  sing N N 455 
VAL CB  CG1  sing N N 456 
VAL CB  CG2  sing N N 457 
VAL CB  HB   sing N N 458 
VAL CG1 HG11 sing N N 459 
VAL CG1 HG12 sing N N 460 
VAL CG1 HG13 sing N N 461 
VAL CG2 HG21 sing N N 462 
VAL CG2 HG22 sing N N 463 
VAL CG2 HG23 sing N N 464 
VAL OXT HXT  sing N N 465 
# 
_atom_sites.entry_id                    1C6Z 
_atom_sites.fract_transf_matrix[1][1]   -0.00590134 
_atom_sites.fract_transf_matrix[1][2]   -0.00461177 
_atom_sites.fract_transf_matrix[1][3]   0.00852276 
_atom_sites.fract_transf_matrix[2][1]   -0.00235573 
_atom_sites.fract_transf_matrix[2][2]   -0.00899669 
_atom_sites.fract_transf_matrix[2][3]   -0.00649937 
_atom_sites.fract_transf_matrix[3][1]   0.02511338 
_atom_sites.fract_transf_matrix[3][2]   -0.01375930 
_atom_sites.fract_transf_matrix[3][3]   0.00994371 
_atom_sites.fract_transf_vector[1]      0.483392 
_atom_sites.fract_transf_vector[2]      0.266446 
_atom_sites.fract_transf_vector[3]      0.624682 
# 
loop_
_atom_type.symbol 
C 
N 
O 
S 
# 
loop_
_atom_site.group_PDB 
_atom_site.id 
_atom_site.type_symbol 
_atom_site.label_atom_id 
_atom_site.label_alt_id 
_atom_site.label_comp_id 
_atom_site.label_asym_id 
_atom_site.label_entity_id 
_atom_site.label_seq_id 
_atom_site.pdbx_PDB_ins_code 
_atom_site.Cartn_x 
_atom_site.Cartn_y 
_atom_site.Cartn_z 
_atom_site.occupancy 
_atom_site.B_iso_or_equiv 
_atom_site.pdbx_formal_charge 
_atom_site.auth_seq_id 
_atom_site.auth_comp_id 
_atom_site.auth_asym_id 
_atom_site.auth_atom_id 
_atom_site.pdbx_PDB_model_num 
ATOM   1    N N   . PRO A 1 1  ? 0.672   -2.753  18.427  1.00 22.24 ? 1   PRO A N   1 
ATOM   2    C CA  . PRO A 1 1  ? 1.741   -1.757  18.758  1.00 23.13 ? 1   PRO A CA  1 
ATOM   3    C C   . PRO A 1 1  ? 1.484   -0.491  18.012  1.00 22.96 ? 1   PRO A C   1 
ATOM   4    O O   . PRO A 1 1  ? 0.571   -0.442  17.223  1.00 23.91 ? 1   PRO A O   1 
ATOM   5    C CB  . PRO A 1 1  ? 3.079   -2.331  18.392  1.00 22.24 ? 1   PRO A CB  1 
ATOM   6    C CG  . PRO A 1 1  ? 2.706   -3.527  17.617  1.00 23.96 ? 1   PRO A CG  1 
ATOM   7    C CD  . PRO A 1 1  ? 1.504   -3.957  18.388  1.00 24.45 ? 1   PRO A CD  1 
ATOM   8    N N   . GLN A 1 2  ? 2.232   0.567   18.311  1.00 23.26 ? 2   GLN A N   1 
ATOM   9    C CA  . GLN A 1 2  ? 2.057   1.831   17.601  1.00 25.60 ? 2   GLN A CA  1 
ATOM   10   C C   . GLN A 1 2  ? 3.231   1.962   16.614  1.00 26.23 ? 2   GLN A C   1 
ATOM   11   O O   . GLN A 1 2  ? 4.345   2.325   17.021  1.00 28.58 ? 2   GLN A O   1 
ATOM   12   C CB  . GLN A 1 2  ? 2.132   3.017   18.561  1.00 26.47 ? 2   GLN A CB  1 
ATOM   13   C CG  . GLN A 1 2  ? 1.506   4.137   17.743  1.00 28.96 ? 2   GLN A CG  1 
ATOM   14   C CD  . GLN A 1 2  ? 2.053   5.497   18.106  1.00 29.07 ? 2   GLN A CD  1 
ATOM   15   O OE1 . GLN A 1 2  ? 1.373   6.476   18.431  1.00 30.27 ? 2   GLN A OE1 1 
ATOM   16   N NE2 . GLN A 1 2  ? 3.403   5.575   18.032  1.00 27.62 ? 2   GLN A NE2 1 
ATOM   17   N N   . ILE A 1 3  ? 2.987   1.658   15.343  1.00 23.90 ? 3   ILE A N   1 
ATOM   18   C CA  . ILE A 1 3  ? 4.036   1.707   14.321  1.00 22.71 ? 3   ILE A CA  1 
ATOM   19   C C   . ILE A 1 3  ? 4.082   3.057   13.542  1.00 22.33 ? 3   ILE A C   1 
ATOM   20   O O   . ILE A 1 3  ? 3.023   3.566   13.123  1.00 20.64 ? 3   ILE A O   1 
ATOM   21   C CB  . ILE A 1 3  ? 3.824   0.569   13.286  1.00 21.44 ? 3   ILE A CB  1 
ATOM   22   C CG1 . ILE A 1 3  ? 3.537   -0.755  13.997  1.00 19.74 ? 3   ILE A CG1 1 
ATOM   23   C CG2 . ILE A 1 3  ? 5.070   0.400   12.419  1.00 20.31 ? 3   ILE A CG2 1 
ATOM   24   C CD1 . ILE A 1 3  ? 4.781   -1.466  14.499  1.00 20.71 ? 3   ILE A CD1 1 
ATOM   25   N N   . THR A 1 4  ? 5.270   3.664   13.420  1.00 21.62 ? 4   THR A N   1 
ATOM   26   C CA  . THR A 1 4  ? 5.409   4.903   12.640  1.00 21.61 ? 4   THR A CA  1 
ATOM   27   C C   . THR A 1 4  ? 5.801   4.609   11.162  1.00 21.17 ? 4   THR A C   1 
ATOM   28   O O   . THR A 1 4  ? 6.288   3.523   10.822  1.00 19.20 ? 4   THR A O   1 
ATOM   29   C CB  . THR A 1 4  ? 6.423   5.910   13.232  1.00 22.41 ? 4   THR A CB  1 
ATOM   30   O OG1 . THR A 1 4  ? 7.454   5.230   13.955  1.00 28.72 ? 4   THR A OG1 1 
ATOM   31   C CG2 . THR A 1 4  ? 5.731   6.902   14.121  1.00 23.81 ? 4   THR A CG2 1 
ATOM   32   N N   . LEU A 1 5  ? 5.626   5.612   10.313  1.00 20.44 ? 5   LEU A N   1 
ATOM   33   C CA  . LEU A 1 5  ? 5.899   5.449   8.896   1.00 17.89 ? 5   LEU A CA  1 
ATOM   34   C C   . LEU A 1 5  ? 7.248   5.934   8.390   1.00 18.41 ? 5   LEU A C   1 
ATOM   35   O O   . LEU A 1 5  ? 7.473   5.949   7.200   1.00 17.68 ? 5   LEU A O   1 
ATOM   36   C CB  . LEU A 1 5  ? 4.741   6.077   8.081   1.00 16.25 ? 5   LEU A CB  1 
ATOM   37   C CG  . LEU A 1 5  ? 3.363   5.421   8.365   1.00 12.57 ? 5   LEU A CG  1 
ATOM   38   C CD1 . LEU A 1 5  ? 2.262   6.051   7.536   1.00 9.33  ? 5   LEU A CD1 1 
ATOM   39   C CD2 . LEU A 1 5  ? 3.445   3.917   8.103   1.00 9.74  ? 5   LEU A CD2 1 
ATOM   40   N N   . TRP A 1 6  ? 8.157   6.287   9.295   1.00 17.99 ? 6   TRP A N   1 
ATOM   41   C CA  . TRP A 1 6  ? 9.473   6.769   8.888   1.00 17.94 ? 6   TRP A CA  1 
ATOM   42   C C   . TRP A 1 6  ? 10.223  5.709   8.231   1.00 19.75 ? 6   TRP A C   1 
ATOM   43   O O   . TRP A 1 6  ? 10.996  5.962   7.321   1.00 21.61 ? 6   TRP A O   1 
ATOM   44   C CB  . TRP A 1 6  ? 10.239  7.305   10.070  1.00 15.78 ? 6   TRP A CB  1 
ATOM   45   C CG  . TRP A 1 6  ? 9.545   8.452   10.688  1.00 16.43 ? 6   TRP A CG  1 
ATOM   46   C CD1 . TRP A 1 6  ? 8.771   8.441   11.794  1.00 17.07 ? 6   TRP A CD1 1 
ATOM   47   C CD2 . TRP A 1 6  ? 9.490   9.775   10.167  1.00 17.53 ? 6   TRP A CD2 1 
ATOM   48   N NE1 . TRP A 1 6  ? 8.215   9.675   11.993  1.00 16.83 ? 6   TRP A NE1 1 
ATOM   49   C CE2 . TRP A 1 6  ? 8.645   10.517  11.014  1.00 16.77 ? 6   TRP A CE2 1 
ATOM   50   C CE3 . TRP A 1 6  ? 10.068  10.407  9.071   1.00 18.96 ? 6   TRP A CE3 1 
ATOM   51   C CZ2 . TRP A 1 6  ? 8.364   11.856  10.784  1.00 17.49 ? 6   TRP A CZ2 1 
ATOM   52   C CZ3 . TRP A 1 6  ? 9.791   11.725  8.841   1.00 19.36 ? 6   TRP A CZ3 1 
ATOM   53   C CH2 . TRP A 1 6  ? 8.950   12.443  9.693   1.00 20.87 ? 6   TRP A CH2 1 
ATOM   54   N N   . GLN A 1 7  ? 10.063  4.490   8.723   1.00 19.35 ? 7   GLN A N   1 
ATOM   55   C CA  . GLN A 1 7  ? 10.732  3.344   8.136   1.00 18.35 ? 7   GLN A CA  1 
ATOM   56   C C   . GLN A 1 7  ? 9.542   2.671   7.434   1.00 19.00 ? 7   GLN A C   1 
ATOM   57   O O   . GLN A 1 7  ? 8.413   3.116   7.585   1.00 17.71 ? 7   GLN A O   1 
ATOM   58   C CB  . GLN A 1 7  ? 11.356  2.428   9.265   1.00 18.98 ? 7   GLN A CB  1 
ATOM   59   C CG  . GLN A 1 7  ? 11.768  2.911   10.667  1.00 23.89 ? 7   GLN A CG  1 
ATOM   60   C CD  . GLN A 1 7  ? 10.567  3.199   11.614  1.00 28.93 ? 7   GLN A CD  1 
ATOM   61   O OE1 . GLN A 1 7  ? 9.418   3.691   11.446  1.00 29.54 ? 7   GLN A OE1 1 
ATOM   62   N NE2 . GLN A 1 7  ? 10.736  2.939   12.948  1.00 30.42 ? 7   GLN A NE2 1 
ATOM   63   N N   . ARG A 1 8  ? 9.783   1.674   6.602   1.00 18.90 ? 8   ARG A N   1 
ATOM   64   C CA  . ARG A 1 8  ? 8.777   0.864   6.061   1.00 13.29 ? 8   ARG A CA  1 
ATOM   65   C C   . ARG A 1 8  ? 8.190   0.028   7.121   1.00 19.67 ? 8   ARG A C   1 
ATOM   66   O O   . ARG A 1 8  ? 9.017   -0.514  7.852   1.00 21.15 ? 8   ARG A O   1 
ATOM   67   C CB  . ARG A 1 8  ? 9.380   -0.004  4.943   1.00 17.67 ? 8   ARG A CB  1 
ATOM   68   C CG  . ARG A 1 8  ? 9.895   0.771   3.725   1.00 18.45 ? 8   ARG A CG  1 
ATOM   69   C CD  . ARG A 1 8  ? 10.545  -0.162  2.699   1.00 20.01 ? 8   ARG A CD  1 
ATOM   70   N NE  . ARG A 1 8  ? 11.038  0.576   1.533   1.00 34.80 ? 8   ARG A NE  1 
ATOM   71   C CZ  . ARG A 1 8  ? 11.651  0.019   0.479   1.00 45.67 ? 8   ARG A CZ  1 
ATOM   72   N NH1 . ARG A 1 8  ? 12.064  0.773   -0.535  1.00 46.96 ? 8   ARG A NH1 1 
ATOM   73   N NH2 . ARG A 1 8  ? 11.916  -1.298  0.439   1.00 55.39 ? 8   ARG A NH2 1 
ATOM   74   N N   . PRO A 1 9  ? 6.877   -0.127  7.314   1.00 16.18 ? 9   PRO A N   1 
ATOM   75   C CA  . PRO A 1 9  ? 6.328   -0.999  8.349   1.00 15.82 ? 9   PRO A CA  1 
ATOM   76   C C   . PRO A 1 9  ? 6.514   -2.530  8.039   1.00 17.80 ? 9   PRO A C   1 
ATOM   77   O O   . PRO A 1 9  ? 5.725   -3.123  7.307   1.00 17.84 ? 9   PRO A O   1 
ATOM   78   C CB  . PRO A 1 9  ? 4.914   -0.493  8.463   1.00 15.27 ? 9   PRO A CB  1 
ATOM   79   C CG  . PRO A 1 9  ? 4.568   -0.192  7.069   1.00 14.29 ? 9   PRO A CG  1 
ATOM   80   C CD  . PRO A 1 9  ? 5.806   0.511   6.538   1.00 13.67 ? 9   PRO A CD  1 
ATOM   81   N N   . VAL A 1 10 ? 7.572   -3.116  8.593   1.00 19.36 ? 10  VAL A N   1 
ATOM   82   C CA  . VAL A 1 10 ? 7.890   -4.523  8.386   1.00 22.91 ? 10  VAL A CA  1 
ATOM   83   C C   . VAL A 1 10 ? 7.512   -5.409  9.590   1.00 25.74 ? 10  VAL A C   1 
ATOM   84   O O   . VAL A 1 10 ? 8.158   -5.350  10.663  1.00 25.51 ? 10  VAL A O   1 
ATOM   85   C CB  . VAL A 1 10 ? 9.388   -4.732  8.044   1.00 25.28 ? 10  VAL A CB  1 
ATOM   86   C CG1 . VAL A 1 10 ? 10.317  -4.171  9.162   1.00 27.54 ? 10  VAL A CG1 1 
ATOM   87   C CG2 . VAL A 1 10 ? 9.656   -6.204  7.817   1.00 25.97 ? 10  VAL A CG2 1 
ATOM   88   N N   . VAL A 1 11 ? 6.480   -6.232  9.405   1.00 26.87 ? 11  VAL A N   1 
ATOM   89   C CA  . VAL A 1 11 ? 6.002   -7.115  10.461  1.00 26.46 ? 11  VAL A CA  1 
ATOM   90   C C   . VAL A 1 11 ? 6.306   -8.591  10.146  1.00 27.53 ? 11  VAL A C   1 
ATOM   91   O O   . VAL A 1 11 ? 6.101   -9.053  9.021   1.00 27.70 ? 11  VAL A O   1 
ATOM   92   C CB  . VAL A 1 11 ? 4.485   -6.937  10.663  1.00 25.71 ? 11  VAL A CB  1 
ATOM   93   C CG1 . VAL A 1 11 ? 3.705   -7.677  9.589   1.00 23.62 ? 11  VAL A CG1 1 
ATOM   94   C CG2 . VAL A 1 11 ? 4.081   -7.411  12.027  1.00 26.66 ? 11  VAL A CG2 1 
ATOM   95   N N   . THR A 1 12 ? 6.803   -9.331  11.135  1.00 29.00 ? 12  THR A N   1 
ATOM   96   C CA  . THR A 1 12 ? 7.102   -10.756 10.926  1.00 27.74 ? 12  THR A CA  1 
ATOM   97   C C   . THR A 1 12 ? 5.800   -11.626 11.110  1.00 24.37 ? 12  THR A C   1 
ATOM   98   O O   . THR A 1 12 ? 5.061   -11.464 12.091  1.00 23.40 ? 12  THR A O   1 
ATOM   99   C CB  . THR A 1 12 ? 8.191   -11.281 11.913  1.00 28.98 ? 12  THR A CB  1 
ATOM   100  O OG1 . THR A 1 12 ? 9.399   -10.509 11.780  1.00 28.15 ? 12  THR A OG1 1 
ATOM   101  C CG2 . THR A 1 12 ? 8.477   -12.763 11.628  1.00 29.13 ? 12  THR A CG2 1 
ATOM   102  N N   . ILE A 1 13 ? 5.518   -12.476 10.130  1.00 22.12 ? 13  ILE A N   1 
ATOM   103  C CA  . ILE A 1 13 ? 4.350   -13.340 10.192  1.00 21.02 ? 13  ILE A CA  1 
ATOM   104  C C   . ILE A 1 13 ? 4.767   -14.787 10.198  1.00 19.73 ? 13  ILE A C   1 
ATOM   105  O O   . ILE A 1 13 ? 5.879   -15.116 9.835   1.00 19.95 ? 13  ILE A O   1 
ATOM   106  C CB  . ILE A 1 13 ? 3.381   -13.099 9.007   1.00 19.74 ? 13  ILE A CB  1 
ATOM   107  C CG1 . ILE A 1 13 ? 4.024   -13.477 7.694   1.00 18.29 ? 13  ILE A CG1 1 
ATOM   108  C CG2 . ILE A 1 13 ? 2.929   -11.662 8.978   1.00 18.23 ? 13  ILE A CG2 1 
ATOM   109  C CD1 . ILE A 1 13 ? 3.142   -13.201 6.485   1.00 17.00 ? 13  ILE A CD1 1 
ATOM   110  N N   . LYS A 1 14 ? 3.891   -15.653 10.676  1.00 19.55 ? 14  LYS A N   1 
ATOM   111  C CA  . LYS A 1 14 ? 4.193   -17.074 10.692  1.00 20.55 ? 14  LYS A CA  1 
ATOM   112  C C   . LYS A 1 14 ? 3.124   -17.739 9.896   1.00 19.02 ? 14  LYS A C   1 
ATOM   113  O O   . LYS A 1 14 ? 1.944   -17.640 10.212  1.00 18.86 ? 14  LYS A O   1 
ATOM   114  C CB  . LYS A 1 14 ? 4.330   -17.573 12.135  1.00 21.47 ? 14  LYS A CB  1 
ATOM   115  C CG  . LYS A 1 14 ? 4.867   -19.001 12.265  1.00 23.77 ? 14  LYS A CG  1 
ATOM   116  C CD  . LYS A 1 14 ? 5.107   -19.459 13.709  1.00 25.04 ? 14  LYS A CD  1 
ATOM   117  C CE  . LYS A 1 14 ? 5.812   -20.795 13.914  1.00 27.08 ? 14  LYS A CE  1 
ATOM   118  N NZ  . LYS A 1 14 ? 7.176   -20.854 13.292  1.00 28.99 ? 14  LYS A NZ  1 
ATOM   119  N N   . ILE A 1 15 ? 3.531   -18.316 8.776   1.00 19.86 ? 15  ILE A N   1 
ATOM   120  C CA  . ILE A 1 15 ? 2.623   -18.996 7.862   1.00 22.28 ? 15  ILE A CA  1 
ATOM   121  C C   . ILE A 1 15 ? 3.268   -20.292 7.460   1.00 24.20 ? 15  ILE A C   1 
ATOM   122  O O   . ILE A 1 15 ? 4.412   -20.305 7.059   1.00 24.96 ? 15  ILE A O   1 
ATOM   123  C CB  . ILE A 1 15 ? 2.340   -18.116 6.612   1.00 20.72 ? 15  ILE A CB  1 
ATOM   124  C CG1 . ILE A 1 15 ? 1.278   -18.732 5.759   1.00 19.14 ? 15  ILE A CG1 1 
ATOM   125  C CG2 . ILE A 1 15 ? 3.605   -17.885 5.824   1.00 19.71 ? 15  ILE A CG2 1 
ATOM   126  C CD1 . ILE A 1 15 ? 0.924   -17.893 4.572   1.00 17.82 ? 15  ILE A CD1 1 
ATOM   127  N N   . GLY A 1 16 ? 2.554   -21.400 7.648   1.00 26.83 ? 16  GLY A N   1 
ATOM   128  C CA  . GLY A 1 16 ? 3.096   -22.704 7.307   1.00 29.31 ? 16  GLY A CA  1 
ATOM   129  C C   . GLY A 1 16 ? 4.104   -23.177 8.346   1.00 32.08 ? 16  GLY A C   1 
ATOM   130  O O   . GLY A 1 16 ? 4.874   -24.116 8.091   1.00 32.52 ? 16  GLY A O   1 
ATOM   131  N N   . GLY A 1 17 ? 4.071   -22.568 9.534   1.00 33.75 ? 17  GLY A N   1 
ATOM   132  C CA  . GLY A 1 17 ? 5.007   -22.933 10.590  1.00 36.55 ? 17  GLY A CA  1 
ATOM   133  C C   . GLY A 1 17 ? 6.383   -22.349 10.314  1.00 38.63 ? 17  GLY A C   1 
ATOM   134  O O   . GLY A 1 17 ? 7.384   -22.708 10.945  1.00 39.80 ? 17  GLY A O   1 
ATOM   135  N N   . GLN A 1 18 ? 6.428   -21.446 9.342   1.00 38.62 ? 18  GLN A N   1 
ATOM   136  C CA  . GLN A 1 18 ? 7.654   -20.791 8.944   1.00 37.94 ? 18  GLN A CA  1 
ATOM   137  C C   . GLN A 1 18 ? 7.440   -19.356 9.263   1.00 37.55 ? 18  GLN A C   1 
ATOM   138  O O   . GLN A 1 18 ? 6.314   -18.885 9.307   1.00 37.89 ? 18  GLN A O   1 
ATOM   139  C CB  . GLN A 1 18 ? 7.847   -20.931 7.453   1.00 37.51 ? 18  GLN A CB  1 
ATOM   140  C CG  . GLN A 1 18 ? 9.134   -21.556 6.951   1.00 41.18 ? 18  GLN A CG  1 
ATOM   141  C CD  . GLN A 1 18 ? 9.154   -21.702 5.424   1.00 43.40 ? 18  GLN A CD  1 
ATOM   142  O OE1 . GLN A 1 18 ? 9.981   -21.205 4.623   1.00 42.94 ? 18  GLN A OE1 1 
ATOM   143  N NE2 . GLN A 1 18 ? 8.134   -22.472 4.898   1.00 45.32 ? 18  GLN A NE2 1 
ATOM   144  N N   . LEU A 1 19 ? 8.513   -18.663 9.597   1.00 38.28 ? 19  LEU A N   1 
ATOM   145  C CA  . LEU A 1 19 ? 8.440   -17.242 9.902   1.00 37.85 ? 19  LEU A CA  1 
ATOM   146  C C   . LEU A 1 19 ? 8.967   -16.504 8.653   1.00 37.03 ? 19  LEU A C   1 
ATOM   147  O O   . LEU A 1 19 ? 9.854   -17.027 7.931   1.00 37.07 ? 19  LEU A O   1 
ATOM   148  C CB  . LEU A 1 19 ? 9.341   -16.909 11.115  1.00 38.23 ? 19  LEU A CB  1 
ATOM   149  C CG  . LEU A 1 19 ? 8.929   -17.570 12.446  1.00 37.35 ? 19  LEU A CG  1 
ATOM   150  C CD1 . LEU A 1 19 ? 10.134  -18.208 13.133  1.00 36.75 ? 19  LEU A CD1 1 
ATOM   151  C CD2 . LEU A 1 19 ? 8.290   -16.527 13.338  1.00 36.97 ? 19  LEU A CD2 1 
ATOM   152  N N   . MET A 1 20 ? 8.400   -15.331 8.376   1.00 35.82 ? 20  MET A N   1 
ATOM   153  C CA  . MET A 1 20 ? 8.797   -14.509 7.227   1.00 33.09 ? 20  MET A CA  1 
ATOM   154  C C   . MET A 1 20 ? 8.549   -12.991 7.561   1.00 31.69 ? 20  MET A C   1 
ATOM   155  O O   . MET A 1 20 ? 7.832   -12.664 8.494   1.00 33.25 ? 20  MET A O   1 
ATOM   156  C CB  . MET A 1 20 ? 7.877   -14.770 6.030   1.00 30.10 ? 20  MET A CB  1 
ATOM   157  C CG  . MET A 1 20 ? 7.523   -16.161 5.571   1.00 29.89 ? 20  MET A CG  1 
ATOM   158  S SD  . MET A 1 20 ? 6.066   -16.082 4.534   1.00 30.41 ? 20  MET A SD  1 
ATOM   159  C CE  . MET A 1 20 ? 6.826   -16.171 2.893   1.00 32.30 ? 20  MET A CE  1 
ATOM   160  N N   . GLU A 1 21 ? 9.198   -12.103 6.826   1.00 29.86 ? 21  GLU A N   1 
ATOM   161  C CA  . GLU A 1 21 ? 9.007   -10.671 7.026   1.00 27.19 ? 21  GLU A CA  1 
ATOM   162  C C   . GLU A 1 21 ? 7.905   -10.242 6.043   1.00 23.63 ? 21  GLU A C   1 
ATOM   163  O O   . GLU A 1 21 ? 7.783   -10.814 4.972   1.00 24.17 ? 21  GLU A O   1 
ATOM   164  C CB  . GLU A 1 21 ? 10.247  -9.892  6.631   1.00 28.62 ? 21  GLU A CB  1 
ATOM   165  C CG  . GLU A 1 21 ? 11.537  -10.133 7.389   1.00 30.73 ? 21  GLU A CG  1 
ATOM   166  C CD  . GLU A 1 21 ? 12.315  -8.836  7.631   1.00 31.56 ? 21  GLU A CD  1 
ATOM   167  O OE1 . GLU A 1 21 ? 12.288  -8.322  8.784   1.00 33.43 ? 21  GLU A OE1 1 
ATOM   168  O OE2 . GLU A 1 21 ? 12.924  -8.321  6.664   1.00 29.11 ? 21  GLU A OE2 1 
ATOM   169  N N   . ALA A 1 22 ? 7.106   -9.254  6.417   1.00 19.44 ? 22  ALA A N   1 
ATOM   170  C CA  . ALA A 1 22 ? 6.041   -8.774  5.555   1.00 15.97 ? 22  ALA A CA  1 
ATOM   171  C C   . ALA A 1 22 ? 5.859   -7.291  5.738   1.00 15.32 ? 22  ALA A C   1 
ATOM   172  O O   . ALA A 1 22 ? 6.276   -6.721  6.744   1.00 14.67 ? 22  ALA A O   1 
ATOM   173  C CB  . ALA A 1 22 ? 4.754   -9.509  5.878   1.00 17.75 ? 22  ALA A CB  1 
ATOM   174  N N   . LEU A 1 23 ? 5.178   -6.671  4.789   1.00 13.29 ? 23  LEU A N   1 
ATOM   175  C CA  . LEU A 1 23 ? 4.926   -5.240  4.806   1.00 13.56 ? 23  LEU A CA  1 
ATOM   176  C C   . LEU A 1 23 ? 3.431   -4.938  5.140   1.00 14.14 ? 23  LEU A C   1 
ATOM   177  O O   . LEU A 1 23 ? 2.551   -5.503  4.510   1.00 15.24 ? 23  LEU A O   1 
ATOM   178  C CB  . LEU A 1 23 ? 5.167   -4.700  3.398   1.00 10.79 ? 23  LEU A CB  1 
ATOM   179  C CG  . LEU A 1 23 ? 4.928   -3.241  3.016   1.00 9.96  ? 23  LEU A CG  1 
ATOM   180  C CD1 . LEU A 1 23 ? 6.125   -2.399  3.434   1.00 4.60  ? 23  LEU A CD1 1 
ATOM   181  C CD2 . LEU A 1 23 ? 4.709   -3.151  1.518   1.00 7.08  ? 23  LEU A CD2 1 
ATOM   182  N N   . ILE A 1 24 ? 3.173   -4.050  6.106   1.00 13.10 ? 24  ILE A N   1 
ATOM   183  C CA  . ILE A 1 24 ? 1.797   -3.674  6.463   1.00 13.76 ? 24  ILE A CA  1 
ATOM   184  C C   . ILE A 1 24 ? 1.338   -2.649  5.430   1.00 13.99 ? 24  ILE A C   1 
ATOM   185  O O   . ILE A 1 24 ? 1.572   -1.454  5.585   1.00 14.59 ? 24  ILE A O   1 
ATOM   186  C CB  . ILE A 1 24 ? 1.728   -3.037  7.868   1.00 15.17 ? 24  ILE A CB  1 
ATOM   187  C CG1 . ILE A 1 24 ? 2.297   -4.013  8.908   1.00 17.45 ? 24  ILE A CG1 1 
ATOM   188  C CG2 . ILE A 1 24 ? 0.295   -2.703  8.221   1.00 11.45 ? 24  ILE A CG2 1 
ATOM   189  C CD1 . ILE A 1 24 ? 2.442   -3.438  10.289  1.00 17.57 ? 24  ILE A CD1 1 
ATOM   190  N N   . ASP A 1 25 ? 0.606   -3.104  4.427   1.00 13.36 ? 25  ASP A N   1 
ATOM   191  C CA  . ASP A 1 25 ? 0.202   -2.229  3.337   1.00 15.77 ? 25  ASP A CA  1 
ATOM   192  C C   . ASP A 1 25 ? -1.271  -1.989  3.276   1.00 16.11 ? 25  ASP A C   1 
ATOM   193  O O   . ASP A 1 25 ? -1.997  -2.823  2.819   1.00 17.93 ? 25  ASP A O   1 
ATOM   194  C CB  . ASP A 1 25 ? 0.899   -2.823  1.989   1.00 14.21 ? 25  ASP A CB  1 
ATOM   195  C CG  . ASP A 1 25 ? 0.398   -2.188  0.703   1.00 14.25 ? 25  ASP A CG  1 
ATOM   196  O OD1 . ASP A 1 25 ? 0.749   -2.730  -0.360  1.00 13.01 ? 25  ASP A OD1 1 
ATOM   197  O OD2 . ASP A 1 25 ? -0.330  -1.183  0.723   1.00 13.92 ? 25  ASP A OD2 1 
ATOM   198  N N   . THR A 1 26 ? -1.700  -0.790  3.657   1.00 15.43 ? 26  THR A N   1 
ATOM   199  C CA  . THR A 1 26 ? -3.115  -0.450  3.630   1.00 14.54 ? 26  THR A CA  1 
ATOM   200  C C   . THR A 1 26 ? -3.748  -0.171  2.229   1.00 17.07 ? 26  THR A C   1 
ATOM   201  O O   . THR A 1 26 ? -4.961  0.011   2.146   1.00 18.11 ? 26  THR A O   1 
ATOM   202  C CB  . THR A 1 26 ? -3.415  0.744   4.540   1.00 15.43 ? 26  THR A CB  1 
ATOM   203  O OG1 . THR A 1 26 ? -2.575  1.856   4.196   1.00 16.42 ? 26  THR A OG1 1 
ATOM   204  C CG2 . THR A 1 26 ? -3.187  0.368   5.982   1.00 18.00 ? 26  THR A CG2 1 
ATOM   205  N N   . GLY A 1 27 ? -2.935  -0.100  1.169   1.00 16.80 ? 27  GLY A N   1 
ATOM   206  C CA  . GLY A 1 27 ? -3.457  0.150   -0.172  1.00 16.76 ? 27  GLY A CA  1 
ATOM   207  C C   . GLY A 1 27 ? -3.835  -1.105  -0.960  1.00 19.02 ? 27  GLY A C   1 
ATOM   208  O O   . GLY A 1 27 ? -4.564  -1.045  -1.973  1.00 19.41 ? 27  GLY A O   1 
ATOM   209  N N   . ALA A 1 28 ? -3.325  -2.244  -0.495  1.00 18.34 ? 28  ALA A N   1 
ATOM   210  C CA  . ALA A 1 28 ? -3.553  -3.546  -1.098  1.00 17.21 ? 28  ALA A CA  1 
ATOM   211  C C   . ALA A 1 28 ? -4.757  -4.191  -0.545  1.00 17.54 ? 28  ALA A C   1 
ATOM   212  O O   . ALA A 1 28 ? -4.867  -4.397  0.665   1.00 17.35 ? 28  ALA A O   1 
ATOM   213  C CB  . ALA A 1 28 ? -2.350  -4.449  -0.862  1.00 14.69 ? 28  ALA A CB  1 
ATOM   214  N N   . ASP A 1 29 ? -5.659  -4.590  -1.428  1.00 16.38 ? 29  ASP A N   1 
ATOM   215  C CA  . ASP A 1 29 ? -6.875  -5.243  -1.008  1.00 16.72 ? 29  ASP A CA  1 
ATOM   216  C C   . ASP A 1 29 ? -6.606  -6.615  -0.618  1.00 15.09 ? 29  ASP A C   1 
ATOM   217  O O   . ASP A 1 29 ? -7.213  -7.131  0.306   1.00 17.28 ? 29  ASP A O   1 
ATOM   218  C CB  . ASP A 1 29 ? -7.841  -5.345  -2.142  1.00 17.67 ? 29  ASP A CB  1 
ATOM   219  C CG  . ASP A 1 29 ? -8.182  -3.993  -2.734  1.00 18.48 ? 29  ASP A CG  1 
ATOM   220  O OD1 . ASP A 1 29 ? -8.260  -3.883  -3.969  1.00 18.60 ? 29  ASP A OD1 1 
ATOM   221  O OD2 . ASP A 1 29 ? -8.378  -3.042  -1.966  1.00 20.36 ? 29  ASP A OD2 1 
ATOM   222  N N   . ASP A 1 30 ? -5.688  -7.260  -1.317  1.00 12.05 ? 30  ASP A N   1 
ATOM   223  C CA  . ASP A 1 30 ? -5.380  -8.646  -1.025  1.00 12.80 ? 30  ASP A CA  1 
ATOM   224  C C   . ASP A 1 30 ? -4.113  -8.778  -0.383  1.00 11.10 ? 30  ASP A C   1 
ATOM   225  O O   . ASP A 1 30 ? -3.401  -7.853  -0.273  1.00 13.12 ? 30  ASP A O   1 
ATOM   226  C CB  . ASP A 1 30 ? -5.339  -9.435  -2.300  1.00 15.13 ? 30  ASP A CB  1 
ATOM   227  C CG  . ASP A 1 30 ? -6.652  -9.371  -3.070  1.00 18.93 ? 30  ASP A CG  1 
ATOM   228  O OD1 . ASP A 1 30 ? -7.688  -9.851  -2.550  1.00 19.69 ? 30  ASP A OD1 1 
ATOM   229  O OD2 . ASP A 1 30 ? -6.648  -8.848  -4.204  1.00 21.40 ? 30  ASP A OD2 1 
ATOM   230  N N   . THR A 1 31 ? -3.818  -9.969  0.107   1.00 12.03 ? 31  THR A N   1 
ATOM   231  C CA  . THR A 1 31 ? -2.541  -10.247 0.759   1.00 12.10 ? 31  THR A CA  1 
ATOM   232  C C   . THR A 1 31 ? -1.764  -11.097 -0.207  1.00 13.26 ? 31  THR A C   1 
ATOM   233  O O   . THR A 1 31 ? -2.183  -12.207 -0.518  1.00 13.67 ? 31  THR A O   1 
ATOM   234  C CB  . THR A 1 31 ? -2.736  -11.037 2.065   1.00 10.39 ? 31  THR A CB  1 
ATOM   235  O OG1 . THR A 1 31 ? -3.349  -10.193 3.054   1.00 14.06 ? 31  THR A OG1 1 
ATOM   236  C CG2 . THR A 1 31 ? -1.411  -11.561 2.574   1.00 10.28 ? 31  THR A CG2 1 
ATOM   237  N N   . VAL A 1 32 ? -0.630  -10.582 -0.676  1.00 14.46 ? 32  VAL A N   1 
ATOM   238  C CA  . VAL A 1 32 ? 0.214   -11.279 -1.649  1.00 14.72 ? 32  VAL A CA  1 
ATOM   239  C C   . VAL A 1 32 ? 1.576   -11.730 -1.068  1.00 15.39 ? 32  VAL A C   1 
ATOM   240  O O   . VAL A 1 32 ? 2.281   -10.958 -0.511  1.00 14.53 ? 32  VAL A O   1 
ATOM   241  C CB  . VAL A 1 32 ? 0.501   -10.377 -2.878  1.00 12.48 ? 32  VAL A CB  1 
ATOM   242  C CG1 . VAL A 1 32 ? 1.131   -11.200 -3.995  1.00 11.67 ? 32  VAL A CG1 1 
ATOM   243  C CG2 . VAL A 1 32 ? -0.786  -9.703  -3.352  1.00 12.90 ? 32  VAL A CG2 1 
ATOM   244  N N   . LEU A 1 33 ? 1.924   -12.992 -1.222  1.00 18.29 ? 33  LEU A N   1 
ATOM   245  C CA  . LEU A 1 33 ? 3.200   -13.464 -0.710  1.00 21.22 ? 33  LEU A CA  1 
ATOM   246  C C   . LEU A 1 33 ? 4.184   -13.891 -1.809  1.00 23.12 ? 33  LEU A C   1 
ATOM   247  O O   . LEU A 1 33 ? 3.856   -13.914 -3.015  1.00 21.86 ? 33  LEU A O   1 
ATOM   248  C CB  . LEU A 1 33 ? 2.966   -14.572 0.340   1.00 21.24 ? 33  LEU A CB  1 
ATOM   249  C CG  . LEU A 1 33 ? 2.961   -14.131 1.818   1.00 21.58 ? 33  LEU A CG  1 
ATOM   250  C CD1 . LEU A 1 33 ? 2.179   -12.842 2.037   1.00 21.34 ? 33  LEU A CD1 1 
ATOM   251  C CD2 . LEU A 1 33 ? 2.406   -15.252 2.644   1.00 21.86 ? 33  LEU A CD2 1 
ATOM   252  N N   . GLU A 1 34 ? 5.407   -14.171 -1.365  1.00 26.18 ? 34  GLU A N   1 
ATOM   253  C CA  . GLU A 1 34 ? 6.510   -14.601 -2.204  1.00 28.07 ? 34  GLU A CA  1 
ATOM   254  C C   . GLU A 1 34 ? 6.128   -15.919 -2.890  1.00 28.97 ? 34  GLU A C   1 
ATOM   255  O O   . GLU A 1 34 ? 5.296   -16.656 -2.402  1.00 29.90 ? 34  GLU A O   1 
ATOM   256  C CB  . GLU A 1 34 ? 7.722   -14.918 -1.318  1.00 28.82 ? 34  GLU A CB  1 
ATOM   257  C CG  . GLU A 1 34 ? 9.119   -14.509 -1.730  1.00 32.77 ? 34  GLU A CG  1 
ATOM   258  C CD  . GLU A 1 34 ? 9.363   -12.999 -1.589  1.00 34.89 ? 34  GLU A CD  1 
ATOM   259  O OE1 . GLU A 1 34 ? 10.057  -12.591 -0.619  1.00 34.03 ? 34  GLU A OE1 1 
ATOM   260  O OE2 . GLU A 1 34 ? 8.850   -12.223 -2.438  1.00 34.45 ? 34  GLU A OE2 1 
ATOM   261  N N   . GLU A 1 35 ? 6.785   -16.213 -4.001  1.00 30.72 ? 35  GLU A N   1 
ATOM   262  C CA  . GLU A 1 35 ? 6.543   -17.422 -4.773  1.00 31.24 ? 35  GLU A CA  1 
ATOM   263  C C   . GLU A 1 35 ? 6.902   -18.639 -3.879  1.00 31.14 ? 35  GLU A C   1 
ATOM   264  O O   . GLU A 1 35 ? 8.044   -18.752 -3.412  1.00 29.32 ? 35  GLU A O   1 
ATOM   265  C CB  . GLU A 1 35 ? 7.415   -17.357 -6.055  1.00 33.40 ? 35  GLU A CB  1 
ATOM   266  C CG  . GLU A 1 35 ? 7.341   -18.078 -7.382  1.00 37.60 ? 35  GLU A CG  1 
ATOM   267  C CD  . GLU A 1 35 ? 6.098   -17.705 -8.160  1.00 40.20 ? 35  GLU A CD  1 
ATOM   268  O OE1 . GLU A 1 35 ? 5.027   -18.307 -7.885  1.00 42.27 ? 35  GLU A OE1 1 
ATOM   269  O OE2 . GLU A 1 35 ? 6.189   -16.807 -9.034  1.00 40.40 ? 35  GLU A OE2 1 
ATOM   270  N N   . MET A 1 36 ? 5.915   -19.502 -3.617  1.00 32.14 ? 36  MET A N   1 
ATOM   271  C CA  . MET A 1 36 ? 6.104   -20.691 -2.788  1.00 31.92 ? 36  MET A CA  1 
ATOM   272  C C   . MET A 1 36 ? 4.810   -21.452 -2.680  1.00 30.48 ? 36  MET A C   1 
ATOM   273  O O   . MET A 1 36 ? 3.750   -20.931 -3.034  1.00 29.61 ? 36  MET A O   1 
ATOM   274  C CB  . MET A 1 36 ? 6.428   -20.300 -1.304  1.00 34.12 ? 36  MET A CB  1 
ATOM   275  C CG  . MET A 1 36 ? 5.235   -19.776 -0.492  1.00 34.84 ? 36  MET A CG  1 
ATOM   276  S SD  . MET A 1 36 ? 5.655   -19.382 1.221   1.00 37.68 ? 36  MET A SD  1 
ATOM   277  C CE  . MET A 1 36 ? 5.430   -21.006 1.983   1.00 38.39 ? 36  MET A CE  1 
ATOM   278  N N   . ASP A 1 37 ? 4.887   -22.671 -2.147  1.00 30.79 ? 37  ASP A N   1 
ATOM   279  C CA  . ASP A 1 37 ? 3.705   -23.502 -1.963  1.00 31.22 ? 37  ASP A CA  1 
ATOM   280  C C   . ASP A 1 37 ? 3.541   -23.766 -0.500  1.00 30.19 ? 37  ASP A C   1 
ATOM   281  O O   . ASP A 1 37 ? 4.468   -24.186 0.202   1.00 29.64 ? 37  ASP A O   1 
ATOM   282  C CB  . ASP A 1 37 ? 3.710   -24.774 -2.974  1.00 32.27 ? 37  ASP A CB  1 
ATOM   283  C CG  . ASP A 1 37 ? 5.003   -25.582 -2.925  1.00 32.77 ? 37  ASP A CG  1 
ATOM   284  O OD1 . ASP A 1 37 ? 5.451   -26.074 -3.995  1.00 28.79 ? 37  ASP A OD1 1 
ATOM   285  O OD2 . ASP A 1 37 ? 5.558   -25.740 -1.816  1.00 35.32 ? 37  ASP A OD2 1 
ATOM   286  N N   . LEU A 1 38 ? 2.365   -23.420 -0.017  1.00 29.85 ? 38  LEU A N   1 
ATOM   287  C CA  . LEU A 1 38 ? 2.016   -23.582 1.378   1.00 30.55 ? 38  LEU A CA  1 
ATOM   288  C C   . LEU A 1 38 ? 0.931   -24.741 1.488   1.00 31.70 ? 38  LEU A C   1 
ATOM   289  O O   . LEU A 1 38 ? 0.552   -25.339 0.458   1.00 32.19 ? 38  LEU A O   1 
ATOM   290  C CB  . LEU A 1 38 ? 1.523   -22.238 1.891   1.00 27.46 ? 38  LEU A CB  1 
ATOM   291  C CG  . LEU A 1 38 ? 0.562   -21.548 0.975   1.00 23.50 ? 38  LEU A CG  1 
ATOM   292  C CD1 . LEU A 1 38 ? -0.816  -21.566 1.559   1.00 25.46 ? 38  LEU A CD1 1 
ATOM   293  C CD2 . LEU A 1 38 ? 1.020   -20.155 0.780   1.00 23.03 ? 38  LEU A CD2 1 
ATOM   294  N N   . PRO A 1 39 ? 0.490   -25.082 2.714   1.00 31.97 ? 39  PRO A N   1 
ATOM   295  C CA  . PRO A 1 39 ? -0.511  -26.136 2.919   1.00 32.02 ? 39  PRO A CA  1 
ATOM   296  C C   . PRO A 1 39 ? -1.860  -25.848 2.208   1.00 30.60 ? 39  PRO A C   1 
ATOM   297  O O   . PRO A 1 39 ? -2.497  -24.812 2.457   1.00 29.69 ? 39  PRO A O   1 
ATOM   298  C CB  . PRO A 1 39 ? -0.691  -26.147 4.448   1.00 33.28 ? 39  PRO A CB  1 
ATOM   299  C CG  . PRO A 1 39 ? 0.663   -25.760 4.934   1.00 34.98 ? 39  PRO A CG  1 
ATOM   300  C CD  . PRO A 1 39 ? 1.008   -24.606 4.009   1.00 33.03 ? 39  PRO A CD  1 
ATOM   301  N N   . GLY A 1 40 ? -2.261  -26.751 1.314   1.00 27.84 ? 40  GLY A N   1 
ATOM   302  C CA  . GLY A 1 40 ? -3.515  -26.578 0.607   1.00 24.28 ? 40  GLY A CA  1 
ATOM   303  C C   . GLY A 1 40 ? -3.462  -26.537 -0.903  1.00 21.85 ? 40  GLY A C   1 
ATOM   304  O O   . GLY A 1 40 ? -2.413  -26.455 -1.515  1.00 21.50 ? 40  GLY A O   1 
ATOM   305  N N   . ARG A 1 41 ? -4.647  -26.585 -1.487  1.00 20.63 ? 41  ARG A N   1 
ATOM   306  C CA  . ARG A 1 41 ? -4.830  -26.552 -2.927  1.00 20.19 ? 41  ARG A CA  1 
ATOM   307  C C   . ARG A 1 41 ? -5.054  -25.121 -3.343  1.00 18.46 ? 41  ARG A C   1 
ATOM   308  O O   . ARG A 1 41 ? -5.435  -24.287 -2.528  1.00 16.31 ? 41  ARG A O   1 
ATOM   309  C CB  . ARG A 1 41 ? -6.122  -27.311 -3.322  1.00 20.22 ? 41  ARG A CB  1 
ATOM   310  C CG  . ARG A 1 41 ? -6.345  -28.641 -2.632  1.00 19.20 ? 41  ARG A CG  1 
ATOM   311  C CD  . ARG A 1 41 ? -5.953  -29.812 -3.495  1.00 19.77 ? 41  ARG A CD  1 
ATOM   312  N NE  . ARG A 1 41 ? -6.563  -29.714 -4.819  1.00 21.11 ? 41  ARG A NE  1 
ATOM   313  C CZ  . ARG A 1 41 ? -6.172  -30.434 -5.867  1.00 18.97 ? 41  ARG A CZ  1 
ATOM   314  N NH1 . ARG A 1 41 ? -6.765  -30.273 -7.048  1.00 18.51 ? 41  ARG A NH1 1 
ATOM   315  N NH2 . ARG A 1 41 ? -5.200  -31.325 -5.726  1.00 17.09 ? 41  ARG A NH2 1 
ATOM   316  N N   . TRP A 1 42 ? -4.885  -24.851 -4.633  1.00 18.16 ? 42  TRP A N   1 
ATOM   317  C CA  . TRP A 1 42 ? -5.071  -23.505 -5.148  1.00 15.48 ? 42  TRP A CA  1 
ATOM   318  C C   . TRP A 1 42 ? -5.883  -23.444 -6.444  1.00 15.37 ? 42  TRP A C   1 
ATOM   319  O O   . TRP A 1 42 ? -6.095  -24.453 -7.123  1.00 13.90 ? 42  TRP A O   1 
ATOM   320  C CB  . TRP A 1 42 ? -3.664  -22.759 -5.277  1.00 14.51 ? 42  TRP A CB  1 
ATOM   321  C CG  . TRP A 1 42 ? -2.651  -23.371 -6.233  1.00 12.94 ? 42  TRP A CG  1 
ATOM   322  C CD1 . TRP A 1 42 ? -1.696  -24.290 -5.932  1.00 12.88 ? 42  TRP A CD1 1 
ATOM   323  C CD2 . TRP A 1 42 ? -2.473  -23.057 -7.622  1.00 7.81  ? 42  TRP A CD2 1 
ATOM   324  N NE1 . TRP A 1 42 ? -0.940  -24.563 -7.044  1.00 11.23 ? 42  TRP A NE1 1 
ATOM   325  C CE2 . TRP A 1 42 ? -1.404  -23.819 -8.095  1.00 8.39  ? 42  TRP A CE2 1 
ATOM   326  C CE3 . TRP A 1 42 ? -3.127  -22.195 -8.513  1.00 10.49 ? 42  TRP A CE3 1 
ATOM   327  C CZ2 . TRP A 1 42 ? -0.971  -23.751 -9.413  1.00 7.05  ? 42  TRP A CZ2 1 
ATOM   328  C CZ3 . TRP A 1 42 ? -2.695  -22.126 -9.829  1.00 11.36 ? 42  TRP A CZ3 1 
ATOM   329  C CH2 . TRP A 1 42 ? -1.632  -22.900 -10.261 1.00 10.01 ? 42  TRP A CH2 1 
ATOM   330  N N   . LYS A 1 43 ? -6.376  -22.243 -6.727  1.00 15.73 ? 43  LYS A N   1 
ATOM   331  C CA  . LYS A 1 43 ? -7.153  -21.954 -7.921  1.00 16.82 ? 43  LYS A CA  1 
ATOM   332  C C   . LYS A 1 43 ? -6.419  -20.718 -8.523  1.00 17.74 ? 43  LYS A C   1 
ATOM   333  O O   . LYS A 1 43 ? -5.463  -20.212 -7.927  1.00 18.20 ? 43  LYS A O   1 
ATOM   334  C CB  . LYS A 1 43 ? -8.697  -21.851 -7.542  1.00 15.13 ? 43  LYS A CB  1 
ATOM   335  C CG  . LYS A 1 43 ? -8.941  -20.910 -6.388  1.00 20.90 ? 43  LYS A CG  1 
ATOM   336  C CD  . LYS A 1 43 ? -10.209 -20.970 -5.549  1.00 23.60 ? 43  LYS A CD  1 
ATOM   337  C CE  . LYS A 1 43 ? -10.412 -22.190 -4.619  1.00 29.10 ? 43  LYS A CE  1 
ATOM   338  N NZ  . LYS A 1 43 ? -11.069 -23.410 -5.229  1.00 29.56 ? 43  LYS A NZ  1 
ATOM   339  N N   . PRO A 1 44 ? -6.805  -20.280 -9.720  1.00 17.50 ? 44  PRO A N   1 
ATOM   340  C CA  . PRO A 1 44 ? -6.095  -19.130 -10.262 1.00 17.23 ? 44  PRO A CA  1 
ATOM   341  C C   . PRO A 1 44 ? -6.772  -17.803 -9.991  1.00 17.43 ? 44  PRO A C   1 
ATOM   342  O O   . PRO A 1 44 ? -7.970  -17.743 -9.684  1.00 17.88 ? 44  PRO A O   1 
ATOM   343  C CB  . PRO A 1 44 ? -6.080  -19.426 -11.789 1.00 18.32 ? 44  PRO A CB  1 
ATOM   344  C CG  . PRO A 1 44 ? -6.593  -20.844 -11.904 1.00 15.82 ? 44  PRO A CG  1 
ATOM   345  C CD  . PRO A 1 44 ? -7.559  -20.948 -10.781 1.00 16.47 ? 44  PRO A CD  1 
ATOM   346  N N   . LYS A 1 45 ? -5.985  -16.740 -10.108 1.00 16.43 ? 45  LYS A N   1 
ATOM   347  C CA  . LYS A 1 45 ? -6.446  -15.367 -9.944  1.00 16.15 ? 45  LYS A CA  1 
ATOM   348  C C   . LYS A 1 45 ? -5.397  -14.434 -10.628 1.00 17.50 ? 45  LYS A C   1 
ATOM   349  O O   . LYS A 1 45 ? -4.193  -14.758 -10.705 1.00 15.23 ? 45  LYS A O   1 
ATOM   350  C CB  . LYS A 1 45 ? -6.515  -14.989 -8.457  1.00 16.39 ? 45  LYS A CB  1 
ATOM   351  C CG  . LYS A 1 45 ? -7.237  -13.675 -8.185  1.00 18.47 ? 45  LYS A CG  1 
ATOM   352  C CD  . LYS A 1 45 ? -7.573  -13.349 -6.742  1.00 17.76 ? 45  LYS A CD  1 
ATOM   353  C CE  . LYS A 1 45 ? -8.263  -12.005 -6.542  1.00 22.04 ? 45  LYS A CE  1 
ATOM   354  N NZ  . LYS A 1 45 ? -9.649  -11.924 -7.106  1.00 26.01 ? 45  LYS A NZ  1 
ATOM   355  N N   . ILE A 1 46 ? -5.875  -13.354 -11.223 1.00 18.10 ? 46  ILE A N   1 
ATOM   356  C CA  . ILE A 1 46 ? -4.976  -12.392 -11.832 1.00 19.39 ? 46  ILE A CA  1 
ATOM   357  C C   . ILE A 1 46 ? -5.251  -11.122 -11.172 1.00 20.76 ? 46  ILE A C   1 
ATOM   358  O O   . ILE A 1 46 ? -6.380  -10.610 -11.214 1.00 21.00 ? 46  ILE A O   1 
ATOM   359  C CB  . ILE A 1 46 ? -5.186  -12.248 -13.345 1.00 20.34 ? 46  ILE A CB  1 
ATOM   360  C CG1 . ILE A 1 46 ? -4.888  -13.590 -14.049 1.00 21.46 ? 46  ILE A CG1 1 
ATOM   361  C CG2 . ILE A 1 46 ? -4.264  -11.164 -13.892 1.00 18.39 ? 46  ILE A CG2 1 
ATOM   362  C CD1 . ILE A 1 46 ? -4.838  -13.477 -15.559 1.00 21.83 ? 46  ILE A CD1 1 
ATOM   363  N N   . ILE A 1 47 ? -4.263  -10.622 -10.447 1.00 21.00 ? 47  ILE A N   1 
ATOM   364  C CA  . ILE A 1 47 ? -4.431  -9.360  -9.747  1.00 20.16 ? 47  ILE A CA  1 
ATOM   365  C C   . ILE A 1 47 ? -3.705  -8.289  -10.492 1.00 21.29 ? 47  ILE A C   1 
ATOM   366  O O   . ILE A 1 47 ? -2.895  -8.569  -11.392 1.00 19.38 ? 47  ILE A O   1 
ATOM   367  C CB  . ILE A 1 47 ? -3.958  -9.425  -8.264  1.00 17.08 ? 47  ILE A CB  1 
ATOM   368  C CG1 . ILE A 1 47 ? -2.731  -10.336 -8.129  1.00 17.11 ? 47  ILE A CG1 1 
ATOM   369  C CG2 . ILE A 1 47 ? -5.104  -9.862  -7.355  1.00 16.87 ? 47  ILE A CG2 1 
ATOM   370  C CD1 . ILE A 1 47 ? -1.854  -10.018 -6.945  1.00 17.08 ? 47  ILE A CD1 1 
ATOM   371  N N   . GLY A 1 48 ? -4.009  -7.048  -10.136 1.00 21.67 ? 48  GLY A N   1 
ATOM   372  C CA  . GLY A 1 48 ? -3.382  -5.926  -10.784 1.00 21.90 ? 48  GLY A CA  1 
ATOM   373  C C   . GLY A 1 48 ? -2.478  -5.194  -9.833  1.00 22.17 ? 48  GLY A C   1 
ATOM   374  O O   . GLY A 1 48 ? -2.565  -5.356  -8.624  1.00 21.70 ? 48  GLY A O   1 
ATOM   375  N N   . GLY A 1 49 ? -1.615  -4.372  -10.408 1.00 22.96 ? 49  GLY A N   1 
ATOM   376  C CA  . GLY A 1 49 ? -0.690  -3.596  -9.632  1.00 21.75 ? 49  GLY A CA  1 
ATOM   377  C C   . GLY A 1 49 ? -0.452  -2.386  -10.495 1.00 22.90 ? 49  GLY A C   1 
ATOM   378  O O   . GLY A 1 49 ? -1.072  -2.240  -11.558 1.00 20.77 ? 49  GLY A O   1 
ATOM   379  N N   . ILE A 1 50 ? 0.466   -1.536  -10.044 1.00 24.43 ? 50  ILE A N   1 
ATOM   380  C CA  . ILE A 1 50 ? 0.808   -0.317  -10.744 1.00 24.76 ? 50  ILE A CA  1 
ATOM   381  C C   . ILE A 1 50 ? 1.479   -0.624  -12.071 1.00 27.06 ? 50  ILE A C   1 
ATOM   382  O O   . ILE A 1 50 ? 1.219   0.051   -13.081 1.00 26.00 ? 50  ILE A O   1 
ATOM   383  C CB  . ILE A 1 50 ? 1.699   0.596   -9.867  1.00 23.61 ? 50  ILE A CB  1 
ATOM   384  C CG1 . ILE A 1 50 ? 1.372   2.015   -10.136 1.00 23.19 ? 50  ILE A CG1 1 
ATOM   385  C CG2 . ILE A 1 50 ? 3.195   0.318   -10.095 1.00 19.80 ? 50  ILE A CG2 1 
ATOM   386  C CD1 . ILE A 1 50 ? 1.959   2.959   -9.129  1.00 25.64 ? 50  ILE A CD1 1 
ATOM   387  N N   . GLY A 1 51 ? 2.328   -1.650  -12.080 1.00 26.54 ? 51  GLY A N   1 
ATOM   388  C CA  . GLY A 1 51 ? 3.008   -2.029  -13.309 1.00 26.30 ? 51  GLY A CA  1 
ATOM   389  C C   . GLY A 1 51 ? 2.325   -3.216  -13.965 1.00 26.51 ? 51  GLY A C   1 
ATOM   390  O O   . GLY A 1 51 ? 2.928   -4.268  -14.109 1.00 26.19 ? 51  GLY A O   1 
ATOM   391  N N   . GLY A 1 52 ? 1.049   -3.058  -14.305 1.00 25.63 ? 52  GLY A N   1 
ATOM   392  C CA  . GLY A 1 52 ? 0.307   -4.137  -14.939 1.00 28.70 ? 52  GLY A CA  1 
ATOM   393  C C   . GLY A 1 52 ? -0.363  -5.219  -14.084 1.00 28.90 ? 52  GLY A C   1 
ATOM   394  O O   . GLY A 1 52 ? -0.584  -5.052  -12.874 1.00 29.99 ? 52  GLY A O   1 
ATOM   395  N N   . PHE A 1 53 ? -0.784  -6.286  -14.760 1.00 28.62 ? 53  PHE A N   1 
ATOM   396  C CA  . PHE A 1 53 ? -1.437  -7.432  -14.144 1.00 28.20 ? 53  PHE A CA  1 
ATOM   397  C C   . PHE A 1 53 ? -0.478  -8.604  -14.036 1.00 28.01 ? 53  PHE A C   1 
ATOM   398  O O   . PHE A 1 53 ? 0.257   -8.909  -14.965 1.00 29.13 ? 53  PHE A O   1 
ATOM   399  C CB  . PHE A 1 53 ? -2.644  -7.862  -14.972 1.00 29.06 ? 53  PHE A CB  1 
ATOM   400  C CG  . PHE A 1 53 ? -3.811  -6.941  -14.843 1.00 31.53 ? 53  PHE A CG  1 
ATOM   401  C CD1 . PHE A 1 53 ? -4.891  -7.285  -14.034 1.00 31.90 ? 53  PHE A CD1 1 
ATOM   402  C CD2 . PHE A 1 53 ? -3.821  -5.718  -15.515 1.00 33.12 ? 53  PHE A CD2 1 
ATOM   403  C CE1 . PHE A 1 53 ? -5.962  -6.433  -13.893 1.00 34.22 ? 53  PHE A CE1 1 
ATOM   404  C CE2 . PHE A 1 53 ? -4.895  -4.855  -15.381 1.00 34.72 ? 53  PHE A CE2 1 
ATOM   405  C CZ  . PHE A 1 53 ? -5.967  -5.213  -14.568 1.00 34.07 ? 53  PHE A CZ  1 
ATOM   406  N N   . VAL A 1 54 ? -0.494  -9.268  -12.889 1.00 27.36 ? 54  VAL A N   1 
ATOM   407  C CA  . VAL A 1 54 ? 0.388   -10.402 -12.654 1.00 27.00 ? 54  VAL A CA  1 
ATOM   408  C C   . VAL A 1 54 ? -0.522  -11.671 -12.377 1.00 27.17 ? 54  VAL A C   1 
ATOM   409  O O   . VAL A 1 54 ? -1.748  -11.534 -12.125 1.00 25.57 ? 54  VAL A O   1 
ATOM   410  C CB  . VAL A 1 54 ? 1.370   -10.086 -11.463 1.00 27.77 ? 54  VAL A CB  1 
ATOM   411  C CG1 . VAL A 1 54 ? 0.621   -9.971  -10.145 1.00 28.25 ? 54  VAL A CG1 1 
ATOM   412  C CG2 . VAL A 1 54 ? 2.489   -11.104 -11.377 1.00 27.19 ? 54  VAL A CG2 1 
ATOM   413  N N   . LYS A 1 55 ? 0.042   -12.870 -12.502 1.00 26.87 ? 55  LYS A N   1 
ATOM   414  C CA  . LYS A 1 55 ? -0.757  -14.069 -12.261 1.00 26.19 ? 55  LYS A CA  1 
ATOM   415  C C   . LYS A 1 55 ? -0.326  -14.731 -11.028 1.00 24.15 ? 55  LYS A C   1 
ATOM   416  O O   . LYS A 1 55 ? 0.871   -14.972 -10.823 1.00 23.49 ? 55  LYS A O   1 
ATOM   417  C CB  . LYS A 1 55 ? -0.725  -15.006 -13.469 1.00 28.18 ? 55  LYS A CB  1 
ATOM   418  C CG  . LYS A 1 55 ? -1.859  -16.040 -13.357 1.00 34.01 ? 55  LYS A CG  1 
ATOM   419  C CD  . LYS A 1 55 ? -2.069  -17.028 -14.527 1.00 36.57 ? 55  LYS A CD  1 
ATOM   420  C CE  . LYS A 1 55 ? -3.088  -18.157 -14.332 1.00 37.18 ? 55  LYS A CE  1 
ATOM   421  N NZ  . LYS A 1 55 ? -3.192  -19.089 -15.514 1.00 36.51 ? 55  LYS A NZ  1 
ATOM   422  N N   . VAL A 1 56 ? -1.297  -15.025 -10.169 1.00 21.41 ? 56  VAL A N   1 
ATOM   423  C CA  . VAL A 1 56 ? -1.035  -15.660 -8.882  1.00 18.03 ? 56  VAL A CA  1 
ATOM   424  C C   . VAL A 1 56 ? -1.926  -16.835 -8.558  1.00 15.74 ? 56  VAL A C   1 
ATOM   425  O O   . VAL A 1 56 ? -2.968  -17.054 -9.172  1.00 12.98 ? 56  VAL A O   1 
ATOM   426  C CB  . VAL A 1 56 ? -1.169  -14.644 -7.712  1.00 16.48 ? 56  VAL A CB  1 
ATOM   427  C CG1 . VAL A 1 56 ? -0.009  -13.694 -7.711  1.00 14.39 ? 56  VAL A CG1 1 
ATOM   428  C CG2 . VAL A 1 56 ? -2.482  -13.868 -7.824  1.00 15.42 ? 56  VAL A CG2 1 
ATOM   429  N N   . ARG A 1 57 ? -1.486  -17.606 -7.576  1.00 15.60 ? 57  ARG A N   1 
ATOM   430  C CA  . ARG A 1 57 ? -2.228  -18.766 -7.094  1.00 15.24 ? 57  ARG A CA  1 
ATOM   431  C C   . ARG A 1 57 ? -3.037  -18.286 -5.882  1.00 15.51 ? 57  ARG A C   1 
ATOM   432  O O   . ARG A 1 57 ? -2.558  -17.448 -5.078  1.00 14.79 ? 57  ARG A O   1 
ATOM   433  C CB  . ARG A 1 57 ? -1.305  -19.780 -6.513  1.00 14.17 ? 57  ARG A CB  1 
ATOM   434  C CG  . ARG A 1 57 ? -0.364  -20.210 -7.594  1.00 17.16 ? 57  ARG A CG  1 
ATOM   435  C CD  . ARG A 1 57 ? 1.001   -20.603 -7.074  1.00 20.09 ? 57  ARG A CD  1 
ATOM   436  N NE  . ARG A 1 57 ? 1.065   -21.974 -6.606  1.00 21.76 ? 57  ARG A NE  1 
ATOM   437  C CZ  . ARG A 1 57 ? 2.157   -22.520 -6.086  1.00 25.03 ? 57  ARG A CZ  1 
ATOM   438  N NH1 . ARG A 1 57 ? 2.138   -23.784 -5.674  1.00 26.62 ? 57  ARG A NH1 1 
ATOM   439  N NH2 . ARG A 1 57 ? 3.279   -21.821 -5.993  1.00 27.97 ? 57  ARG A NH2 1 
ATOM   440  N N   . GLN A 1 58 ? -4.269  -18.759 -5.758  1.00 14.49 ? 58  GLN A N   1 
ATOM   441  C CA  . GLN A 1 58 ? -5.079  -18.352 -4.631  1.00 12.57 ? 58  GLN A CA  1 
ATOM   442  C C   . GLN A 1 58 ? -5.193  -19.456 -3.691  1.00 12.37 ? 58  GLN A C   1 
ATOM   443  O O   . GLN A 1 58 ? -5.590  -20.555 -4.050  1.00 12.82 ? 58  GLN A O   1 
ATOM   444  C CB  . GLN A 1 58 ? -6.423  -17.911 -5.091  1.00 11.38 ? 58  GLN A CB  1 
ATOM   445  C CG  . GLN A 1 58 ? -7.308  -17.303 -4.037  1.00 10.01 ? 58  GLN A CG  1 
ATOM   446  C CD  . GLN A 1 58 ? -8.645  -16.884 -4.589  1.00 10.37 ? 58  GLN A CD  1 
ATOM   447  O OE1 . GLN A 1 58 ? -9.672  -17.092 -3.996  1.00 12.07 ? 58  GLN A OE1 1 
ATOM   448  N NE2 . GLN A 1 58 ? -8.772  -16.271 -5.787  1.00 15.11 ? 58  GLN A NE2 1 
ATOM   449  N N   . TYR A 1 59 ? -4.710  -19.235 -2.481  1.00 15.33 ? 59  TYR A N   1 
ATOM   450  C CA  . TYR A 1 59 ? -4.814  -20.239 -1.440  1.00 17.06 ? 59  TYR A CA  1 
ATOM   451  C C   . TYR A 1 59 ? -5.864  -19.687 -0.531  1.00 17.39 ? 59  TYR A C   1 
ATOM   452  O O   . TYR A 1 59 ? -5.687  -18.667 0.068   1.00 18.57 ? 59  TYR A O   1 
ATOM   453  C CB  . TYR A 1 59 ? -3.439  -20.462 -0.712  1.00 17.87 ? 59  TYR A CB  1 
ATOM   454  C CG  . TYR A 1 59 ? -2.417  -21.343 -1.419  1.00 16.96 ? 59  TYR A CG  1 
ATOM   455  C CD1 . TYR A 1 59 ? -1.441  -20.793 -2.227  1.00 15.41 ? 59  TYR A CD1 1 
ATOM   456  C CD2 . TYR A 1 59 ? -2.391  -22.712 -1.195  1.00 17.74 ? 59  TYR A CD2 1 
ATOM   457  C CE1 . TYR A 1 59 ? -0.445  -21.589 -2.792  1.00 15.08 ? 59  TYR A CE1 1 
ATOM   458  C CE2 . TYR A 1 59 ? -1.397  -23.521 -1.755  1.00 17.81 ? 59  TYR A CE2 1 
ATOM   459  C CZ  . TYR A 1 59 ? -0.435  -22.946 -2.546  1.00 15.57 ? 59  TYR A CZ  1 
ATOM   460  O OH  . TYR A 1 59 ? 0.551   -23.733 -3.087  1.00 17.24 ? 59  TYR A OH  1 
ATOM   461  N N   . ASP A 1 60 ? -7.027  -20.318 -0.530  1.00 20.10 ? 60  ASP A N   1 
ATOM   462  C CA  . ASP A 1 60 ? -8.140  -19.891 0.306   1.00 21.71 ? 60  ASP A CA  1 
ATOM   463  C C   . ASP A 1 60 ? -8.075  -20.383 1.760   1.00 22.98 ? 60  ASP A C   1 
ATOM   464  O O   . ASP A 1 60 ? -7.426  -21.371 2.075   1.00 23.16 ? 60  ASP A O   1 
ATOM   465  C CB  . ASP A 1 60 ? -9.467  -20.478 -0.194  1.00 22.93 ? 60  ASP A CB  1 
ATOM   466  C CG  . ASP A 1 60 ? -10.067 -19.686 -1.328  1.00 24.06 ? 60  ASP A CG  1 
ATOM   467  O OD1 . ASP A 1 60 ? -10.859 -20.263 -2.105  1.00 25.69 ? 60  ASP A OD1 1 
ATOM   468  O OD2 . ASP A 1 60 ? -9.772  -18.484 -1.435  1.00 24.12 ? 60  ASP A OD2 1 
ATOM   469  N N   . GLN A 1 61 ? -8.747  -19.626 2.622   1.00 24.07 ? 61  GLN A N   1 
ATOM   470  C CA  . GLN A 1 61 ? -8.884  -19.916 4.040   1.00 23.61 ? 61  GLN A CA  1 
ATOM   471  C C   . GLN A 1 61 ? -7.633  -20.517 4.760   1.00 23.02 ? 61  GLN A C   1 
ATOM   472  O O   . GLN A 1 61 ? -7.735  -21.557 5.416   1.00 21.12 ? 61  GLN A O   1 
ATOM   473  C CB  . GLN A 1 61 ? -10.278 -20.696 4.241   1.00 26.55 ? 61  GLN A CB  1 
ATOM   474  C CG  . GLN A 1 61 ? -11.252 -19.596 3.722   1.00 31.48 ? 61  GLN A CG  1 
ATOM   475  C CD  . GLN A 1 61 ? -12.472 -20.126 2.958   1.00 33.31 ? 61  GLN A CD  1 
ATOM   476  O OE1 . GLN A 1 61 ? -13.593 -20.480 3.358   1.00 33.96 ? 61  GLN A OE1 1 
ATOM   477  N NE2 . GLN A 1 61 ? -12.350 -20.138 1.626   1.00 33.41 ? 61  GLN A NE2 1 
ATOM   478  N N   . ILE A 1 62 ? -6.524  -19.777 4.723   1.00 23.57 ? 62  ILE A N   1 
ATOM   479  C CA  . ILE A 1 62 ? -5.251  -20.185 5.348   1.00 24.12 ? 62  ILE A CA  1 
ATOM   480  C C   . ILE A 1 62 ? -5.042  -19.485 6.701   1.00 25.09 ? 62  ILE A C   1 
ATOM   481  O O   . ILE A 1 62 ? -5.487  -18.364 6.904   1.00 26.97 ? 62  ILE A O   1 
ATOM   482  C CB  . ILE A 1 62 ? -4.024  -19.798 4.449   1.00 22.61 ? 62  ILE A CB  1 
ATOM   483  C CG1 . ILE A 1 62 ? -4.158  -20.446 3.080   1.00 22.12 ? 62  ILE A CG1 1 
ATOM   484  C CG2 . ILE A 1 62 ? -2.707  -20.221 5.094   1.00 19.65 ? 62  ILE A CG2 1 
ATOM   485  C CD1 . ILE A 1 62 ? -4.219  -21.966 3.140   1.00 23.11 ? 62  ILE A CD1 1 
ATOM   486  N N   . PRO A 1 63 ? -4.436  -20.189 7.672   1.00 24.65 ? 63  PRO A N   1 
ATOM   487  C CA  . PRO A 1 63 ? -4.202  -19.586 8.979   1.00 22.56 ? 63  PRO A CA  1 
ATOM   488  C C   . PRO A 1 63 ? -2.833  -18.931 9.038   1.00 22.63 ? 63  PRO A C   1 
ATOM   489  O O   . PRO A 1 63 ? -1.799  -19.605 8.845   1.00 20.81 ? 63  PRO A O   1 
ATOM   490  C CB  . PRO A 1 63 ? -4.341  -20.750 9.890   1.00 22.89 ? 63  PRO A CB  1 
ATOM   491  C CG  . PRO A 1 63 ? -3.708  -21.840 9.115   1.00 22.79 ? 63  PRO A CG  1 
ATOM   492  C CD  . PRO A 1 63 ? -4.325  -21.654 7.753   1.00 24.59 ? 63  PRO A CD  1 
ATOM   493  N N   . ILE A 1 64 ? -2.835  -17.618 9.272   1.00 23.55 ? 64  ILE A N   1 
ATOM   494  C CA  . ILE A 1 64 ? -1.617  -16.795 9.382   1.00 22.60 ? 64  ILE A CA  1 
ATOM   495  C C   . ILE A 1 64 ? -1.646  -16.135 10.814  1.00 23.29 ? 64  ILE A C   1 
ATOM   496  O O   . ILE A 1 64 ? -2.682  -15.661 11.249  1.00 24.11 ? 64  ILE A O   1 
ATOM   497  C CB  . ILE A 1 64 ? -1.602  -15.646 8.324   1.00 22.51 ? 64  ILE A CB  1 
ATOM   498  C CG1 . ILE A 1 64 ? -1.652  -16.193 6.915   1.00 23.10 ? 64  ILE A CG1 1 
ATOM   499  C CG2 . ILE A 1 64 ? -0.327  -14.841 8.432   1.00 23.50 ? 64  ILE A CG2 1 
ATOM   500  C CD1 . ILE A 1 64 ? -2.964  -15.973 6.206   1.00 24.62 ? 64  ILE A CD1 1 
ATOM   501  N N   . GLU A 1 65 ? -0.526  -16.150 11.528  1.00 22.71 ? 65  GLU A N   1 
ATOM   502  C CA  . GLU A 1 65 ? -0.476  -15.555 12.868  1.00 24.52 ? 65  GLU A CA  1 
ATOM   503  C C   . GLU A 1 65 ? 0.190   -14.140 12.848  1.00 25.23 ? 65  GLU A C   1 
ATOM   504  O O   . GLU A 1 65 ? 1.340   -13.979 13.237  1.00 25.32 ? 65  GLU A O   1 
ATOM   505  C CB  . GLU A 1 65 ? 0.321   -16.454 13.787  1.00 25.85 ? 65  GLU A CB  1 
ATOM   506  C CG  . GLU A 1 65 ? 0.432   -16.232 15.290  1.00 29.15 ? 65  GLU A CG  1 
ATOM   507  C CD  . GLU A 1 65 ? 1.281   -17.299 15.959  1.00 31.02 ? 65  GLU A CD  1 
ATOM   508  O OE1 . GLU A 1 65 ? 0.903   -17.782 17.054  1.00 34.41 ? 65  GLU A OE1 1 
ATOM   509  O OE2 . GLU A 1 65 ? 2.331   -17.659 15.385  1.00 31.79 ? 65  GLU A OE2 1 
ATOM   510  N N   . ILE A 1 66 ? -0.554  -13.125 12.436  1.00 25.29 ? 66  ILE A N   1 
ATOM   511  C CA  . ILE A 1 66 ? 0.030   -11.802 12.351  1.00 25.50 ? 66  ILE A CA  1 
ATOM   512  C C   . ILE A 1 66 ? 0.260   -11.190 13.619  1.00 28.76 ? 66  ILE A C   1 
ATOM   513  O O   . ILE A 1 66 ? -0.664  -11.066 14.444  1.00 31.27 ? 66  ILE A O   1 
ATOM   514  C CB  . ILE A 1 66 ? -0.829  -10.829 11.540  1.00 23.85 ? 66  ILE A CB  1 
ATOM   515  C CG1 . ILE A 1 66 ? -1.257  -11.448 10.243  1.00 20.33 ? 66  ILE A CG1 1 
ATOM   516  C CG2 . ILE A 1 66 ? -0.023  -9.586  11.228  1.00 21.75 ? 66  ILE A CG2 1 
ATOM   517  C CD1 . ILE A 1 66 ? -2.198  -10.564 9.464   1.00 21.30 ? 66  ILE A CD1 1 
ATOM   518  N N   . CYS A 1 67 ? 1.509   -10.808 13.865  1.00 32.83 ? 67  CYS A N   1 
ATOM   519  C CA  . CYS A 1 67 ? 1.878   -10.111 15.102  1.00 37.20 ? 67  CYS A CA  1 
ATOM   520  C C   . CYS A 1 67 ? 1.378   -10.824 16.399  1.00 38.52 ? 67  CYS A C   1 
ATOM   521  O O   . CYS A 1 67 ? 1.173   -10.156 17.442  1.00 38.69 ? 67  CYS A O   1 
ATOM   522  C CB  . CYS A 1 67 ? 1.186   -8.672  15.180  1.00 39.01 ? 67  CYS A CB  1 
ATOM   523  S SG  . CYS A 1 67 ? 1.004   -7.722  13.588  1.00 43.93 ? 67  CYS A SG  1 
ATOM   524  N N   . GLY A 1 68 ? 1.109   -12.130 16.306  1.00 38.32 ? 68  GLY A N   1 
ATOM   525  C CA  . GLY A 1 68 ? 0.656   -12.880 17.469  1.00 37.34 ? 68  GLY A CA  1 
ATOM   526  C C   . GLY A 1 68 ? -0.826  -13.203 17.498  1.00 35.99 ? 68  GLY A C   1 
ATOM   527  O O   . GLY A 1 68 ? -1.272  -14.005 18.304  1.00 35.52 ? 68  GLY A O   1 
ATOM   528  N N   . HIS A 1 69 ? -1.600  -12.530 16.658  1.00 33.80 ? 69  HIS A N   1 
ATOM   529  C CA  . HIS A 1 69 ? -3.028  -12.782 16.606  1.00 32.75 ? 69  HIS A CA  1 
ATOM   530  C C   . HIS A 1 69 ? -3.235  -13.818 15.536  1.00 31.28 ? 69  HIS A C   1 
ATOM   531  O O   . HIS A 1 69 ? -2.859  -13.598 14.418  1.00 32.81 ? 69  HIS A O   1 
ATOM   532  C CB  . HIS A 1 69 ? -3.808  -11.529 16.133  1.00 32.67 ? 69  HIS A CB  1 
ATOM   533  C CG  . HIS A 1 69 ? -3.341  -10.248 16.759  1.00 34.41 ? 69  HIS A CG  1 
ATOM   534  N ND1 . HIS A 1 69 ? -2.093  -9.709  16.528  1.00 35.89 ? 69  HIS A ND1 1 
ATOM   535  C CD2 . HIS A 1 69 ? -3.977  -9.369  17.579  1.00 34.71 ? 69  HIS A CD2 1 
ATOM   536  C CE1 . HIS A 1 69 ? -1.975  -8.562  17.169  1.00 36.74 ? 69  HIS A CE1 1 
ATOM   537  N NE2 . HIS A 1 69 ? -3.107  -8.332  17.814  1.00 35.93 ? 69  HIS A NE2 1 
ATOM   538  N N   . LYS A 1 70 ? -3.771  -14.984 15.872  1.00 30.66 ? 70  LYS A N   1 
ATOM   539  C CA  . LYS A 1 70 ? -3.992  -15.991 14.840  1.00 30.47 ? 70  LYS A CA  1 
ATOM   540  C C   . LYS A 1 70 ? -5.231  -15.625 14.060  1.00 29.04 ? 70  LYS A C   1 
ATOM   541  O O   . LYS A 1 70 ? -6.296  -15.497 14.634  1.00 31.23 ? 70  LYS A O   1 
ATOM   542  C CB  . LYS A 1 70 ? -4.181  -17.383 15.452  1.00 33.17 ? 70  LYS A CB  1 
ATOM   543  C CG  . LYS A 1 70 ? -3.024  -18.199 16.043  1.00 35.78 ? 70  LYS A CG  1 
ATOM   544  C CD  . LYS A 1 70 ? -2.442  -17.789 17.387  1.00 39.73 ? 70  LYS A CD  1 
ATOM   545  C CE  . LYS A 1 70 ? -3.484  -17.869 18.511  1.00 43.72 ? 70  LYS A CE  1 
ATOM   546  N NZ  . LYS A 1 70 ? -4.604  -16.845 18.432  1.00 45.06 ? 70  LYS A NZ  1 
ATOM   547  N N   . VAL A 1 71 ? -5.107  -15.452 12.748  1.00 26.77 ? 71  VAL A N   1 
ATOM   548  C CA  . VAL A 1 71 ? -6.249  -15.085 11.911  1.00 22.86 ? 71  VAL A CA  1 
ATOM   549  C C   . VAL A 1 71 ? -6.353  -15.953 10.711  1.00 20.47 ? 71  VAL A C   1 
ATOM   550  O O   . VAL A 1 71 ? -5.449  -16.695 10.402  1.00 20.17 ? 71  VAL A O   1 
ATOM   551  C CB  . VAL A 1 71 ? -6.128  -13.646 11.439  1.00 23.65 ? 71  VAL A CB  1 
ATOM   552  C CG1 . VAL A 1 71 ? -6.001  -12.707 12.639  1.00 20.64 ? 71  VAL A CG1 1 
ATOM   553  C CG2 . VAL A 1 71 ? -4.913  -13.513 10.533  1.00 23.68 ? 71  VAL A CG2 1 
ATOM   554  N N   . ILE A 1 72 ? -7.470  -15.842 10.003  1.00 19.43 ? 72  ILE A N   1 
ATOM   555  C CA  . ILE A 1 72 ? -7.710  -16.657 8.820   1.00 20.79 ? 72  ILE A CA  1 
ATOM   556  C C   . ILE A 1 72 ? -8.160  -15.822 7.602   1.00 21.53 ? 72  ILE A C   1 
ATOM   557  O O   . ILE A 1 72 ? -8.700  -14.713 7.761   1.00 21.19 ? 72  ILE A O   1 
ATOM   558  C CB  . ILE A 1 72 ? -8.728  -17.793 9.135   1.00 21.78 ? 72  ILE A CB  1 
ATOM   559  C CG1 . ILE A 1 72 ? -7.986  -19.100 9.313   1.00 25.29 ? 72  ILE A CG1 1 
ATOM   560  C CG2 . ILE A 1 72 ? -9.786  -17.937 8.051   1.00 22.17 ? 72  ILE A CG2 1 
ATOM   561  C CD1 . ILE A 1 72 ? -8.306  -19.818 10.614  1.00 29.22 ? 72  ILE A CD1 1 
ATOM   562  N N   . GLY A 1 73 ? -7.895  -16.349 6.407   1.00 19.55 ? 73  GLY A N   1 
ATOM   563  C CA  . GLY A 1 73 ? -8.272  -15.659 5.187   1.00 21.07 ? 73  GLY A CA  1 
ATOM   564  C C   . GLY A 1 73 ? -7.529  -16.157 3.960   1.00 21.49 ? 73  GLY A C   1 
ATOM   565  O O   . GLY A 1 73 ? -6.693  -17.054 4.065   1.00 22.84 ? 73  GLY A O   1 
ATOM   566  N N   . THR A 1 74 ? -7.848  -15.606 2.791   1.00 21.66 ? 74  THR A N   1 
ATOM   567  C CA  . THR A 1 74 ? -7.180  -16.023 1.562   1.00 22.18 ? 74  THR A CA  1 
ATOM   568  C C   . THR A 1 74 ? -5.816  -15.313 1.356   1.00 20.02 ? 74  THR A C   1 
ATOM   569  O O   . THR A 1 74 ? -5.712  -14.075 1.445   1.00 16.91 ? 74  THR A O   1 
ATOM   570  C CB  . THR A 1 74 ? -8.064  -15.780 0.303   1.00 24.11 ? 74  THR A CB  1 
ATOM   571  O OG1 . THR A 1 74 ? -8.222  -14.373 0.086   1.00 31.47 ? 74  THR A OG1 1 
ATOM   572  C CG2 . THR A 1 74 ? -9.446  -16.382 0.492   1.00 23.87 ? 74  THR A CG2 1 
ATOM   573  N N   . VAL A 1 75 ? -4.790  -16.117 1.113   1.00 18.65 ? 75  VAL A N   1 
ATOM   574  C CA  . VAL A 1 75 ? -3.449  -15.626 0.868   1.00 19.93 ? 75  VAL A CA  1 
ATOM   575  C C   . VAL A 1 75 ? -3.086  -15.943 -0.616  1.00 21.76 ? 75  VAL A C   1 
ATOM   576  O O   . VAL A 1 75 ? -3.276  -17.071 -1.079  1.00 23.73 ? 75  VAL A O   1 
ATOM   577  C CB  . VAL A 1 75 ? -2.424  -16.304 1.796   1.00 20.32 ? 75  VAL A CB  1 
ATOM   578  C CG1 . VAL A 1 75 ? -2.228  -17.758 1.404   1.00 20.19 ? 75  VAL A CG1 1 
ATOM   579  C CG2 . VAL A 1 75 ? -1.104  -15.585 1.728   1.00 23.14 ? 75  VAL A CG2 1 
ATOM   580  N N   . LEU A 1 76 ? -2.611  -14.942 -1.356  1.00 20.27 ? 76  LEU A N   1 
ATOM   581  C CA  . LEU A 1 76 ? -2.232  -15.129 -2.757  1.00 17.08 ? 76  LEU A CA  1 
ATOM   582  C C   . LEU A 1 76 ? -0.713  -15.386 -2.806  1.00 19.52 ? 76  LEU A C   1 
ATOM   583  O O   . LEU A 1 76 ? 0.027   -14.912 -1.958  1.00 20.00 ? 76  LEU A O   1 
ATOM   584  C CB  . LEU A 1 76 ? -2.575  -13.905 -3.560  1.00 14.24 ? 76  LEU A CB  1 
ATOM   585  C CG  . LEU A 1 76 ? -4.040  -13.448 -3.525  1.00 13.76 ? 76  LEU A CG  1 
ATOM   586  C CD1 . LEU A 1 76 ? -4.137  -12.071 -4.157  1.00 15.35 ? 76  LEU A CD1 1 
ATOM   587  C CD2 . LEU A 1 76 ? -4.968  -14.436 -4.219  1.00 11.73 ? 76  LEU A CD2 1 
ATOM   588  N N   . VAL A 1 77 ? -0.260  -16.137 -3.796  1.00 20.97 ? 77  VAL A N   1 
ATOM   589  C CA  . VAL A 1 77 ? 1.150   -16.453 -3.922  1.00 22.24 ? 77  VAL A CA  1 
ATOM   590  C C   . VAL A 1 77 ? 1.550   -16.342 -5.377  1.00 24.52 ? 77  VAL A C   1 
ATOM   591  O O   . VAL A 1 77 ? 0.860   -16.858 -6.259  1.00 25.38 ? 77  VAL A O   1 
ATOM   592  C CB  . VAL A 1 77 ? 1.409   -17.851 -3.352  1.00 23.11 ? 77  VAL A CB  1 
ATOM   593  C CG1 . VAL A 1 77 ? 2.461   -18.603 -4.166  1.00 21.69 ? 77  VAL A CG1 1 
ATOM   594  C CG2 . VAL A 1 77 ? 1.813   -17.726 -1.892  1.00 21.79 ? 77  VAL A CG2 1 
ATOM   595  N N   . GLY A 1 78 ? 2.641   -15.622 -5.632  1.00 25.55 ? 78  GLY A N   1 
ATOM   596  C CA  . GLY A 1 78 ? 3.113   -15.415 -6.988  1.00 26.12 ? 78  GLY A CA  1 
ATOM   597  C C   . GLY A 1 78 ? 4.405   -14.620 -6.953  1.00 26.27 ? 78  GLY A C   1 
ATOM   598  O O   . GLY A 1 78 ? 5.104   -14.644 -5.942  1.00 27.49 ? 78  GLY A O   1 
ATOM   599  N N   . PRO A 1 79 ? 4.787   -13.952 -8.051  1.00 26.62 ? 79  PRO A N   1 
ATOM   600  C CA  . PRO A 1 79 ? 6.032   -13.172 -8.064  1.00 26.74 ? 79  PRO A CA  1 
ATOM   601  C C   . PRO A 1 79 ? 5.887   -11.781 -7.466  1.00 26.84 ? 79  PRO A C   1 
ATOM   602  O O   . PRO A 1 79 ? 5.213   -10.935 -8.036  1.00 29.72 ? 79  PRO A O   1 
ATOM   603  C CB  . PRO A 1 79 ? 6.387   -13.141 -9.556  1.00 26.25 ? 79  PRO A CB  1 
ATOM   604  C CG  . PRO A 1 79 ? 5.047   -13.066 -10.209 1.00 25.85 ? 79  PRO A CG  1 
ATOM   605  C CD  . PRO A 1 79 ? 4.236   -14.083 -9.415  1.00 27.92 ? 79  PRO A CD  1 
ATOM   606  N N   . THR A 1 80 ? 6.545   -11.525 -6.348  1.00 25.04 ? 80  THR A N   1 
ATOM   607  C CA  . THR A 1 80 ? 6.444   -10.214 -5.732  1.00 24.43 ? 80  THR A CA  1 
ATOM   608  C C   . THR A 1 80 ? 7.749   -9.975  -4.993  1.00 24.48 ? 80  THR A C   1 
ATOM   609  O O   . THR A 1 80 ? 8.374   -10.930 -4.532  1.00 25.29 ? 80  THR A O   1 
ATOM   610  C CB  . THR A 1 80 ? 5.224   -10.157 -4.756  1.00 28.03 ? 80  THR A CB  1 
ATOM   611  O OG1 . THR A 1 80 ? 5.101   -8.839  -4.187  1.00 30.84 ? 80  THR A OG1 1 
ATOM   612  C CG2 . THR A 1 80 ? 5.366   -11.208 -3.642  1.00 25.06 ? 80  THR A CG2 1 
ATOM   613  N N   . PRO A 1 81 ? 8.211   -8.709  -4.927  1.00 21.92 ? 81  PRO A N   1 
ATOM   614  C CA  . PRO A 1 81 ? 9.459   -8.345  -4.252  1.00 20.55 ? 81  PRO A CA  1 
ATOM   615  C C   . PRO A 1 81 ? 9.396   -8.595  -2.808  1.00 20.81 ? 81  PRO A C   1 
ATOM   616  O O   . PRO A 1 81 ? 10.357  -9.066  -2.211  1.00 20.54 ? 81  PRO A O   1 
ATOM   617  C CB  . PRO A 1 81 ? 9.559   -6.838  -4.497  1.00 20.97 ? 81  PRO A CB  1 
ATOM   618  C CG  . PRO A 1 81 ? 8.811   -6.649  -5.800  1.00 21.43 ? 81  PRO A CG  1 
ATOM   619  C CD  . PRO A 1 81 ? 7.602   -7.526  -5.560  1.00 22.52 ? 81  PRO A CD  1 
ATOM   620  N N   . THR A 1 82 ? 8.281   -8.191  -2.201  1.00 20.39 ? 82  THR A N   1 
ATOM   621  C CA  . THR A 1 82 ? 8.078   -8.394  -0.771  1.00 23.42 ? 82  THR A CA  1 
ATOM   622  C C   . THR A 1 82 ? 6.736   -9.041  -0.453  1.00 22.87 ? 82  THR A C   1 
ATOM   623  O O   . THR A 1 82 ? 5.808   -9.040  -1.280  1.00 22.66 ? 82  THR A O   1 
ATOM   624  C CB  . THR A 1 82 ? 8.154   -7.064  0.019   1.00 24.53 ? 82  THR A CB  1 
ATOM   625  O OG1 . THR A 1 82 ? 7.298   -6.082  -0.588  1.00 23.30 ? 82  THR A OG1 1 
ATOM   626  C CG2 . THR A 1 82 ? 9.586   -6.548  0.081   1.00 26.23 ? 82  THR A CG2 1 
ATOM   627  N N   . ASN A 1 83 ? 6.643   -9.578  0.760   1.00 21.32 ? 83  ASN A N   1 
ATOM   628  C CA  . ASN A 1 83 ? 5.411   -10.199 1.238   1.00 19.82 ? 83  ASN A CA  1 
ATOM   629  C C   . ASN A 1 83 ? 4.538   -9.083  1.627   1.00 17.89 ? 83  ASN A C   1 
ATOM   630  O O   . ASN A 1 83 ? 4.977   -8.189  2.307   1.00 19.02 ? 83  ASN A O   1 
ATOM   631  C CB  . ASN A 1 83 ? 5.711   -11.074 2.406   1.00 20.30 ? 83  ASN A CB  1 
ATOM   632  C CG  . ASN A 1 83 ? 6.632   -12.222 2.035   1.00 21.47 ? 83  ASN A CG  1 
ATOM   633  O OD1 . ASN A 1 83 ? 6.762   -12.648 0.911   1.00 20.06 ? 83  ASN A OD1 1 
ATOM   634  N ND2 . ASN A 1 83 ? 7.357   -12.843 2.943   1.00 24.00 ? 83  ASN A ND2 1 
ATOM   635  N N   . ILE A 1 84 ? 3.297   -9.097  1.163   1.00 17.24 ? 84  ILE A N   1 
ATOM   636  C CA  . ILE A 1 84 ? 2.336   -8.030  1.437   1.00 16.06 ? 84  ILE A CA  1 
ATOM   637  C C   . ILE A 1 84 ? 1.129   -8.449  2.280   1.00 15.87 ? 84  ILE A C   1 
ATOM   638  O O   . ILE A 1 84 ? 0.496   -9.476  2.027   1.00 15.14 ? 84  ILE A O   1 
ATOM   639  C CB  . ILE A 1 84 ? 1.814   -7.425  0.109   1.00 17.94 ? 84  ILE A CB  1 
ATOM   640  C CG1 . ILE A 1 84 ? 2.872   -6.612  -0.513  1.00 17.47 ? 84  ILE A CG1 1 
ATOM   641  C CG2 . ILE A 1 84 ? 0.572   -6.581  0.325   1.00 19.21 ? 84  ILE A CG2 1 
ATOM   642  C CD1 . ILE A 1 84 ? 3.124   -6.964  -1.939  1.00 20.22 ? 84  ILE A CD1 1 
ATOM   643  N N   . ILE A 1 85 ? 0.838   -7.648  3.300   1.00 13.93 ? 85  ILE A N   1 
ATOM   644  C CA  . ILE A 1 85 ? -0.300  -7.882  4.167   1.00 14.12 ? 85  ILE A CA  1 
ATOM   645  C C   . ILE A 1 85 ? -1.282  -6.815  3.781   1.00 12.21 ? 85  ILE A C   1 
ATOM   646  O O   . ILE A 1 85 ? -1.031  -5.646  3.970   1.00 12.44 ? 85  ILE A O   1 
ATOM   647  C CB  . ILE A 1 85 ? 0.064   -7.743  5.662   1.00 15.49 ? 85  ILE A CB  1 
ATOM   648  C CG1 . ILE A 1 85 ? 1.153   -8.742  6.042   1.00 18.95 ? 85  ILE A CG1 1 
ATOM   649  C CG2 . ILE A 1 85 ? -1.167  -8.012  6.524   1.00 16.01 ? 85  ILE A CG2 1 
ATOM   650  C CD1 . ILE A 1 85 ? 0.699   -10.187 5.929   1.00 20.81 ? 85  ILE A CD1 1 
ATOM   651  N N   . GLY A 1 86 ? -2.378  -7.226  3.162   1.00 11.24 ? 86  GLY A N   1 
ATOM   652  C CA  . GLY A 1 86 ? -3.377  -6.282  2.728   1.00 9.69  ? 86  GLY A CA  1 
ATOM   653  C C   . GLY A 1 86 ? -4.479  -6.102  3.729   1.00 11.74 ? 86  GLY A C   1 
ATOM   654  O O   . GLY A 1 86 ? -4.469  -6.707  4.800   1.00 11.31 ? 86  GLY A O   1 
ATOM   655  N N   . ARG A 1 87 ? -5.475  -5.323  3.335   1.00 12.81 ? 87  ARG A N   1 
ATOM   656  C CA  . ARG A 1 87 ? -6.613  -5.022  4.185   1.00 14.11 ? 87  ARG A CA  1 
ATOM   657  C C   . ARG A 1 87 ? -7.476  -6.195  4.643   1.00 15.86 ? 87  ARG A C   1 
ATOM   658  O O   . ARG A 1 87 ? -8.024  -6.152  5.734   1.00 17.51 ? 87  ARG A O   1 
ATOM   659  C CB  . ARG A 1 87 ? -7.538  -4.018  3.503   1.00 14.11 ? 87  ARG A CB  1 
ATOM   660  C CG  . ARG A 1 87 ? -6.977  -2.648  3.215   1.00 8.95  ? 87  ARG A CG  1 
ATOM   661  C CD  . ARG A 1 87 ? -8.062  -1.700  2.749   1.00 7.00  ? 87  ARG A CD  1 
ATOM   662  N NE  . ARG A 1 87 ? -8.642  -2.065  1.460   1.00 10.19 ? 87  ARG A NE  1 
ATOM   663  C CZ  . ARG A 1 87 ? -9.833  -2.629  1.309   1.00 12.30 ? 87  ARG A CZ  1 
ATOM   664  N NH1 . ARG A 1 87 ? -10.289 -2.909  0.091   1.00 13.75 ? 87  ARG A NH1 1 
ATOM   665  N NH2 . ARG A 1 87 ? -10.571 -2.930  2.357   1.00 14.13 ? 87  ARG A NH2 1 
ATOM   666  N N   . ASN A 1 88 ? -7.572  -7.249  3.834   1.00 17.47 ? 88  ASN A N   1 
ATOM   667  C CA  . ASN A 1 88 ? -8.397  -8.418  4.174   1.00 15.57 ? 88  ASN A CA  1 
ATOM   668  C C   . ASN A 1 88 ? -7.990  -9.076  5.493   1.00 14.63 ? 88  ASN A C   1 
ATOM   669  O O   . ASN A 1 88 ? -8.828  -9.459  6.258   1.00 15.24 ? 88  ASN A O   1 
ATOM   670  C CB  . ASN A 1 88 ? -8.427  -9.442  2.991   1.00 13.53 ? 88  ASN A CB  1 
ATOM   671  C CG  . ASN A 1 88 ? -7.116  -10.190 2.830   1.00 13.58 ? 88  ASN A CG  1 
ATOM   672  O OD1 . ASN A 1 88 ? -6.007  -9.689  2.920   1.00 13.76 ? 88  ASN A OD1 1 
ATOM   673  N ND2 . ASN A 1 88 ? -7.185  -11.502 2.568   1.00 15.62 ? 88  ASN A ND2 1 
ATOM   674  N N   . LEU A 1 89 ? -6.693  -9.196  5.750   1.00 13.72 ? 89  LEU A N   1 
ATOM   675  C CA  . LEU A 1 89 ? -6.216  -9.782  7.005   1.00 13.00 ? 89  LEU A CA  1 
ATOM   676  C C   . LEU A 1 89 ? -5.813  -8.711  8.051   1.00 14.29 ? 89  LEU A C   1 
ATOM   677  O O   . LEU A 1 89 ? -5.449  -9.042  9.151   1.00 15.90 ? 89  LEU A O   1 
ATOM   678  C CB  . LEU A 1 89 ? -4.962  -10.577 6.817   1.00 11.70 ? 89  LEU A CB  1 
ATOM   679  C CG  . LEU A 1 89 ? -4.932  -11.881 5.996   1.00 12.39 ? 89  LEU A CG  1 
ATOM   680  C CD1 . LEU A 1 89 ? -3.545  -12.461 6.175   1.00 12.71 ? 89  LEU A CD1 1 
ATOM   681  C CD2 . LEU A 1 89 ? -5.988  -12.879 6.457   1.00 10.74 ? 89  LEU A CD2 1 
ATOM   682  N N   . LEU A 1 90 ? -5.860  -7.434  7.673   1.00 15.83 ? 90  LEU A N   1 
ATOM   683  C CA  . LEU A 1 90 ? -5.507  -6.357  8.592   1.00 13.77 ? 90  LEU A CA  1 
ATOM   684  C C   . LEU A 1 90 ? -6.639  -6.095  9.466   1.00 15.69 ? 90  LEU A C   1 
ATOM   685  O O   . LEU A 1 90 ? -6.464  -5.885  10.662  1.00 15.34 ? 90  LEU A O   1 
ATOM   686  C CB  . LEU A 1 90 ? -5.099  -5.035  7.850   1.00 13.90 ? 90  LEU A CB  1 
ATOM   687  C CG  . LEU A 1 90 ? -3.654  -4.907  7.233   1.00 12.58 ? 90  LEU A CG  1 
ATOM   688  C CD1 . LEU A 1 90 ? -3.505  -3.555  6.568   1.00 7.97  ? 90  LEU A CD1 1 
ATOM   689  C CD2 . LEU A 1 90 ? -2.579  -5.098  8.292   1.00 15.36 ? 90  LEU A CD2 1 
ATOM   690  N N   . THR A 1 91 ? -7.837  -6.078  8.887   1.00 15.78 ? 91  THR A N   1 
ATOM   691  C CA  . THR A 1 91 ? -9.048  -5.853  9.653   1.00 14.38 ? 91  THR A CA  1 
ATOM   692  C C   . THR A 1 91 ? -9.155  -6.897  10.735  1.00 13.63 ? 91  THR A C   1 
ATOM   693  O O   . THR A 1 91 ? -9.602  -6.631  11.838  1.00 13.75 ? 91  THR A O   1 
ATOM   694  C CB  . THR A 1 91 ? -10.307 -5.976  8.777   1.00 15.44 ? 91  THR A CB  1 
ATOM   695  O OG1 . THR A 1 91 ? -10.241 -7.165  7.991   1.00 15.38 ? 91  THR A OG1 1 
ATOM   696  C CG2 . THR A 1 91 ? -10.431 -4.800  7.854   1.00 14.66 ? 91  THR A CG2 1 
ATOM   697  N N   . GLN A 1 92 ? -8.648  -8.082  10.435  1.00 13.09 ? 92  GLN A N   1 
ATOM   698  C CA  . GLN A 1 92 ? -8.726  -9.179  11.377  1.00 14.63 ? 92  GLN A CA  1 
ATOM   699  C C   . GLN A 1 92 ? -7.967  -8.951  12.639  1.00 14.81 ? 92  GLN A C   1 
ATOM   700  O O   . GLN A 1 92 ? -8.338  -9.466  13.683  1.00 14.80 ? 92  GLN A O   1 
ATOM   701  C CB  . GLN A 1 92 ? -8.367  -10.491 10.669  1.00 12.20 ? 92  GLN A CB  1 
ATOM   702  C CG  . GLN A 1 92 ? -9.450  -10.783 9.651   1.00 8.02  ? 92  GLN A CG  1 
ATOM   703  C CD  . GLN A 1 92 ? -10.719 -11.331 10.275  1.00 11.14 ? 92  GLN A CD  1 
ATOM   704  O OE1 . GLN A 1 92 ? -11.768 -10.734 10.156  1.00 10.50 ? 92  GLN A OE1 1 
ATOM   705  N NE2 . GLN A 1 92 ? -10.686 -12.545 10.940  1.00 5.94  ? 92  GLN A NE2 1 
ATOM   706  N N   . ILE A 1 93 ? -6.874  -8.202  12.561  1.00 14.55 ? 93  ILE A N   1 
ATOM   707  C CA  . ILE A 1 93 ? -6.087  -7.933  13.757  1.00 14.69 ? 93  ILE A CA  1 
ATOM   708  C C   . ILE A 1 93 ? -6.430  -6.593  14.394  1.00 14.10 ? 93  ILE A C   1 
ATOM   709  O O   . ILE A 1 93 ? -5.806  -6.193  15.344  1.00 15.15 ? 93  ILE A O   1 
ATOM   710  C CB  . ILE A 1 93 ? -4.574  -8.009  13.499  1.00 13.85 ? 93  ILE A CB  1 
ATOM   711  C CG1 . ILE A 1 93 ? -4.149  -6.955  12.461  1.00 14.50 ? 93  ILE A CG1 1 
ATOM   712  C CG2 . ILE A 1 93 ? -4.183  -9.430  13.109  1.00 13.98 ? 93  ILE A CG2 1 
ATOM   713  C CD1 . ILE A 1 93 ? -2.658  -6.838  12.315  1.00 13.06 ? 93  ILE A CD1 1 
ATOM   714  N N   . GLY A 1 94 ? -7.416  -5.905  13.831  1.00 11.40 ? 94  GLY A N   1 
ATOM   715  C CA  . GLY A 1 94 ? -7.849  -4.633  14.374  1.00 12.19 ? 94  GLY A CA  1 
ATOM   716  C C   . GLY A 1 94 ? -6.962  -3.438  14.099  1.00 12.69 ? 94  GLY A C   1 
ATOM   717  O O   . GLY A 1 94 ? -6.872  -2.535  14.900  1.00 14.14 ? 94  GLY A O   1 
ATOM   718  N N   . CYS A 1 95 ? -6.354  -3.425  12.925  1.00 14.85 ? 95  CYS A N   1 
ATOM   719  C CA  . CYS A 1 95 ? -5.461  -2.357  12.491  1.00 13.92 ? 95  CYS A CA  1 
ATOM   720  C C   . CYS A 1 95 ? -6.222  -1.145  12.067  1.00 14.72 ? 95  CYS A C   1 
ATOM   721  O O   . CYS A 1 95 ? -7.302  -1.250  11.452  1.00 15.42 ? 95  CYS A O   1 
ATOM   722  C CB  . CYS A 1 95 ? -4.677  -2.801  11.264  1.00 14.67 ? 95  CYS A CB  1 
ATOM   723  S SG  . CYS A 1 95 ? -3.127  -1.953  10.988  1.00 18.38 ? 95  CYS A SG  1 
ATOM   724  N N   . THR A 1 96 ? -5.670  0.020   12.373  1.00 14.54 ? 96  THR A N   1 
ATOM   725  C CA  . THR A 1 96 ? -6.295  1.280   12.011  1.00 14.95 ? 96  THR A CA  1 
ATOM   726  C C   . THR A 1 96 ? -5.261  2.353   11.698  1.00 14.56 ? 96  THR A C   1 
ATOM   727  O O   . THR A 1 96 ? -4.084  2.235   12.051  1.00 11.53 ? 96  THR A O   1 
ATOM   728  C CB  . THR A 1 96 ? -7.198  1.815   13.138  1.00 17.20 ? 96  THR A CB  1 
ATOM   729  O OG1 . THR A 1 96 ? -6.614  1.502   14.407  1.00 20.62 ? 96  THR A OG1 1 
ATOM   730  C CG2 . THR A 1 96 ? -8.595  1.246   13.046  1.00 15.84 ? 96  THR A CG2 1 
ATOM   731  N N   . LEU A 1 97 ? -5.710  3.376   10.982  1.00 14.97 ? 97  LEU A N   1 
ATOM   732  C CA  . LEU A 1 97 ? -4.869  4.500   10.630  1.00 12.00 ? 97  LEU A CA  1 
ATOM   733  C C   . LEU A 1 97 ? -5.311  5.615   11.567  1.00 13.72 ? 97  LEU A C   1 
ATOM   734  O O   . LEU A 1 97 ? -6.507  5.739   11.878  1.00 9.52  ? 97  LEU A O   1 
ATOM   735  C CB  . LEU A 1 97 ? -5.120  4.958   9.188   1.00 10.91 ? 97  LEU A CB  1 
ATOM   736  C CG  . LEU A 1 97 ? -4.566  4.237   7.969   1.00 8.20  ? 97  LEU A CG  1 
ATOM   737  C CD1 . LEU A 1 97 ? -3.414  3.353   8.332   1.00 7.78  ? 97  LEU A CD1 1 
ATOM   738  C CD2 . LEU A 1 97 ? -5.647  3.471   7.318   1.00 7.71  ? 97  LEU A CD2 1 
ATOM   739  N N   . ASN A 1 98 ? -4.352  6.412   12.027  1.00 15.94 ? 98  ASN A N   1 
ATOM   740  C CA  . ASN A 1 98 ? -4.646  7.518   12.931  1.00 19.65 ? 98  ASN A CA  1 
ATOM   741  C C   . ASN A 1 98 ? -3.698  8.643   12.715  1.00 19.79 ? 98  ASN A C   1 
ATOM   742  O O   . ASN A 1 98 ? -2.527  8.410   12.526  1.00 18.46 ? 98  ASN A O   1 
ATOM   743  C CB  . ASN A 1 98 ? -4.222  7.232   14.403  1.00 21.82 ? 98  ASN A CB  1 
ATOM   744  C CG  . ASN A 1 98 ? -4.937  6.038   15.011  1.00 21.81 ? 98  ASN A CG  1 
ATOM   745  O OD1 . ASN A 1 98 ? -4.375  4.966   15.267  1.00 23.41 ? 98  ASN A OD1 1 
ATOM   746  N ND2 . ASN A 1 98 ? -6.245  6.190   15.361  1.00 21.14 ? 98  ASN A ND2 1 
ATOM   747  N N   . PHE A 1 99 ? -4.209  9.873   12.800  1.00 23.42 ? 99  PHE A N   1 
ATOM   748  C CA  . PHE A 1 99 ? -3.399  11.099  12.653  1.00 25.85 ? 99  PHE A CA  1 
ATOM   749  C C   . PHE A 1 99 ? -4.093  12.424  13.165  1.00 26.60 ? 99  PHE A C   1 
ATOM   750  O O   . PHE A 1 99 ? -5.343  12.510  13.047  1.00 26.42 ? 99  PHE A O   1 
ATOM   751  C CB  . PHE A 1 99 ? -2.915  11.309  11.184  1.00 23.53 ? 99  PHE A CB  1 
ATOM   752  C CG  . PHE A 1 99 ? -3.988  11.158  10.165  1.00 23.56 ? 99  PHE A CG  1 
ATOM   753  C CD1 . PHE A 1 99 ? -4.878  12.200  9.908   1.00 24.64 ? 99  PHE A CD1 1 
ATOM   754  C CD2 . PHE A 1 99 ? -4.087  9.979   9.426   1.00 26.36 ? 99  PHE A CD2 1 
ATOM   755  C CE1 . PHE A 1 99 ? -5.856  12.063  8.927   1.00 26.56 ? 99  PHE A CE1 1 
ATOM   756  C CE2 . PHE A 1 99 ? -5.055  9.830   8.445   1.00 26.40 ? 99  PHE A CE2 1 
ATOM   757  C CZ  . PHE A 1 99 ? -5.940  10.873  8.191   1.00 25.87 ? 99  PHE A CZ  1 
ATOM   758  N N   . PRO B 1 1  ? -8.052  11.581  12.734  1.00 33.19 ? 201 PRO B N   1 
ATOM   759  C CA  . PRO B 1 1  ? -9.212  10.673  12.975  1.00 32.98 ? 201 PRO B CA  1 
ATOM   760  C C   . PRO B 1 1  ? -8.697  9.262   12.895  1.00 31.62 ? 201 PRO B C   1 
ATOM   761  O O   . PRO B 1 1  ? -7.529  9.052   12.608  1.00 31.19 ? 201 PRO B O   1 
ATOM   762  C CB  . PRO B 1 1  ? -10.224 10.897  11.905  1.00 33.41 ? 201 PRO B CB  1 
ATOM   763  C CG  . PRO B 1 1  ? -9.358  11.165  10.726  1.00 33.95 ? 201 PRO B CG  1 
ATOM   764  C CD  . PRO B 1 1  ? -8.328  12.071  11.351  1.00 34.15 ? 201 PRO B CD  1 
ATOM   765  N N   . GLN B 1 2  ? -9.542  8.292   13.230  1.00 31.81 ? 202 GLN B N   1 
ATOM   766  C CA  . GLN B 1 2  ? -9.150  6.883   13.167  1.00 30.50 ? 202 GLN B CA  1 
ATOM   767  C C   . GLN B 1 2  ? -9.916  6.311   12.023  1.00 28.98 ? 202 GLN B C   1 
ATOM   768  O O   . GLN B 1 2  ? -11.146 6.350   12.016  1.00 30.67 ? 202 GLN B O   1 
ATOM   769  C CB  . GLN B 1 2  ? -9.468  6.154   14.499  1.00 31.38 ? 202 GLN B CB  1 
ATOM   770  C CG  . GLN B 1 2  ? -8.899  4.736   14.511  1.00 35.92 ? 202 GLN B CG  1 
ATOM   771  C CD  . GLN B 1 2  ? -9.014  4.049   15.875  1.00 36.39 ? 202 GLN B CD  1 
ATOM   772  O OE1 . GLN B 1 2  ? -9.719  3.087   16.147  1.00 36.45 ? 202 GLN B OE1 1 
ATOM   773  N NE2 . GLN B 1 2  ? -8.308  4.510   16.946  1.00 39.04 ? 202 GLN B NE2 1 
ATOM   774  N N   . ILE B 1 3  ? -9.196  5.864   11.001  1.00 25.22 ? 203 ILE B N   1 
ATOM   775  C CA  . ILE B 1 3  ? -9.821  5.296   9.813   1.00 22.41 ? 203 ILE B CA  1 
ATOM   776  C C   . ILE B 1 3  ? -9.713  3.775   9.912   1.00 21.43 ? 203 ILE B C   1 
ATOM   777  O O   . ILE B 1 3  ? -8.711  3.258   10.414  1.00 20.24 ? 203 ILE B O   1 
ATOM   778  C CB  . ILE B 1 3  ? -9.096  5.780   8.526   1.00 23.16 ? 203 ILE B CB  1 
ATOM   779  C CG1 . ILE B 1 3  ? -9.080  7.276   8.471   1.00 23.01 ? 203 ILE B CG1 1 
ATOM   780  C CG2 . ILE B 1 3  ? -9.789  5.243   7.279   1.00 24.44 ? 203 ILE B CG2 1 
ATOM   781  C CD1 . ILE B 1 3  ? -7.704  7.869   8.632   1.00 23.25 ? 203 ILE B CD1 1 
ATOM   782  N N   . THR B 1 4  ? -10.756 3.060   9.493   1.00 20.75 ? 204 THR B N   1 
ATOM   783  C CA  . THR B 1 4  ? -10.748 1.596   9.533   1.00 19.89 ? 204 THR B CA  1 
ATOM   784  C C   . THR B 1 4  ? -10.526 0.977   8.181   1.00 19.52 ? 204 THR B C   1 
ATOM   785  O O   . THR B 1 4  ? -10.912 1.519   7.152   1.00 17.88 ? 204 THR B O   1 
ATOM   786  C CB  . THR B 1 4  ? -12.047 1.018   10.116  1.00 19.59 ? 204 THR B CB  1 
ATOM   787  O OG1 . THR B 1 4  ? -13.170 1.555   9.412   1.00 21.04 ? 204 THR B OG1 1 
ATOM   788  C CG2 . THR B 1 4  ? -12.156 1.322   11.594  1.00 17.02 ? 204 THR B CG2 1 
ATOM   789  N N   . LEU B 1 5  ? -10.007 -0.240  8.207   1.00 20.02 ? 205 LEU B N   1 
ATOM   790  C CA  . LEU B 1 5  ? -9.701  -0.956  6.987   1.00 17.69 ? 205 LEU B CA  1 
ATOM   791  C C   . LEU B 1 5  ? -10.775 -1.868  6.433   1.00 18.30 ? 205 LEU B C   1 
ATOM   792  O O   . LEU B 1 5  ? -10.465 -2.874  5.823   1.00 18.83 ? 205 LEU B O   1 
ATOM   793  C CB  . LEU B 1 5  ? -8.370  -1.662  7.165   1.00 14.49 ? 205 LEU B CB  1 
ATOM   794  C CG  . LEU B 1 5  ? -7.275  -0.600  7.404   1.00 12.63 ? 205 LEU B CG  1 
ATOM   795  C CD1 . LEU B 1 5  ? -5.966  -1.259  7.789   1.00 10.69 ? 205 LEU B CD1 1 
ATOM   796  C CD2 . LEU B 1 5  ? -7.110  0.304   6.171   1.00 8.01  ? 205 LEU B CD2 1 
ATOM   797  N N   . TRP B 1 6  ? -12.043 -1.530  6.643   1.00 19.41 ? 206 TRP B N   1 
ATOM   798  C CA  . TRP B 1 6  ? -13.123 -2.351  6.100   1.00 18.69 ? 206 TRP B CA  1 
ATOM   799  C C   . TRP B 1 6  ? -13.335 -1.968  4.743   1.00 18.03 ? 206 TRP B C   1 
ATOM   800  O O   . TRP B 1 6  ? -13.868 -2.724  3.976   1.00 20.03 ? 206 TRP B O   1 
ATOM   801  C CB  . TRP B 1 6  ? -14.380 -2.256  6.957   1.00 17.25 ? 206 TRP B CB  1 
ATOM   802  C CG  . TRP B 1 6  ? -14.143 -2.832  8.310   1.00 18.32 ? 206 TRP B CG  1 
ATOM   803  C CD1 . TRP B 1 6  ? -13.884 -2.149  9.454   1.00 19.52 ? 206 TRP B CD1 1 
ATOM   804  C CD2 . TRP B 1 6  ? -14.012 -4.225  8.628   1.00 19.53 ? 206 TRP B CD2 1 
ATOM   805  N NE1 . TRP B 1 6  ? -13.576 -3.030  10.467  1.00 19.00 ? 206 TRP B NE1 1 
ATOM   806  C CE2 . TRP B 1 6  ? -13.644 -4.309  9.991   1.00 19.90 ? 206 TRP B CE2 1 
ATOM   807  C CE3 . TRP B 1 6  ? -14.148 -5.409  7.901   1.00 16.54 ? 206 TRP B CE3 1 
ATOM   808  C CZ2 . TRP B 1 6  ? -13.409 -5.534  10.626  1.00 17.93 ? 206 TRP B CZ2 1 
ATOM   809  C CZ3 . TRP B 1 6  ? -13.916 -6.611  8.524   1.00 17.99 ? 206 TRP B CZ3 1 
ATOM   810  C CH2 . TRP B 1 6  ? -13.550 -6.669  9.874   1.00 20.21 ? 206 TRP B CH2 1 
ATOM   811  N N   . GLN B 1 7  ? -12.971 -0.733  4.414   1.00 18.97 ? 207 GLN B N   1 
ATOM   812  C CA  . GLN B 1 7  ? -13.076 -0.228  3.047   1.00 19.99 ? 207 GLN B CA  1 
ATOM   813  C C   . GLN B 1 7  ? -11.772 0.464   2.797   1.00 16.42 ? 207 GLN B C   1 
ATOM   814  O O   . GLN B 1 7  ? -11.006 0.660   3.725   1.00 16.17 ? 207 GLN B O   1 
ATOM   815  C CB  . GLN B 1 7  ? -14.386 0.579   2.849   1.00 20.89 ? 207 GLN B CB  1 
ATOM   816  C CG  . GLN B 1 7  ? -14.654 1.632   3.875   1.00 26.41 ? 207 GLN B CG  1 
ATOM   817  C CD  . GLN B 1 7  ? -16.057 2.189   3.781   1.00 29.98 ? 207 GLN B CD  1 
ATOM   818  O OE1 . GLN B 1 7  ? -16.317 3.167   3.088   1.00 31.50 ? 207 GLN B OE1 1 
ATOM   819  N NE2 . GLN B 1 7  ? -17.062 1.595   4.499   1.00 30.87 ? 207 GLN B NE2 1 
ATOM   820  N N   . ARG B 1 8  ? -11.472 0.794   1.550   1.00 18.06 ? 208 ARG B N   1 
ATOM   821  C CA  . ARG B 1 8  ? -10.212 1.470   1.240   1.00 18.57 ? 208 ARG B CA  1 
ATOM   822  C C   . ARG B 1 8  ? -10.205 2.841   1.848   1.00 18.00 ? 208 ARG B C   1 
ATOM   823  O O   . ARG B 1 8  ? -11.110 3.631   1.603   1.00 19.11 ? 208 ARG B O   1 
ATOM   824  C CB  . ARG B 1 8  ? -10.057 1.697   -0.238  1.00 22.66 ? 208 ARG B CB  1 
ATOM   825  C CG  . ARG B 1 8  ? -9.922  0.498   -1.165  1.00 24.85 ? 208 ARG B CG  1 
ATOM   826  C CD  . ARG B 1 8  ? -9.961  1.030   -2.589  1.00 27.21 ? 208 ARG B CD  1 
ATOM   827  N NE  . ARG B 1 8  ? -10.450 -0.005  -3.488  1.00 29.33 ? 208 ARG B NE  1 
ATOM   828  C CZ  . ARG B 1 8  ? -9.670  -0.879  -4.100  1.00 31.63 ? 208 ARG B CZ  1 
ATOM   829  N NH1 . ARG B 1 8  ? -10.218 -1.806  -4.881  1.00 28.45 ? 208 ARG B NH1 1 
ATOM   830  N NH2 . ARG B 1 8  ? -8.344  -0.783  -3.983  1.00 34.26 ? 208 ARG B NH2 1 
ATOM   831  N N   . PRO B 1 9  ? -9.167  3.161   2.636   1.00 17.59 ? 209 PRO B N   1 
ATOM   832  C CA  . PRO B 1 9  ? -8.958  4.435   3.340   1.00 16.62 ? 209 PRO B CA  1 
ATOM   833  C C   . PRO B 1 9  ? -8.719  5.626   2.377   1.00 16.94 ? 209 PRO B C   1 
ATOM   834  O O   . PRO B 1 9  ? -7.596  6.004   2.126   1.00 17.07 ? 209 PRO B O   1 
ATOM   835  C CB  . PRO B 1 9  ? -7.793  4.113   4.249   1.00 15.14 ? 209 PRO B CB  1 
ATOM   836  C CG  . PRO B 1 9  ? -6.973  3.206   3.394   1.00 15.95 ? 209 PRO B CG  1 
ATOM   837  C CD  . PRO B 1 9  ? -7.999  2.277   2.792   1.00 14.61 ? 209 PRO B CD  1 
ATOM   838  N N   . VAL B 1 10 ? -9.803  6.187   1.855   1.00 18.06 ? 210 VAL B N   1 
ATOM   839  C CA  . VAL B 1 10 ? -9.755  7.305   0.911   1.00 19.83 ? 210 VAL B CA  1 
ATOM   840  C C   . VAL B 1 10 ? -10.005 8.656   1.541   1.00 20.21 ? 210 VAL B C   1 
ATOM   841  O O   . VAL B 1 10 ? -11.049 8.883   2.142   1.00 23.59 ? 210 VAL B O   1 
ATOM   842  C CB  . VAL B 1 10 ? -10.785 7.105   -0.241  1.00 19.34 ? 210 VAL B CB  1 
ATOM   843  C CG1 . VAL B 1 10 ? -11.124 8.436   -0.926  1.00 17.90 ? 210 VAL B CG1 1 
ATOM   844  C CG2 . VAL B 1 10 ? -10.220 6.125   -1.257  1.00 19.77 ? 210 VAL B CG2 1 
ATOM   845  N N   . VAL B 1 11 ? -9.058  9.572   1.388   1.00 20.15 ? 211 VAL B N   1 
ATOM   846  C CA  . VAL B 1 11 ? -9.197  10.921  1.929   1.00 20.52 ? 211 VAL B CA  1 
ATOM   847  C C   . VAL B 1 11 ? -9.113  11.923  0.809   1.00 21.16 ? 211 VAL B C   1 
ATOM   848  O O   . VAL B 1 11 ? -8.504  11.650  -0.210  1.00 21.17 ? 211 VAL B O   1 
ATOM   849  C CB  . VAL B 1 11 ? -8.086  11.242  2.963   1.00 20.43 ? 211 VAL B CB  1 
ATOM   850  C CG1 . VAL B 1 11 ? -8.384  10.579  4.289   1.00 21.36 ? 211 VAL B CG1 1 
ATOM   851  C CG2 . VAL B 1 11 ? -6.740  10.761  2.456   1.00 21.20 ? 211 VAL B CG2 1 
ATOM   852  N N   . THR B 1 12 ? -9.748  13.083  0.977   1.00 23.88 ? 212 THR B N   1 
ATOM   853  C CA  . THR B 1 12 ? -9.702  14.143  -0.046  1.00 25.30 ? 212 THR B CA  1 
ATOM   854  C C   . THR B 1 12 ? -8.441  15.010  0.114   1.00 23.11 ? 212 THR B C   1 
ATOM   855  O O   . THR B 1 12 ? -8.140  15.478  1.202   1.00 23.84 ? 212 THR B O   1 
ATOM   856  C CB  . THR B 1 12 ? -10.952 15.084  0.003   1.00 27.58 ? 212 THR B CB  1 
ATOM   857  O OG1 . THR B 1 12 ? -10.727 16.246  -0.814  1.00 28.43 ? 212 THR B OG1 1 
ATOM   858  C CG2 . THR B 1 12 ? -11.233 15.536  1.425   1.00 27.11 ? 212 THR B CG2 1 
ATOM   859  N N   . ILE B 1 13 ? -7.706  15.211  -0.968  1.00 22.92 ? 213 ILE B N   1 
ATOM   860  C CA  . ILE B 1 13 ? -6.502  16.034  -0.895  1.00 22.63 ? 213 ILE B CA  1 
ATOM   861  C C   . ILE B 1 13 ? -6.666  17.257  -1.756  1.00 22.32 ? 213 ILE B C   1 
ATOM   862  O O   . ILE B 1 13 ? -7.463  17.246  -2.716  1.00 20.85 ? 213 ILE B O   1 
ATOM   863  C CB  . ILE B 1 13 ? -5.223  15.282  -1.378  1.00 21.11 ? 213 ILE B CB  1 
ATOM   864  C CG1 . ILE B 1 13 ? -5.396  14.829  -2.797  1.00 19.89 ? 213 ILE B CG1 1 
ATOM   865  C CG2 . ILE B 1 13 ? -4.883  14.133  -0.458  1.00 18.39 ? 213 ILE B CG2 1 
ATOM   866  C CD1 . ILE B 1 13 ? -4.167  14.211  -3.376  1.00 20.06 ? 213 ILE B CD1 1 
ATOM   867  N N   . LYS B 1 14 ? -5.931  18.316  -1.421  1.00 21.64 ? 214 LYS B N   1 
ATOM   868  C CA  . LYS B 1 14 ? -5.987  19.535  -2.207  1.00 24.71 ? 214 LYS B CA  1 
ATOM   869  C C   . LYS B 1 14 ? -4.587  19.844  -2.767  1.00 25.74 ? 214 LYS B C   1 
ATOM   870  O O   . LYS B 1 14 ? -3.699  20.310  -2.049  1.00 27.45 ? 214 LYS B O   1 
ATOM   871  C CB  . LYS B 1 14 ? -6.628  20.668  -1.389  1.00 25.60 ? 214 LYS B CB  1 
ATOM   872  C CG  . LYS B 1 14 ? -6.999  21.915  -2.194  1.00 26.65 ? 214 LYS B CG  1 
ATOM   873  C CD  . LYS B 1 14 ? -8.101  22.701  -1.501  1.00 28.47 ? 214 LYS B CD  1 
ATOM   874  C CE  . LYS B 1 14 ? -8.793  23.801  -2.292  1.00 29.68 ? 214 LYS B CE  1 
ATOM   875  N NZ  . LYS B 1 14 ? -7.882  24.953  -2.513  1.00 32.20 ? 214 LYS B NZ  1 
ATOM   876  N N   . ILE B 1 15 ? -4.399  19.528  -4.044  1.00 25.41 ? 215 ILE B N   1 
ATOM   877  C CA  . ILE B 1 15 ? -3.132  19.754  -4.733  1.00 26.76 ? 215 ILE B CA  1 
ATOM   878  C C   . ILE B 1 15 ? -3.375  20.665  -5.933  1.00 28.50 ? 215 ILE B C   1 
ATOM   879  O O   . ILE B 1 15 ? -4.069  20.296  -6.869  1.00 29.44 ? 215 ILE B O   1 
ATOM   880  C CB  . ILE B 1 15 ? -2.485  18.412  -5.178  1.00 25.12 ? 215 ILE B CB  1 
ATOM   881  C CG1 . ILE B 1 15 ? -1.161  18.663  -5.827  1.00 21.50 ? 215 ILE B CG1 1 
ATOM   882  C CG2 . ILE B 1 15 ? -3.423  17.623  -6.083  1.00 25.60 ? 215 ILE B CG2 1 
ATOM   883  C CD1 . ILE B 1 15 ? -0.232  17.504  -5.685  1.00 17.80 ? 215 ILE B CD1 1 
ATOM   884  N N   . GLY B 1 16 ? -2.830  21.874  -5.882  1.00 29.82 ? 216 GLY B N   1 
ATOM   885  C CA  . GLY B 1 16 ? -3.040  22.808  -6.980  1.00 32.61 ? 216 GLY B CA  1 
ATOM   886  C C   . GLY B 1 16 ? -4.396  23.515  -6.880  1.00 35.18 ? 216 GLY B C   1 
ATOM   887  O O   . GLY B 1 16 ? -5.032  23.856  -7.917  1.00 35.05 ? 216 GLY B O   1 
ATOM   888  N N   . GLY B 1 17 ? -4.855  23.738  -5.646  1.00 34.52 ? 217 GLY B N   1 
ATOM   889  C CA  . GLY B 1 17 ? -6.124  24.411  -5.445  1.00 34.48 ? 217 GLY B CA  1 
ATOM   890  C C   . GLY B 1 17 ? -7.339  23.586  -5.823  1.00 33.94 ? 217 GLY B C   1 
ATOM   891  O O   . GLY B 1 17 ? -8.469  24.026  -5.671  1.00 33.30 ? 217 GLY B O   1 
ATOM   892  N N   . GLN B 1 18 ? -7.113  22.388  -6.343  1.00 34.32 ? 218 GLN B N   1 
ATOM   893  C CA  . GLN B 1 18 ? -8.225  21.532  -6.709  1.00 33.55 ? 218 GLN B CA  1 
ATOM   894  C C   . GLN B 1 18 ? -8.256  20.295  -5.811  1.00 31.40 ? 218 GLN B C   1 
ATOM   895  O O   . GLN B 1 18 ? -7.222  19.797  -5.374  1.00 28.83 ? 218 GLN B O   1 
ATOM   896  C CB  . GLN B 1 18 ? -8.204  21.240  -8.225  1.00 34.28 ? 218 GLN B CB  1 
ATOM   897  C CG  . GLN B 1 18 ? -7.136  20.510  -9.000  1.00 34.07 ? 218 GLN B CG  1 
ATOM   898  C CD  . GLN B 1 18 ? -7.649  20.052  -10.363 1.00 36.06 ? 218 GLN B CD  1 
ATOM   899  O OE1 . GLN B 1 18 ? -7.743  18.906  -10.813 1.00 35.85 ? 218 GLN B OE1 1 
ATOM   900  N NE2 . GLN B 1 18 ? -8.118  20.954  -11.239 1.00 37.09 ? 218 GLN B NE2 1 
ATOM   901  N N   . LEU B 1 19 ? -9.457  19.837  -5.493  1.00 32.38 ? 219 LEU B N   1 
ATOM   902  C CA  . LEU B 1 19 ? -9.621  18.675  -4.628  1.00 31.90 ? 219 LEU B CA  1 
ATOM   903  C C   . LEU B 1 19 ? -9.914  17.388  -5.431  1.00 33.13 ? 219 LEU B C   1 
ATOM   904  O O   . LEU B 1 19 ? -10.607 17.420  -6.475  1.00 35.78 ? 219 LEU B O   1 
ATOM   905  C CB  . LEU B 1 19 ? -10.795 18.870  -3.715  1.00 28.77 ? 219 LEU B CB  1 
ATOM   906  C CG  . LEU B 1 19 ? -10.866 20.180  -2.984  1.00 27.55 ? 219 LEU B CG  1 
ATOM   907  C CD1 . LEU B 1 19 ? -12.042 21.014  -3.509  1.00 26.19 ? 219 LEU B CD1 1 
ATOM   908  C CD2 . LEU B 1 19 ? -11.019 19.904  -1.497  1.00 26.85 ? 219 LEU B CD2 1 
ATOM   909  N N   . MET B 1 20 ? -9.332  16.276  -4.997  1.00 32.27 ? 220 MET B N   1 
ATOM   910  C CA  . MET B 1 20 ? -9.572  14.990  -5.653  1.00 32.75 ? 220 MET B CA  1 
ATOM   911  C C   . MET B 1 20 ? -9.505  13.939  -4.545  1.00 32.54 ? 220 MET B C   1 
ATOM   912  O O   . MET B 1 20 ? -9.295  14.276  -3.372  1.00 35.15 ? 220 MET B O   1 
ATOM   913  C CB  . MET B 1 20 ? -8.475  14.691  -6.734  1.00 32.66 ? 220 MET B CB  1 
ATOM   914  C CG  . MET B 1 20 ? -7.553  15.830  -7.134  1.00 33.95 ? 220 MET B CG  1 
ATOM   915  S SD  . MET B 1 20 ? -6.126  15.241  -8.049  1.00 31.67 ? 220 MET B SD  1 
ATOM   916  C CE  . MET B 1 20 ? -5.105  14.580  -6.751  1.00 32.61 ? 220 MET B CE  1 
ATOM   917  N N   . GLU B 1 21 ? -9.748  12.680  -4.873  1.00 29.75 ? 221 GLU B N   1 
ATOM   918  C CA  . GLU B 1 21 ? -9.670  11.657  -3.845  1.00 27.87 ? 221 GLU B CA  1 
ATOM   919  C C   . GLU B 1 21 ? -8.436  10.905  -3.963  1.00 24.84 ? 221 GLU B C   1 
ATOM   920  O O   . GLU B 1 21 ? -7.999  10.604  -5.057  1.00 26.44 ? 221 GLU B O   1 
ATOM   921  C CB  . GLU B 1 21 ? -10.883 10.720  -3.900  1.00 29.66 ? 221 GLU B CB  1 
ATOM   922  C CG  . GLU B 1 21 ? -12.211 11.418  -3.602  1.00 36.89 ? 221 GLU B CG  1 
ATOM   923  C CD  . GLU B 1 21 ? -12.131 12.415  -2.432  1.00 42.49 ? 221 GLU B CD  1 
ATOM   924  O OE1 . GLU B 1 21 ? -11.851 13.618  -2.692  1.00 45.50 ? 221 GLU B OE1 1 
ATOM   925  O OE2 . GLU B 1 21 ? -12.354 12.010  -1.263  1.00 44.80 ? 221 GLU B OE2 1 
ATOM   926  N N   . ALA B 1 22 ? -7.787  10.646  -2.838  1.00 21.32 ? 222 ALA B N   1 
ATOM   927  C CA  . ALA B 1 22 ? -6.549  9.879   -2.844  1.00 18.07 ? 222 ALA B CA  1 
ATOM   928  C C   . ALA B 1 22 ? -6.746  8.640   -1.964  1.00 15.76 ? 222 ALA B C   1 
ATOM   929  O O   . ALA B 1 22 ? -7.730  8.538   -1.277  1.00 17.41 ? 222 ALA B O   1 
ATOM   930  C CB  . ALA B 1 22 ? -5.402  10.746  -2.332  1.00 13.45 ? 222 ALA B CB  1 
ATOM   931  N N   . LEU B 1 23 ? -5.780  7.731   -1.972  1.00 13.81 ? 223 LEU B N   1 
ATOM   932  C CA  . LEU B 1 23 ? -5.852  6.517   -1.178  1.00 14.64 ? 223 LEU B CA  1 
ATOM   933  C C   . LEU B 1 23 ? -4.674  6.403   -0.209  1.00 16.44 ? 223 LEU B C   1 
ATOM   934  O O   . LEU B 1 23 ? -3.533  6.319   -0.638  1.00 17.25 ? 223 LEU B O   1 
ATOM   935  C CB  . LEU B 1 23 ? -5.861  5.294   -2.097  1.00 12.97 ? 223 LEU B CB  1 
ATOM   936  C CG  . LEU B 1 23 ? -5.517  3.932   -1.478  1.00 16.93 ? 223 LEU B CG  1 
ATOM   937  C CD1 . LEU B 1 23 ? -6.611  2.917   -1.752  1.00 16.13 ? 223 LEU B CD1 1 
ATOM   938  C CD2 . LEU B 1 23 ? -4.170  3.424   -2.008  1.00 16.86 ? 223 LEU B CD2 1 
ATOM   939  N N   . ILE B 1 24 ? -4.955  6.358   1.092   1.00 16.12 ? 224 ILE B N   1 
ATOM   940  C CA  . ILE B 1 24 ? -3.893  6.247   2.089   1.00 15.20 ? 224 ILE B CA  1 
ATOM   941  C C   . ILE B 1 24 ? -3.220  4.908   1.898   1.00 15.41 ? 224 ILE B C   1 
ATOM   942  O O   . ILE B 1 24 ? -3.843  3.882   2.069   1.00 17.52 ? 224 ILE B O   1 
ATOM   943  C CB  . ILE B 1 24 ? -4.454  6.393   3.532   1.00 14.44 ? 224 ILE B CB  1 
ATOM   944  C CG1 . ILE B 1 24 ? -5.133  7.780   3.674   1.00 16.64 ? 224 ILE B CG1 1 
ATOM   945  C CG2 . ILE B 1 24 ? -3.332  6.287   4.558   1.00 10.00 ? 224 ILE B CG2 1 
ATOM   946  C CD1 . ILE B 1 24 ? -5.690  8.088   5.054   1.00 14.90 ? 224 ILE B CD1 1 
ATOM   947  N N   . ASP B 1 25 ? -1.931  4.920   1.575   1.00 14.18 ? 225 ASP B N   1 
ATOM   948  C CA  . ASP B 1 25 ? -1.212  3.687   1.308   1.00 13.71 ? 225 ASP B CA  1 
ATOM   949  C C   . ASP B 1 25 ? 0.106   3.653   1.993   1.00 13.85 ? 225 ASP B C   1 
ATOM   950  O O   . ASP B 1 25 ? 1.039   4.182   1.493   1.00 13.71 ? 225 ASP B O   1 
ATOM   951  C CB  . ASP B 1 25 ? -1.057  3.565   -0.226  1.00 12.97 ? 225 ASP B CB  1 
ATOM   952  C CG  . ASP B 1 25 ? -0.350  2.293   -0.667  1.00 11.41 ? 225 ASP B CG  1 
ATOM   953  O OD1 . ASP B 1 25 ? -0.379  2.035   -1.881  1.00 12.55 ? 225 ASP B OD1 1 
ATOM   954  O OD2 . ASP B 1 25 ? 0.250   1.571   0.142   1.00 11.86 ? 225 ASP B OD2 1 
ATOM   955  N N   . THR B 1 26 ? 0.207   2.891   3.079   1.00 14.62 ? 226 THR B N   1 
ATOM   956  C CA  . THR B 1 26 ? 1.450   2.797   3.845   1.00 13.40 ? 226 THR B CA  1 
ATOM   957  C C   . THR B 1 26 ? 2.529   1.885   3.220   1.00 14.06 ? 226 THR B C   1 
ATOM   958  O O   . THR B 1 26 ? 3.627   1.807   3.732   1.00 13.80 ? 226 THR B O   1 
ATOM   959  C CB  . THR B 1 26 ? 1.178   2.345   5.313   1.00 12.01 ? 226 THR B CB  1 
ATOM   960  O OG1 . THR B 1 26 ? 0.689   0.996   5.336   1.00 14.45 ? 226 THR B OG1 1 
ATOM   961  C CG2 . THR B 1 26 ? 0.138   3.258   5.955   1.00 11.08 ? 226 THR B CG2 1 
ATOM   962  N N   . GLY B 1 27 ? 2.185   1.190   2.136   1.00 15.47 ? 227 GLY B N   1 
ATOM   963  C CA  . GLY B 1 27 ? 3.124   0.293   1.478   1.00 14.52 ? 227 GLY B CA  1 
ATOM   964  C C   . GLY B 1 27 ? 3.937   0.952   0.375   1.00 15.49 ? 227 GLY B C   1 
ATOM   965  O O   . GLY B 1 27 ? 4.937   0.397   -0.103  1.00 15.65 ? 227 GLY B O   1 
ATOM   966  N N   . ALA B 1 28 ? 3.498   2.145   -0.021  1.00 15.46 ? 228 ALA B N   1 
ATOM   967  C CA  . ALA B 1 28 ? 4.145   2.937   -1.070  1.00 12.89 ? 228 ALA B CA  1 
ATOM   968  C C   . ALA B 1 28 ? 5.182   3.882   -0.539  1.00 13.79 ? 228 ALA B C   1 
ATOM   969  O O   . ALA B 1 28 ? 4.893   4.733   0.325   1.00 11.83 ? 228 ALA B O   1 
ATOM   970  C CB  . ALA B 1 28 ? 3.112   3.726   -1.865  1.00 7.69  ? 228 ALA B CB  1 
ATOM   971  N N   . ASP B 1 29 ? 6.383   3.788   -1.102  1.00 13.32 ? 229 ASP B N   1 
ATOM   972  C CA  . ASP B 1 29 ? 7.479   4.648   -0.709  1.00 11.30 ? 229 ASP B CA  1 
ATOM   973  C C   . ASP B 1 29 ? 7.233   6.108   -1.131  1.00 11.34 ? 229 ASP B C   1 
ATOM   974  O O   . ASP B 1 29 ? 7.635   7.047   -0.436  1.00 12.65 ? 229 ASP B O   1 
ATOM   975  C CB  . ASP B 1 29 ? 8.760   4.144   -1.322  1.00 10.13 ? 229 ASP B CB  1 
ATOM   976  C CG  . ASP B 1 29 ? 9.300   2.925   -0.615  1.00 12.92 ? 229 ASP B CG  1 
ATOM   977  O OD1 . ASP B 1 29 ? 9.154   2.859   0.613   1.00 14.30 ? 229 ASP B OD1 1 
ATOM   978  O OD2 . ASP B 1 29 ? 9.880   2.036   -1.273  1.00 13.77 ? 229 ASP B OD2 1 
ATOM   979  N N   . ASP B 1 30 ? 6.545   6.283   -2.254  1.00 12.05 ? 230 ASP B N   1 
ATOM   980  C CA  . ASP B 1 30 ? 6.265   7.604   -2.808  1.00 12.60 ? 230 ASP B CA  1 
ATOM   981  C C   . ASP B 1 30 ? 4.821   7.826   -3.144  1.00 11.09 ? 230 ASP B C   1 
ATOM   982  O O   . ASP B 1 30 ? 4.013   6.935   -3.056  1.00 9.32  ? 230 ASP B O   1 
ATOM   983  C CB  . ASP B 1 30 ? 7.045   7.801   -4.086  1.00 14.03 ? 230 ASP B CB  1 
ATOM   984  C CG  . ASP B 1 30 ? 8.534   8.026   -3.844  1.00 18.59 ? 230 ASP B CG  1 
ATOM   985  O OD1 . ASP B 1 30 ? 9.263   7.050   -3.576  1.00 16.14 ? 230 ASP B OD1 1 
ATOM   986  O OD2 . ASP B 1 30 ? 8.985   9.189   -3.956  1.00 22.97 ? 230 ASP B OD2 1 
ATOM   987  N N   . THR B 1 31 ? 4.489   9.060   -3.492  1.00 11.77 ? 231 THR B N   1 
ATOM   988  C CA  . THR B 1 31 ? 3.123   9.422   -3.847  1.00 11.66 ? 231 THR B CA  1 
ATOM   989  C C   . THR B 1 31 ? 3.009   9.429   -5.355  1.00 13.55 ? 231 THR B C   1 
ATOM   990  O O   . THR B 1 31 ? 3.843   9.998   -6.028  1.00 16.86 ? 231 THR B O   1 
ATOM   991  C CB  . THR B 1 31 ? 2.774   10.814  -3.287  1.00 9.25  ? 231 THR B CB  1 
ATOM   992  O OG1 . THR B 1 31 ? 2.811   10.774  -1.859  1.00 10.79 ? 231 THR B OG1 1 
ATOM   993  C CG2 . THR B 1 31 ? 1.403   11.265  -3.740  1.00 6.15  ? 231 THR B CG2 1 
ATOM   994  N N   . VAL B 1 32 ? 1.996   8.760   -5.892  1.00 15.77 ? 232 VAL B N   1 
ATOM   995  C CA  . VAL B 1 32 ? 1.794   8.704   -7.332  1.00 13.86 ? 232 VAL B CA  1 
ATOM   996  C C   . VAL B 1 32 ? 0.343   9.039   -7.698  1.00 15.24 ? 232 VAL B C   1 
ATOM   997  O O   . VAL B 1 32 ? -0.567  8.312   -7.374  1.00 13.53 ? 232 VAL B O   1 
ATOM   998  C CB  . VAL B 1 32 ? 2.169   7.312   -7.868  1.00 14.60 ? 232 VAL B CB  1 
ATOM   999  C CG1 . VAL B 1 32 ? 2.007   7.249   -9.382  1.00 13.71 ? 232 VAL B CG1 1 
ATOM   1000 C CG2 . VAL B 1 32 ? 3.606   6.967   -7.446  1.00 15.81 ? 232 VAL B CG2 1 
ATOM   1001 N N   . LEU B 1 33 ? 0.142   10.173  -8.347  1.00 15.65 ? 233 LEU B N   1 
ATOM   1002 C CA  . LEU B 1 33 ? -1.196  10.580  -8.751  1.00 19.01 ? 233 LEU B CA  1 
ATOM   1003 C C   . LEU B 1 33 ? -1.420  10.355  -10.287 1.00 22.04 ? 233 LEU B C   1 
ATOM   1004 O O   . LEU B 1 33 ? -0.457  10.110  -11.042 1.00 23.06 ? 233 LEU B O   1 
ATOM   1005 C CB  . LEU B 1 33 ? -1.410  12.056  -8.433  1.00 18.17 ? 233 LEU B CB  1 
ATOM   1006 C CG  . LEU B 1 33 ? -1.014  12.518  -7.014  1.00 20.41 ? 233 LEU B CG  1 
ATOM   1007 C CD1 . LEU B 1 33 ? -1.103  14.028  -6.952  1.00 20.49 ? 233 LEU B CD1 1 
ATOM   1008 C CD2 . LEU B 1 33 ? -1.873  11.870  -5.942  1.00 18.37 ? 233 LEU B CD2 1 
ATOM   1009 N N   . GLU B 1 34 ? -2.684  10.407  -10.705 1.00 24.06 ? 234 GLU B N   1 
ATOM   1010 C CA  . GLU B 1 34 ? -3.051  10.237  -12.100 1.00 25.60 ? 234 GLU B CA  1 
ATOM   1011 C C   . GLU B 1 34 ? -2.485  11.398  -12.872 1.00 26.94 ? 234 GLU B C   1 
ATOM   1012 O O   . GLU B 1 34 ? -2.414  12.520  -12.366 1.00 24.07 ? 234 GLU B O   1 
ATOM   1013 C CB  . GLU B 1 34 ? -4.602  10.146  -12.245 1.00 28.10 ? 234 GLU B CB  1 
ATOM   1014 C CG  . GLU B 1 34 ? -5.022  8.921   -11.423 1.00 34.45 ? 234 GLU B CG  1 
ATOM   1015 C CD  . GLU B 1 34 ? -6.444  8.409   -11.722 1.00 37.74 ? 234 GLU B CD  1 
ATOM   1016 O OE1 . GLU B 1 34 ? -6.734  8.089   -12.908 1.00 41.67 ? 234 GLU B OE1 1 
ATOM   1017 O OE2 . GLU B 1 34 ? -7.254  8.279   -10.761 1.00 38.65 ? 234 GLU B OE2 1 
ATOM   1018 N N   . GLU B 1 35 ? -2.077  11.123  -14.112 1.00 30.21 ? 235 GLU B N   1 
ATOM   1019 C CA  . GLU B 1 35 ? -1.481  12.115  -15.000 1.00 30.59 ? 235 GLU B CA  1 
ATOM   1020 C C   . GLU B 1 35 ? -2.206  13.397  -15.109 1.00 29.95 ? 235 GLU B C   1 
ATOM   1021 O O   . GLU B 1 35 ? -3.425  13.444  -15.313 1.00 28.65 ? 235 GLU B O   1 
ATOM   1022 C CB  . GLU B 1 35 ? -1.274  11.542  -16.423 1.00 33.26 ? 235 GLU B CB  1 
ATOM   1023 C CG  . GLU B 1 35 ? 0.146   11.002  -16.641 1.00 37.84 ? 235 GLU B CG  1 
ATOM   1024 C CD  . GLU B 1 35 ? 1.235   12.096  -16.691 1.00 40.58 ? 235 GLU B CD  1 
ATOM   1025 O OE1 . GLU B 1 35 ? 0.937   13.301  -16.463 1.00 41.89 ? 235 GLU B OE1 1 
ATOM   1026 O OE2 . GLU B 1 35 ? 2.408   11.742  -16.971 1.00 40.97 ? 235 GLU B OE2 1 
ATOM   1027 N N   . MET B 1 36 ? -1.443  14.471  -15.000 1.00 28.96 ? 236 MET B N   1 
ATOM   1028 C CA  . MET B 1 36 ? -1.982  15.810  -15.104 1.00 27.99 ? 236 MET B CA  1 
ATOM   1029 C C   . MET B 1 36 ? -0.843  16.782  -15.017 1.00 27.14 ? 236 MET B C   1 
ATOM   1030 O O   . MET B 1 36 ? 0.310   16.389  -14.792 1.00 24.92 ? 236 MET B O   1 
ATOM   1031 C CB  . MET B 1 36 ? -2.923  16.078  -13.989 1.00 28.62 ? 236 MET B CB  1 
ATOM   1032 C CG  . MET B 1 36 ? -2.271  15.926  -12.649 1.00 30.35 ? 236 MET B CG  1 
ATOM   1033 S SD  . MET B 1 36 ? -3.405  16.454  -11.422 1.00 38.13 ? 236 MET B SD  1 
ATOM   1034 C CE  . MET B 1 36 ? -2.442  16.110  -9.948  1.00 37.01 ? 236 MET B CE  1 
ATOM   1035 N N   . ASP B 1 37 ? -1.143  18.059  -15.204 1.00 25.73 ? 237 ASP B N   1 
ATOM   1036 C CA  . ASP B 1 37 ? -0.111  19.063  -15.134 1.00 26.50 ? 237 ASP B CA  1 
ATOM   1037 C C   . ASP B 1 37 ? -0.166  19.785  -13.795 1.00 25.23 ? 237 ASP B C   1 
ATOM   1038 O O   . ASP B 1 37 ? -1.218  20.233  -13.360 1.00 26.58 ? 237 ASP B O   1 
ATOM   1039 C CB  . ASP B 1 37 ? -0.190  20.007  -16.412 1.00 27.85 ? 237 ASP B CB  1 
ATOM   1040 C CG  . ASP B 1 37 ? 0.564   19.432  -17.624 1.00 29.56 ? 237 ASP B CG  1 
ATOM   1041 O OD1 . ASP B 1 37 ? -0.043  18.670  -18.413 1.00 31.20 ? 237 ASP B OD1 1 
ATOM   1042 O OD2 . ASP B 1 37 ? 1.766   19.747  -17.789 1.00 31.52 ? 237 ASP B OD2 1 
ATOM   1043 N N   . LEU B 1 38 ? 0.966   19.815  -13.109 1.00 24.45 ? 238 LEU B N   1 
ATOM   1044 C CA  . LEU B 1 38 ? 1.071   20.502  -11.840 1.00 24.10 ? 238 LEU B CA  1 
ATOM   1045 C C   . LEU B 1 38 ? 1.880   21.677  -12.101 1.00 24.14 ? 238 LEU B C   1 
ATOM   1046 O O   . LEU B 1 38 ? 2.612   21.711  -13.083 1.00 24.13 ? 238 LEU B O   1 
ATOM   1047 C CB  . LEU B 1 38 ? 1.683   19.590  -10.817 1.00 25.53 ? 238 LEU B CB  1 
ATOM   1048 C CG  . LEU B 1 38 ? 0.694   18.486  -10.394 1.00 24.68 ? 238 LEU B CG  1 
ATOM   1049 C CD1 . LEU B 1 38 ? 1.397   17.506  -9.489  1.00 25.33 ? 238 LEU B CD1 1 
ATOM   1050 C CD2 . LEU B 1 38 ? -0.541  19.091  -9.721  1.00 24.67 ? 238 LEU B CD2 1 
ATOM   1051 N N   . PRO B 1 39 ? 1.746   22.723  -11.270 1.00 25.38 ? 239 PRO B N   1 
ATOM   1052 C CA  . PRO B 1 39 ? 2.467   24.003  -11.374 1.00 26.38 ? 239 PRO B CA  1 
ATOM   1053 C C   . PRO B 1 39 ? 4.008   24.002  -11.116 1.00 25.00 ? 239 PRO B C   1 
ATOM   1054 O O   . PRO B 1 39 ? 4.491   24.750  -10.292 1.00 28.54 ? 239 PRO B O   1 
ATOM   1055 C CB  . PRO B 1 39 ? 1.724   24.905  -10.382 1.00 27.21 ? 239 PRO B CB  1 
ATOM   1056 C CG  . PRO B 1 39 ? 0.333   24.290  -10.342 1.00 28.93 ? 239 PRO B CG  1 
ATOM   1057 C CD  . PRO B 1 39 ? 0.651   22.821  -10.297 1.00 26.10 ? 239 PRO B CD  1 
ATOM   1058 N N   . GLY B 1 40 ? 4.756   23.227  -11.887 1.00 23.75 ? 240 GLY B N   1 
ATOM   1059 C CA  . GLY B 1 40 ? 6.193   23.191  -11.702 1.00 21.35 ? 240 GLY B CA  1 
ATOM   1060 C C   . GLY B 1 40 ? 6.870   22.412  -12.807 1.00 18.85 ? 240 GLY B C   1 
ATOM   1061 O O   . GLY B 1 40 ? 6.232   22.000  -13.739 1.00 16.35 ? 240 GLY B O   1 
ATOM   1062 N N   . ARG B 1 41 ? 8.177   22.236  -12.700 1.00 18.48 ? 241 ARG B N   1 
ATOM   1063 C CA  . ARG B 1 41 ? 8.905   21.485  -13.711 1.00 19.39 ? 241 ARG B CA  1 
ATOM   1064 C C   . ARG B 1 41 ? 9.064   20.152  -13.218 1.00 19.77 ? 241 ARG B C   1 
ATOM   1065 O O   . ARG B 1 41 ? 9.006   19.925  -11.986 1.00 20.59 ? 241 ARG B O   1 
ATOM   1066 C CB  . ARG B 1 41 ? 10.360  21.940  -13.868 1.00 20.66 ? 241 ARG B CB  1 
ATOM   1067 C CG  . ARG B 1 41 ? 10.815  23.385  -13.972 1.00 21.31 ? 241 ARG B CG  1 
ATOM   1068 C CD  . ARG B 1 41 ? 11.881  23.499  -15.035 1.00 22.18 ? 241 ARG B CD  1 
ATOM   1069 N NE  . ARG B 1 41 ? 11.282  23.932  -16.285 1.00 21.73 ? 241 ARG B NE  1 
ATOM   1070 C CZ  . ARG B 1 41 ? 11.699  23.566  -17.493 1.00 20.30 ? 241 ARG B CZ  1 
ATOM   1071 N NH1 . ARG B 1 41 ? 11.074  24.032  -18.558 1.00 22.56 ? 241 ARG B NH1 1 
ATOM   1072 N NH2 . ARG B 1 41 ? 12.726  22.746  -17.636 1.00 18.21 ? 241 ARG B NH2 1 
ATOM   1073 N N   . TRP B 1 42 ? 9.334   19.218  -14.125 1.00 16.97 ? 242 TRP B N   1 
ATOM   1074 C CA  . TRP B 1 42 ? 9.511   17.838  -13.724 1.00 14.28 ? 242 TRP B CA  1 
ATOM   1075 C C   . TRP B 1 42 ? 10.726  17.199  -14.285 1.00 13.50 ? 242 TRP B C   1 
ATOM   1076 O O   . TRP B 1 42 ? 11.372  17.750  -15.106 1.00 14.68 ? 242 TRP B O   1 
ATOM   1077 C CB  . TRP B 1 42 ? 8.223   17.054  -14.008 1.00 11.34 ? 242 TRP B CB  1 
ATOM   1078 C CG  . TRP B 1 42 ? 7.736   17.025  -15.437 1.00 7.93  ? 242 TRP B CG  1 
ATOM   1079 C CD1 . TRP B 1 42 ? 6.839   17.859  -16.014 1.00 6.71  ? 242 TRP B CD1 1 
ATOM   1080 C CD2 . TRP B 1 42 ? 8.042   16.027  -16.409 1.00 5.49  ? 242 TRP B CD2 1 
ATOM   1081 N NE1 . TRP B 1 42 ? 6.557   17.435  -17.287 1.00 4.35  ? 242 TRP B NE1 1 
ATOM   1082 C CE2 . TRP B 1 42 ? 7.283   16.312  -17.549 1.00 5.59  ? 242 TRP B CE2 1 
ATOM   1083 C CE3 . TRP B 1 42 ? 8.878   14.908  -16.420 1.00 5.73  ? 242 TRP B CE3 1 
ATOM   1084 C CZ2 . TRP B 1 42 ? 7.339   15.509  -18.685 1.00 6.87  ? 242 TRP B CZ2 1 
ATOM   1085 C CZ3 . TRP B 1 42 ? 8.935   14.118  -17.537 1.00 7.72  ? 242 TRP B CZ3 1 
ATOM   1086 C CH2 . TRP B 1 42 ? 8.169   14.418  -18.654 1.00 8.24  ? 242 TRP B CH2 1 
ATOM   1087 N N   . LYS B 1 43 ? 11.078  16.046  -13.742 1.00 15.66 ? 243 LYS B N   1 
ATOM   1088 C CA  . LYS B 1 43 ? 12.229  15.289  -14.216 1.00 17.88 ? 243 LYS B CA  1 
ATOM   1089 C C   . LYS B 1 43 ? 11.636  13.964  -14.457 1.00 18.85 ? 243 LYS B C   1 
ATOM   1090 O O   . LYS B 1 43 ? 10.489  13.745  -14.119 1.00 18.23 ? 243 LYS B O   1 
ATOM   1091 C CB  . LYS B 1 43 ? 13.195  14.935  -13.092 1.00 19.26 ? 243 LYS B CB  1 
ATOM   1092 C CG  . LYS B 1 43 ? 13.415  15.920  -11.962 1.00 23.22 ? 243 LYS B CG  1 
ATOM   1093 C CD  . LYS B 1 43 ? 14.338  15.634  -10.773 1.00 24.56 ? 243 LYS B CD  1 
ATOM   1094 C CE  . LYS B 1 43 ? 14.200  16.804  -9.787  1.00 26.99 ? 243 LYS B CE  1 
ATOM   1095 N NZ  . LYS B 1 43 ? 15.294  16.855  -8.760  1.00 29.00 ? 243 LYS B NZ  1 
ATOM   1096 N N   . PRO B 1 44 ? 12.344  13.078  -15.151 1.00 20.60 ? 244 PRO B N   1 
ATOM   1097 C CA  . PRO B 1 44 ? 11.757  11.756  -15.383 1.00 19.81 ? 244 PRO B CA  1 
ATOM   1098 C C   . PRO B 1 44 ? 12.109  10.803  -14.172 1.00 20.21 ? 244 PRO B C   1 
ATOM   1099 O O   . PRO B 1 44 ? 13.135  11.018  -13.472 1.00 21.20 ? 244 PRO B O   1 
ATOM   1100 C CB  . PRO B 1 44 ? 12.402  11.343  -16.702 1.00 18.98 ? 244 PRO B CB  1 
ATOM   1101 C CG  . PRO B 1 44 ? 13.776  11.908  -16.572 1.00 17.22 ? 244 PRO B CG  1 
ATOM   1102 C CD  . PRO B 1 44 ? 13.513  13.299  -16.019 1.00 18.48 ? 244 PRO B CD  1 
ATOM   1103 N N   . LYS B 1 45 ? 11.257  9.813   -13.911 1.00 20.31 ? 245 LYS B N   1 
ATOM   1104 C CA  . LYS B 1 45 ? 11.514  8.859   -12.843 1.00 19.56 ? 245 LYS B CA  1 
ATOM   1105 C C   . LYS B 1 45 ? 10.864  7.499   -13.201 1.00 20.51 ? 245 LYS B C   1 
ATOM   1106 O O   . LYS B 1 45 ? 9.846   7.445   -13.897 1.00 16.64 ? 245 LYS B O   1 
ATOM   1107 C CB  . LYS B 1 45 ? 11.016  9.408   -11.493 1.00 19.77 ? 245 LYS B CB  1 
ATOM   1108 C CG  . LYS B 1 45 ? 11.535  8.514   -10.363 1.00 21.95 ? 245 LYS B CG  1 
ATOM   1109 C CD  . LYS B 1 45 ? 11.101  8.741   -8.917  1.00 22.91 ? 245 LYS B CD  1 
ATOM   1110 C CE  . LYS B 1 45 ? 11.765  7.898   -7.833  1.00 21.50 ? 245 LYS B CE  1 
ATOM   1111 N NZ  . LYS B 1 45 ? 13.191  8.277   -7.599  1.00 25.22 ? 245 LYS B NZ  1 
ATOM   1112 N N   . ILE B 1 46 ? 11.509  6.424   -12.748 1.00 22.11 ? 246 ILE B N   1 
ATOM   1113 C CA  . ILE B 1 46 ? 11.075  5.039   -12.956 1.00 22.99 ? 246 ILE B CA  1 
ATOM   1114 C C   . ILE B 1 46 ? 10.856  4.376   -11.582 1.00 23.03 ? 246 ILE B C   1 
ATOM   1115 O O   . ILE B 1 46 ? 11.784  4.306   -10.765 1.00 21.86 ? 246 ILE B O   1 
ATOM   1116 C CB  . ILE B 1 46 ? 12.162  4.217   -13.761 1.00 24.94 ? 246 ILE B CB  1 
ATOM   1117 C CG1 . ILE B 1 46 ? 11.723  4.033   -15.200 1.00 25.32 ? 246 ILE B CG1 1 
ATOM   1118 C CG2 . ILE B 1 46 ? 12.432  2.833   -13.138 1.00 22.73 ? 246 ILE B CG2 1 
ATOM   1119 C CD1 . ILE B 1 46 ? 11.707  5.310   -15.991 1.00 26.25 ? 246 ILE B CD1 1 
ATOM   1120 N N   . ILE B 1 47 ? 9.628   3.941   -11.323 1.00 23.07 ? 247 ILE B N   1 
ATOM   1121 C CA  . ILE B 1 47 ? 9.292   3.265   -10.070 1.00 23.86 ? 247 ILE B CA  1 
ATOM   1122 C C   . ILE B 1 47 ? 8.631   1.907   -10.368 1.00 25.05 ? 247 ILE B C   1 
ATOM   1123 O O   . ILE B 1 47 ? 7.969   1.749   -11.385 1.00 25.88 ? 247 ILE B O   1 
ATOM   1124 C CB  . ILE B 1 47 ? 8.403   4.156   -9.112  1.00 24.04 ? 247 ILE B CB  1 
ATOM   1125 C CG1 . ILE B 1 47 ? 7.370   4.978   -9.894  1.00 23.19 ? 247 ILE B CG1 1 
ATOM   1126 C CG2 . ILE B 1 47 ? 9.278   5.129   -8.318  1.00 20.86 ? 247 ILE B CG2 1 
ATOM   1127 C CD1 . ILE B 1 47 ? 6.036   4.313   -10.091 1.00 22.48 ? 247 ILE B CD1 1 
ATOM   1128 N N   . GLY B 1 48 ? 8.875   0.920   -9.513  1.00 26.09 ? 248 GLY B N   1 
ATOM   1129 C CA  . GLY B 1 48 ? 8.306   -0.400  -9.737  1.00 27.23 ? 248 GLY B CA  1 
ATOM   1130 C C   . GLY B 1 48 ? 7.193   -0.837  -8.797  1.00 27.44 ? 248 GLY B C   1 
ATOM   1131 O O   . GLY B 1 48 ? 7.281   -0.659  -7.591  1.00 27.01 ? 248 GLY B O   1 
ATOM   1132 N N   . GLY B 1 49 ? 6.170   -1.469  -9.360  1.00 27.56 ? 249 GLY B N   1 
ATOM   1133 C CA  . GLY B 1 49 ? 5.055   -1.936  -8.561  1.00 26.34 ? 249 GLY B CA  1 
ATOM   1134 C C   . GLY B 1 49 ? 4.945   -3.427  -8.782  1.00 24.59 ? 249 GLY B C   1 
ATOM   1135 O O   . GLY B 1 49 ? 5.848   -4.030  -9.328  1.00 24.58 ? 249 GLY B O   1 
ATOM   1136 N N   . ILE B 1 50 ? 3.846   -4.037  -8.363  1.00 24.96 ? 250 ILE B N   1 
ATOM   1137 C CA  . ILE B 1 50 ? 3.704   -5.466  -8.558  1.00 23.91 ? 250 ILE B CA  1 
ATOM   1138 C C   . ILE B 1 50 ? 3.417   -5.687  -10.021 1.00 24.61 ? 250 ILE B C   1 
ATOM   1139 O O   . ILE B 1 50 ? 2.593   -4.989  -10.601 1.00 23.46 ? 250 ILE B O   1 
ATOM   1140 C CB  . ILE B 1 50 ? 2.597   -6.070  -7.617  1.00 22.24 ? 250 ILE B CB  1 
ATOM   1141 C CG1 . ILE B 1 50 ? 3.157   -7.222  -6.848  1.00 21.39 ? 250 ILE B CG1 1 
ATOM   1142 C CG2 . ILE B 1 50 ? 1.372   -6.582  -8.393  1.00 22.06 ? 250 ILE B CG2 1 
ATOM   1143 C CD1 . ILE B 1 50 ? 2.199   -7.785  -5.842  1.00 19.51 ? 250 ILE B CD1 1 
ATOM   1144 N N   . GLY B 1 51 ? 4.170   -6.577  -10.650 1.00 26.05 ? 251 GLY B N   1 
ATOM   1145 C CA  . GLY B 1 51 ? 3.909   -6.836  -12.055 1.00 30.29 ? 251 GLY B CA  1 
ATOM   1146 C C   . GLY B 1 51 ? 4.798   -6.140  -13.078 1.00 31.43 ? 251 GLY B C   1 
ATOM   1147 O O   . GLY B 1 51 ? 4.891   -6.601  -14.223 1.00 34.33 ? 251 GLY B O   1 
ATOM   1148 N N   . GLY B 1 52 ? 5.452   -5.048  -12.697 1.00 30.63 ? 252 GLY B N   1 
ATOM   1149 C CA  . GLY B 1 52 ? 6.325   -4.359  -13.636 1.00 31.19 ? 252 GLY B CA  1 
ATOM   1150 C C   . GLY B 1 52 ? 6.695   -2.944  -13.234 1.00 32.04 ? 252 GLY B C   1 
ATOM   1151 O O   . GLY B 1 52 ? 6.295   -2.467  -12.162 1.00 31.49 ? 252 GLY B O   1 
ATOM   1152 N N   . PHE B 1 53 ? 7.479   -2.276  -14.080 1.00 31.03 ? 253 PHE B N   1 
ATOM   1153 C CA  . PHE B 1 53 ? 7.894   -0.902  -13.814 1.00 30.35 ? 253 PHE B CA  1 
ATOM   1154 C C   . PHE B 1 53 ? 7.140   0.129   -14.627 1.00 30.08 ? 253 PHE B C   1 
ATOM   1155 O O   . PHE B 1 53 ? 6.777   -0.124  -15.785 1.00 30.25 ? 253 PHE B O   1 
ATOM   1156 C CB  . PHE B 1 53 ? 9.342   -0.717  -14.114 1.00 29.99 ? 253 PHE B CB  1 
ATOM   1157 C CG  . PHE B 1 53 ? 10.234  -1.192  -13.030 1.00 30.92 ? 253 PHE B CG  1 
ATOM   1158 C CD1 . PHE B 1 53 ? 10.783  -0.285  -12.126 1.00 31.78 ? 253 PHE B CD1 1 
ATOM   1159 C CD2 . PHE B 1 53 ? 10.516  -2.551  -12.897 1.00 34.20 ? 253 PHE B CD2 1 
ATOM   1160 C CE1 . PHE B 1 53 ? 11.605  -0.714  -11.109 1.00 32.01 ? 253 PHE B CE1 1 
ATOM   1161 C CE2 . PHE B 1 53 ? 11.340  -2.997  -11.881 1.00 35.81 ? 253 PHE B CE2 1 
ATOM   1162 C CZ  . PHE B 1 53 ? 11.886  -2.069  -10.979 1.00 33.89 ? 253 PHE B CZ  1 
ATOM   1163 N N   . VAL B 1 54 ? 6.945   1.310   -14.044 1.00 28.41 ? 254 VAL B N   1 
ATOM   1164 C CA  . VAL B 1 54 ? 6.228   2.396   -14.711 1.00 28.87 ? 254 VAL B CA  1 
ATOM   1165 C C   . VAL B 1 54 ? 7.132   3.742   -14.881 1.00 28.43 ? 254 VAL B C   1 
ATOM   1166 O O   . VAL B 1 54 ? 8.143   3.928   -14.183 1.00 28.40 ? 254 VAL B O   1 
ATOM   1167 C CB  . VAL B 1 54 ? 4.876   2.671   -13.974 1.00 30.60 ? 254 VAL B CB  1 
ATOM   1168 C CG1 . VAL B 1 54 ? 4.502   4.153   -13.999 1.00 31.69 ? 254 VAL B CG1 1 
ATOM   1169 C CG2 . VAL B 1 54 ? 3.773   1.853   -14.631 1.00 30.65 ? 254 VAL B CG2 1 
ATOM   1170 N N   . LYS B 1 55 ? 6.787   4.578   -15.857 1.00 26.68 ? 255 LYS B N   1 
ATOM   1171 C CA  . LYS B 1 55 ? 7.534   5.801   -16.088 1.00 23.99 ? 255 LYS B CA  1 
ATOM   1172 C C   . LYS B 1 55 ? 6.722   6.931   -15.681 1.00 21.13 ? 255 LYS B C   1 
ATOM   1173 O O   . LYS B 1 55 ? 5.617   7.104   -16.153 1.00 19.66 ? 255 LYS B O   1 
ATOM   1174 C CB  . LYS B 1 55 ? 7.952   5.874   -17.550 1.00 26.84 ? 255 LYS B CB  1 
ATOM   1175 C CG  . LYS B 1 55 ? 9.022   6.862   -18.017 1.00 31.27 ? 255 LYS B CG  1 
ATOM   1176 C CD  . LYS B 1 55 ? 8.491   8.278   -18.251 1.00 34.77 ? 255 LYS B CD  1 
ATOM   1177 C CE  . LYS B 1 55 ? 9.386   9.517   -18.265 1.00 31.31 ? 255 LYS B CE  1 
ATOM   1178 N NZ  . LYS B 1 55 ? 8.571   10.696  -17.824 1.00 31.04 ? 255 LYS B NZ  1 
ATOM   1179 N N   . VAL B 1 56 ? 7.232   7.700   -14.728 1.00 21.74 ? 256 VAL B N   1 
ATOM   1180 C CA  . VAL B 1 56 ? 6.521   8.874   -14.230 1.00 20.02 ? 256 VAL B CA  1 
ATOM   1181 C C   . VAL B 1 56 ? 7.332   10.187  -14.189 1.00 17.37 ? 256 VAL B C   1 
ATOM   1182 O O   . VAL B 1 56 ? 8.549   10.198  -14.316 1.00 14.27 ? 256 VAL B O   1 
ATOM   1183 C CB  . VAL B 1 56 ? 5.928   8.642   -12.829 1.00 19.33 ? 256 VAL B CB  1 
ATOM   1184 C CG1 . VAL B 1 56 ? 4.826   7.599   -12.893 1.00 19.90 ? 256 VAL B CG1 1 
ATOM   1185 C CG2 . VAL B 1 56 ? 7.020   8.246   -11.865 1.00 18.53 ? 256 VAL B CG2 1 
ATOM   1186 N N   . ARG B 1 57 ? 6.588   11.279  -14.068 1.00 16.81 ? 257 ARG B N   1 
ATOM   1187 C CA  . ARG B 1 57 ? 7.126   12.617  -13.966 1.00 16.07 ? 257 ARG B CA  1 
ATOM   1188 C C   . ARG B 1 57 ? 7.458   12.768  -12.501 1.00 17.47 ? 257 ARG B C   1 
ATOM   1189 O O   . ARG B 1 57 ? 6.961   11.997  -11.667 1.00 21.29 ? 257 ARG B O   1 
ATOM   1190 C CB  . ARG B 1 57 ? 6.055   13.620  -14.273 1.00 13.36 ? 257 ARG B CB  1 
ATOM   1191 C CG  . ARG B 1 57 ? 5.545   13.328  -15.661 1.00 14.21 ? 257 ARG B CG  1 
ATOM   1192 C CD  . ARG B 1 57 ? 4.577   14.440  -16.045 1.00 17.43 ? 257 ARG B CD  1 
ATOM   1193 N NE  . ARG B 1 57 ? 4.320   14.448  -17.481 1.00 21.48 ? 257 ARG B NE  1 
ATOM   1194 C CZ  . ARG B 1 57 ? 3.441   15.241  -18.094 1.00 23.73 ? 257 ARG B CZ  1 
ATOM   1195 N NH1 . ARG B 1 57 ? 3.297   15.170  -19.421 1.00 24.26 ? 257 ARG B NH1 1 
ATOM   1196 N NH2 . ARG B 1 57 ? 2.683   16.077  -17.384 1.00 21.35 ? 257 ARG B NH2 1 
ATOM   1197 N N   . GLN B 1 58 ? 8.262   13.765  -12.162 1.00 17.36 ? 258 GLN B N   1 
ATOM   1198 C CA  . GLN B 1 58 ? 8.636   13.987  -10.781 1.00 14.46 ? 258 GLN B CA  1 
ATOM   1199 C C   . GLN B 1 58 ? 8.594   15.452  -10.422 1.00 16.62 ? 258 GLN B C   1 
ATOM   1200 O O   . GLN B 1 58 ? 9.555   16.149  -10.581 1.00 20.03 ? 258 GLN B O   1 
ATOM   1201 C CB  . GLN B 1 58 ? 9.995   13.448  -10.540 1.00 12.32 ? 258 GLN B CB  1 
ATOM   1202 C CG  . GLN B 1 58 ? 10.243  13.738  -9.096  1.00 11.62 ? 258 GLN B CG  1 
ATOM   1203 C CD  . GLN B 1 58 ? 11.559  13.213  -8.635  1.00 12.17 ? 258 GLN B CD  1 
ATOM   1204 O OE1 . GLN B 1 58 ? 11.923  12.076  -8.817  1.00 16.45 ? 258 GLN B OE1 1 
ATOM   1205 N NE2 . GLN B 1 58 ? 12.291  14.103  -7.988  1.00 12.55 ? 258 GLN B NE2 1 
ATOM   1206 N N   . TYR B 1 59 ? 7.441   15.926  -9.976  1.00 17.12 ? 259 TYR B N   1 
ATOM   1207 C CA  . TYR B 1 59 ? 7.314   17.314  -9.581  1.00 15.03 ? 259 TYR B CA  1 
ATOM   1208 C C   . TYR B 1 59 ? 7.797   17.389  -8.137  1.00 16.74 ? 259 TYR B C   1 
ATOM   1209 O O   . TYR B 1 59 ? 7.229   16.762  -7.238  1.00 17.52 ? 259 TYR B O   1 
ATOM   1210 C CB  . TYR B 1 59 ? 5.907   17.768  -9.686  1.00 13.64 ? 259 TYR B CB  1 
ATOM   1211 C CG  . TYR B 1 59 ? 5.360   17.867  -11.085 1.00 13.87 ? 259 TYR B CG  1 
ATOM   1212 C CD1 . TYR B 1 59 ? 4.807   16.766  -11.715 1.00 16.27 ? 259 TYR B CD1 1 
ATOM   1213 C CD2 . TYR B 1 59 ? 5.322   19.083  -11.742 1.00 16.99 ? 259 TYR B CD2 1 
ATOM   1214 C CE1 . TYR B 1 59 ? 4.217   16.867  -12.979 1.00 16.07 ? 259 TYR B CE1 1 
ATOM   1215 C CE2 . TYR B 1 59 ? 4.736   19.204  -13.009 1.00 19.38 ? 259 TYR B CE2 1 
ATOM   1216 C CZ  . TYR B 1 59 ? 4.184   18.089  -13.608 1.00 16.99 ? 259 TYR B CZ  1 
ATOM   1217 O OH  . TYR B 1 59 ? 3.590   18.199  -14.848 1.00 22.13 ? 259 TYR B OH  1 
ATOM   1218 N N   . ASP B 1 60 ? 8.875   18.132  -7.921  1.00 20.07 ? 260 ASP B N   1 
ATOM   1219 C CA  . ASP B 1 60 ? 9.465   18.280  -6.593  1.00 20.89 ? 260 ASP B CA  1 
ATOM   1220 C C   . ASP B 1 60 ? 8.948   19.423  -5.737  1.00 22.20 ? 260 ASP B C   1 
ATOM   1221 O O   . ASP B 1 60 ? 8.636   20.495  -6.215  1.00 22.73 ? 260 ASP B O   1 
ATOM   1222 C CB  . ASP B 1 60 ? 10.989  18.520  -6.663  1.00 20.20 ? 260 ASP B CB  1 
ATOM   1223 C CG  . ASP B 1 60 ? 11.796  17.225  -6.667  1.00 20.23 ? 260 ASP B CG  1 
ATOM   1224 O OD1 . ASP B 1 60 ? 12.959  17.241  -7.124  1.00 20.77 ? 260 ASP B OD1 1 
ATOM   1225 O OD2 . ASP B 1 60 ? 11.296  16.204  -6.173  1.00 22.00 ? 260 ASP B OD2 1 
ATOM   1226 N N   . GLN B 1 61 ? 8.859   19.133  -4.446  1.00 24.60 ? 261 GLN B N   1 
ATOM   1227 C CA  . GLN B 1 61 ? 8.436   20.066  -3.423  1.00 25.98 ? 261 GLN B CA  1 
ATOM   1228 C C   . GLN B 1 61 ? 7.207   20.825  -3.669  1.00 25.64 ? 261 GLN B C   1 
ATOM   1229 O O   . GLN B 1 61 ? 7.168   22.043  -3.482  1.00 23.36 ? 261 GLN B O   1 
ATOM   1230 C CB  . GLN B 1 61 ? 9.629   20.942  -3.022  1.00 31.45 ? 261 GLN B CB  1 
ATOM   1231 C CG  . GLN B 1 61 ? 10.749  19.974  -2.585  1.00 38.58 ? 261 GLN B CG  1 
ATOM   1232 C CD  . GLN B 1 61 ? 10.235  18.721  -1.835  1.00 42.17 ? 261 GLN B CD  1 
ATOM   1233 O OE1 . GLN B 1 61 ? 9.924   17.684  -2.464  1.00 43.61 ? 261 GLN B OE1 1 
ATOM   1234 N NE2 . GLN B 1 61 ? 10.068  18.681  -0.456  1.00 43.81 ? 261 GLN B NE2 1 
ATOM   1235 N N   . ILE B 1 62 ? 6.146   20.092  -3.986  1.00 27.33 ? 262 ILE B N   1 
ATOM   1236 C CA  . ILE B 1 62 ? 4.823   20.654  -4.256  1.00 25.39 ? 262 ILE B CA  1 
ATOM   1237 C C   . ILE B 1 62 ? 4.035   20.774  -2.942  1.00 25.37 ? 262 ILE B C   1 
ATOM   1238 O O   . ILE B 1 62 ? 4.115   19.887  -2.088  1.00 23.87 ? 262 ILE B O   1 
ATOM   1239 C CB  . ILE B 1 62 ? 4.025   19.711  -5.192  1.00 24.16 ? 262 ILE B CB  1 
ATOM   1240 C CG1 . ILE B 1 62 ? 4.754   19.568  -6.565  1.00 23.59 ? 262 ILE B CG1 1 
ATOM   1241 C CG2 . ILE B 1 62 ? 2.608   20.213  -5.360  1.00 20.74 ? 262 ILE B CG2 1 
ATOM   1242 C CD1 . ILE B 1 62 ? 4.722   20.836  -7.427  1.00 23.13 ? 262 ILE B CD1 1 
ATOM   1243 N N   . PRO B 1 63 ? 3.374   21.927  -2.714  1.00 26.05 ? 263 PRO B N   1 
ATOM   1244 C CA  . PRO B 1 63 ? 2.593   22.115  -1.491  1.00 25.90 ? 263 PRO B CA  1 
ATOM   1245 C C   . PRO B 1 63 ? 1.208   21.471  -1.652  1.00 25.90 ? 263 PRO B C   1 
ATOM   1246 O O   . PRO B 1 63 ? 0.384   21.928  -2.459  1.00 26.22 ? 263 PRO B O   1 
ATOM   1247 C CB  . PRO B 1 63 ? 2.586   23.627  -1.337  1.00 25.08 ? 263 PRO B CB  1 
ATOM   1248 C CG  . PRO B 1 63 ? 2.499   24.084  -2.748  1.00 23.38 ? 263 PRO B CG  1 
ATOM   1249 C CD  . PRO B 1 63 ? 3.561   23.218  -3.403  1.00 25.77 ? 263 PRO B CD  1 
ATOM   1250 N N   . ILE B 1 64 ? 0.993   20.382  -0.930  1.00 26.13 ? 264 ILE B N   1 
ATOM   1251 C CA  . ILE B 1 64 ? -0.273  19.650  -0.968  1.00 26.47 ? 264 ILE B CA  1 
ATOM   1252 C C   . ILE B 1 64 ? -0.994  19.675  0.435   1.00 26.25 ? 264 ILE B C   1 
ATOM   1253 O O   . ILE B 1 64 ? -0.399  19.372  1.457   1.00 24.37 ? 264 ILE B O   1 
ATOM   1254 C CB  . ILE B 1 64 ? -0.042  18.200  -1.457  1.00 26.59 ? 264 ILE B CB  1 
ATOM   1255 C CG1 . ILE B 1 64 ? -1.236  17.351  -1.176  1.00 28.11 ? 264 ILE B CG1 1 
ATOM   1256 C CG2 . ILE B 1 64 ? 1.230   17.624  -0.856  1.00 25.83 ? 264 ILE B CG2 1 
ATOM   1257 C CD1 . ILE B 1 64 ? -1.130  15.969  -1.768  1.00 30.39 ? 264 ILE B CD1 1 
ATOM   1258 N N   . GLU B 1 65 ? -2.262  20.059  0.443   1.00 27.02 ? 265 GLU B N   1 
ATOM   1259 C CA  . GLU B 1 65 ? -3.033  20.135  1.685   1.00 29.02 ? 265 GLU B CA  1 
ATOM   1260 C C   . GLU B 1 65 ? -3.791  18.757  2.007   1.00 28.97 ? 265 GLU B C   1 
ATOM   1261 O O   . GLU B 1 65 ? -4.918  18.534  1.546   1.00 27.48 ? 265 GLU B O   1 
ATOM   1262 C CB  . GLU B 1 65 ? -4.103  21.222  1.555   1.00 30.31 ? 265 GLU B CB  1 
ATOM   1263 C CG  . GLU B 1 65 ? -4.529  22.191  2.637   1.00 36.16 ? 265 GLU B CG  1 
ATOM   1264 C CD  . GLU B 1 65 ? -5.150  21.519  3.871   1.00 39.28 ? 265 GLU B CD  1 
ATOM   1265 O OE1 . GLU B 1 65 ? -4.403  21.308  4.863   1.00 40.08 ? 265 GLU B OE1 1 
ATOM   1266 O OE2 . GLU B 1 65 ? -6.381  21.238  3.867   1.00 41.39 ? 265 GLU B OE2 1 
ATOM   1267 N N   . ILE B 1 66 ? -3.170  17.883  2.791   1.00 27.92 ? 266 ILE B N   1 
ATOM   1268 C CA  . ILE B 1 66 ? -3.815  16.622  3.114   1.00 27.37 ? 266 ILE B CA  1 
ATOM   1269 C C   . ILE B 1 66 ? -4.814  16.727  4.247   1.00 28.18 ? 266 ILE B C   1 
ATOM   1270 O O   . ILE B 1 66 ? -4.445  16.663  5.430   1.00 27.76 ? 266 ILE B O   1 
ATOM   1271 C CB  . ILE B 1 66 ? -2.801  15.521  3.471   1.00 26.65 ? 266 ILE B CB  1 
ATOM   1272 C CG1 . ILE B 1 66 ? -1.848  15.285  2.320   1.00 26.14 ? 266 ILE B CG1 1 
ATOM   1273 C CG2 . ILE B 1 66 ? -3.529  14.208  3.749   1.00 28.44 ? 266 ILE B CG2 1 
ATOM   1274 C CD1 . ILE B 1 66 ? -0.788  14.261  2.626   1.00 23.45 ? 266 ILE B CD1 1 
ATOM   1275 N N   . CYS B 1 67 ? -6.074  16.962  3.900   1.00 29.57 ? 267 CYS B N   1 
ATOM   1276 C CA  . CYS B 1 67 ? -7.126  16.991  4.901   1.00 30.20 ? 267 CYS B CA  1 
ATOM   1277 C C   . CYS B 1 67 ? -6.820  17.888  6.106   1.00 30.25 ? 267 CYS B C   1 
ATOM   1278 O O   . CYS B 1 67 ? -6.639  17.388  7.202   1.00 31.05 ? 267 CYS B O   1 
ATOM   1279 C CB  . CYS B 1 67 ? -7.367  15.501  5.389   1.00 31.34 ? 267 CYS B CB  1 
ATOM   1280 S SG  . CYS B 1 67 ? -8.792  15.149  6.476   1.00 37.28 ? 267 CYS B SG  1 
ATOM   1281 N N   . GLY B 1 68 ? -6.709  19.198  5.906   1.00 29.72 ? 268 GLY B N   1 
ATOM   1282 C CA  . GLY B 1 68 ? -6.474  20.078  7.044   1.00 27.61 ? 268 GLY B CA  1 
ATOM   1283 C C   . GLY B 1 68 ? -5.021  20.311  7.378   1.00 27.24 ? 268 GLY B C   1 
ATOM   1284 O O   . GLY B 1 68 ? -4.662  21.381  7.792   1.00 28.25 ? 268 GLY B O   1 
ATOM   1285 N N   . HIS B 1 69 ? -4.185  19.300  7.183   1.00 27.46 ? 269 HIS B N   1 
ATOM   1286 C CA  . HIS B 1 69 ? -2.762  19.446  7.447   1.00 27.43 ? 269 HIS B CA  1 
ATOM   1287 C C   . HIS B 1 69 ? -2.105  19.880  6.157   1.00 28.37 ? 269 HIS B C   1 
ATOM   1288 O O   . HIS B 1 69 ? -2.263  19.246  5.134   1.00 31.00 ? 269 HIS B O   1 
ATOM   1289 C CB  . HIS B 1 69 ? -2.068  18.114  7.717   1.00 26.29 ? 269 HIS B CB  1 
ATOM   1290 C CG  . HIS B 1 69 ? -2.655  17.338  8.854   1.00 29.48 ? 269 HIS B CG  1 
ATOM   1291 N ND1 . HIS B 1 69 ? -1.923  16.980  9.970   1.00 29.00 ? 269 HIS B ND1 1 
ATOM   1292 C CD2 . HIS B 1 69 ? -3.895  16.820  9.037   1.00 30.15 ? 269 HIS B CD2 1 
ATOM   1293 C CE1 . HIS B 1 69 ? -2.686  16.271  10.787  1.00 32.02 ? 269 HIS B CE1 1 
ATOM   1294 N NE2 . HIS B 1 69 ? -3.886  16.161  10.243  1.00 33.56 ? 269 HIS B NE2 1 
ATOM   1295 N N   . LYS B 1 70 ? -1.397  20.995  6.171   1.00 29.09 ? 270 LYS B N   1 
ATOM   1296 C CA  . LYS B 1 70 ? -0.742  21.423  4.955   1.00 27.47 ? 270 LYS B CA  1 
ATOM   1297 C C   . LYS B 1 70 ? 0.632   20.846  4.953   1.00 27.12 ? 270 LYS B C   1 
ATOM   1298 O O   . LYS B 1 70 ? 1.288   20.798  5.996   1.00 26.77 ? 270 LYS B O   1 
ATOM   1299 C CB  . LYS B 1 70 ? -0.706  22.973  4.865   1.00 31.09 ? 270 LYS B CB  1 
ATOM   1300 C CG  . LYS B 1 70 ? -2.050  23.732  4.790   1.00 33.80 ? 270 LYS B CG  1 
ATOM   1301 C CD  . LYS B 1 70 ? -2.061  25.230  4.426   1.00 36.11 ? 270 LYS B CD  1 
ATOM   1302 C CE  . LYS B 1 70 ? -1.232  26.200  5.269   1.00 38.37 ? 270 LYS B CE  1 
ATOM   1303 N NZ  . LYS B 1 70 ? 0.243   26.015  5.085   1.00 40.67 ? 270 LYS B NZ  1 
ATOM   1304 N N   . VAL B 1 71 ? 1.049   20.300  3.812   1.00 24.61 ? 271 VAL B N   1 
ATOM   1305 C CA  . VAL B 1 71 ? 2.390   19.739  3.670   1.00 20.26 ? 271 VAL B CA  1 
ATOM   1306 C C   . VAL B 1 71 ? 3.033   20.105  2.352   1.00 18.90 ? 271 VAL B C   1 
ATOM   1307 O O   . VAL B 1 71 ? 2.422   20.746  1.483   1.00 17.55 ? 271 VAL B O   1 
ATOM   1308 C CB  . VAL B 1 71 ? 2.401   18.205  3.807   1.00 19.86 ? 271 VAL B CB  1 
ATOM   1309 C CG1 . VAL B 1 71 ? 2.185   17.823  5.230   1.00 19.78 ? 271 VAL B CG1 1 
ATOM   1310 C CG2 . VAL B 1 71 ? 1.346   17.570  2.918   1.00 18.62 ? 271 VAL B CG2 1 
ATOM   1311 N N   . ILE B 1 72 ? 4.300   19.742  2.226   1.00 16.69 ? 272 ILE B N   1 
ATOM   1312 C CA  . ILE B 1 72 ? 5.073   19.997  1.016   1.00 17.60 ? 272 ILE B CA  1 
ATOM   1313 C C   . ILE B 1 72 ? 5.800   18.717  0.720   1.00 16.08 ? 272 ILE B C   1 
ATOM   1314 O O   . ILE B 1 72 ? 6.208   18.006  1.644   1.00 14.61 ? 272 ILE B O   1 
ATOM   1315 C CB  . ILE B 1 72 ? 6.143   21.116  1.236   1.00 20.38 ? 272 ILE B CB  1 
ATOM   1316 C CG1 . ILE B 1 72 ? 5.468   22.469  1.432   1.00 21.17 ? 272 ILE B CG1 1 
ATOM   1317 C CG2 . ILE B 1 72 ? 7.117   21.168  0.061   1.00 19.66 ? 272 ILE B CG2 1 
ATOM   1318 C CD1 . ILE B 1 72 ? 6.423   23.562  1.829   1.00 23.67 ? 272 ILE B CD1 1 
ATOM   1319 N N   . GLY B 1 73 ? 5.961   18.387  -0.549  1.00 13.70 ? 273 GLY B N   1 
ATOM   1320 C CA  . GLY B 1 73 ? 6.682   17.175  -0.831  1.00 11.06 ? 273 GLY B CA  1 
ATOM   1321 C C   . GLY B 1 73 ? 6.692   16.807  -2.278  1.00 10.56 ? 273 GLY B C   1 
ATOM   1322 O O   . GLY B 1 73 ? 6.109   17.470  -3.082  1.00 12.55 ? 273 GLY B O   1 
ATOM   1323 N N   . THR B 1 74 ? 7.415   15.746  -2.586  1.00 10.48 ? 274 THR B N   1 
ATOM   1324 C CA  . THR B 1 74 ? 7.523   15.248  -3.941  1.00 11.73 ? 274 THR B CA  1 
ATOM   1325 C C   . THR B 1 74 ? 6.353   14.346  -4.333  1.00 11.15 ? 274 THR B C   1 
ATOM   1326 O O   . THR B 1 74 ? 6.075   13.350  -3.677  1.00 7.79  ? 274 THR B O   1 
ATOM   1327 C CB  . THR B 1 74 ? 8.815   14.401  -4.146  1.00 14.16 ? 274 THR B CB  1 
ATOM   1328 O OG1 . THR B 1 74 ? 9.974   15.132  -3.721  1.00 19.28 ? 274 THR B OG1 1 
ATOM   1329 C CG2 . THR B 1 74 ? 8.975   14.012  -5.607  1.00 12.82 ? 274 THR B CG2 1 
ATOM   1330 N N   . VAL B 1 75 ? 5.678   14.706  -5.416  1.00 13.64 ? 275 VAL B N   1 
ATOM   1331 C CA  . VAL B 1 75 ? 4.600   13.892  -5.954  1.00 13.65 ? 275 VAL B CA  1 
ATOM   1332 C C   . VAL B 1 75 ? 5.000   13.386  -7.382  1.00 13.52 ? 275 VAL B C   1 
ATOM   1333 O O   . VAL B 1 75 ? 5.537   14.123  -8.186  1.00 10.81 ? 275 VAL B O   1 
ATOM   1334 C CB  . VAL B 1 75 ? 3.252   14.649  -6.057  1.00 14.12 ? 275 VAL B CB  1 
ATOM   1335 C CG1 . VAL B 1 75 ? 2.801   15.113  -4.687  1.00 16.98 ? 275 VAL B CG1 1 
ATOM   1336 C CG2 . VAL B 1 75 ? 3.344   15.789  -7.046  1.00 15.39 ? 275 VAL B CG2 1 
ATOM   1337 N N   . LEU B 1 76 ? 4.776   12.108  -7.633  1.00 12.44 ? 276 LEU B N   1 
ATOM   1338 C CA  . LEU B 1 76 ? 5.072   11.532  -8.933  1.00 11.30 ? 276 LEU B CA  1 
ATOM   1339 C C   . LEU B 1 76 ? 3.773   11.557  -9.708  1.00 13.37 ? 276 LEU B C   1 
ATOM   1340 O O   . LEU B 1 76 ? 2.723   11.402  -9.129  1.00 15.83 ? 276 LEU B O   1 
ATOM   1341 C CB  . LEU B 1 76 ? 5.526   10.073  -8.773  1.00 8.60  ? 276 LEU B CB  1 
ATOM   1342 C CG  . LEU B 1 76 ? 6.625   9.818   -7.733  1.00 9.35  ? 276 LEU B CG  1 
ATOM   1343 C CD1 . LEU B 1 76 ? 7.143   8.403   -7.845  1.00 5.83  ? 276 LEU B CD1 1 
ATOM   1344 C CD2 . LEU B 1 76 ? 7.763   10.805  -7.921  1.00 8.26  ? 276 LEU B CD2 1 
ATOM   1345 N N   . VAL B 1 77 ? 3.823   11.817  -11.008 1.00 14.58 ? 277 VAL B N   1 
ATOM   1346 C CA  . VAL B 1 77 ? 2.608   11.822  -11.831 1.00 15.49 ? 277 VAL B CA  1 
ATOM   1347 C C   . VAL B 1 77 ? 2.828   10.822  -12.969 1.00 17.96 ? 277 VAL B C   1 
ATOM   1348 O O   . VAL B 1 77 ? 3.766   10.940  -13.708 1.00 18.27 ? 277 VAL B O   1 
ATOM   1349 C CB  . VAL B 1 77 ? 2.298   13.220  -12.406 1.00 14.73 ? 277 VAL B CB  1 
ATOM   1350 C CG1 . VAL B 1 77 ? 1.194   13.134  -13.433 1.00 13.28 ? 277 VAL B CG1 1 
ATOM   1351 C CG2 . VAL B 1 77 ? 1.884   14.156  -11.288 1.00 14.15 ? 277 VAL B CG2 1 
ATOM   1352 N N   . GLY B 1 78 ? 1.963   9.820   -13.065 1.00 20.03 ? 278 GLY B N   1 
ATOM   1353 C CA  . GLY B 1 78 ? 2.105   8.811   -14.098 1.00 21.51 ? 278 GLY B CA  1 
ATOM   1354 C C   . GLY B 1 78 ? 0.791   8.121   -14.398 1.00 23.02 ? 278 GLY B C   1 
ATOM   1355 O O   . GLY B 1 78 ? -0.254  8.569   -13.933 1.00 21.71 ? 278 GLY B O   1 
ATOM   1356 N N   . PRO B 1 79 ? 0.804   7.034   -15.196 1.00 24.86 ? 279 PRO B N   1 
ATOM   1357 C CA  . PRO B 1 79 ? -0.362  6.233   -15.607 1.00 25.63 ? 279 PRO B CA  1 
ATOM   1358 C C   . PRO B 1 79 ? -0.946  5.295   -14.546 1.00 27.61 ? 279 PRO B C   1 
ATOM   1359 O O   . PRO B 1 79 ? -1.221  4.132   -14.844 1.00 30.59 ? 279 PRO B O   1 
ATOM   1360 C CB  . PRO B 1 79 ? 0.171   5.461   -16.791 1.00 23.20 ? 279 PRO B CB  1 
ATOM   1361 C CG  . PRO B 1 79 ? 1.594   5.224   -16.414 1.00 23.25 ? 279 PRO B CG  1 
ATOM   1362 C CD  . PRO B 1 79 ? 2.003   6.603   -15.940 1.00 26.20 ? 279 PRO B CD  1 
ATOM   1363 N N   . THR B 1 80 ? -1.097  5.777   -13.322 1.00 27.81 ? 280 THR B N   1 
ATOM   1364 C CA  . THR B 1 80 ? -1.674  4.946   -12.266 1.00 25.72 ? 280 THR B CA  1 
ATOM   1365 C C   . THR B 1 80 ? -3.170  5.105   -12.314 1.00 24.77 ? 280 THR B C   1 
ATOM   1366 O O   . THR B 1 80 ? -3.688  6.174   -12.655 1.00 25.01 ? 280 THR B O   1 
ATOM   1367 C CB  . THR B 1 80 ? -1.160  5.360   -10.854 1.00 26.83 ? 280 THR B CB  1 
ATOM   1368 O OG1 . THR B 1 80 ? -1.714  4.483   -9.865  1.00 28.70 ? 280 THR B OG1 1 
ATOM   1369 C CG2 . THR B 1 80 ? -1.556  6.802   -10.522 1.00 26.40 ? 280 THR B CG2 1 
ATOM   1370 N N   . PRO B 1 81 ? -3.907  4.028   -12.018 1.00 24.77 ? 281 PRO B N   1 
ATOM   1371 C CA  . PRO B 1 81 ? -5.373  4.099   -12.057 1.00 23.63 ? 281 PRO B CA  1 
ATOM   1372 C C   . PRO B 1 81 ? -5.970  4.725   -10.828 1.00 24.66 ? 281 PRO B C   1 
ATOM   1373 O O   . PRO B 1 81 ? -7.172  5.106   -10.808 1.00 25.14 ? 281 PRO B O   1 
ATOM   1374 C CB  . PRO B 1 81 ? -5.774  2.644   -12.138 1.00 24.01 ? 281 PRO B CB  1 
ATOM   1375 C CG  . PRO B 1 81 ? -4.718  1.948   -11.316 1.00 23.72 ? 281 PRO B CG  1 
ATOM   1376 C CD  . PRO B 1 81 ? -3.442  2.643   -11.813 1.00 24.53 ? 281 PRO B CD  1 
ATOM   1377 N N   . THR B 1 82 ? -5.165  4.820   -9.770  1.00 22.79 ? 282 THR B N   1 
ATOM   1378 C CA  . THR B 1 82 ? -5.652  5.381   -8.526  1.00 22.42 ? 282 THR B CA  1 
ATOM   1379 C C   . THR B 1 82 ? -4.592  6.263   -7.906  1.00 20.74 ? 282 THR B C   1 
ATOM   1380 O O   . THR B 1 82 ? -3.406  5.953   -7.975  1.00 18.39 ? 282 THR B O   1 
ATOM   1381 C CB  . THR B 1 82 ? -5.990  4.219   -7.545  1.00 22.79 ? 282 THR B CB  1 
ATOM   1382 O OG1 . THR B 1 82 ? -6.700  3.191   -8.260  1.00 26.63 ? 282 THR B OG1 1 
ATOM   1383 C CG2 . THR B 1 82 ? -6.823  4.700   -6.373  1.00 21.98 ? 282 THR B CG2 1 
ATOM   1384 N N   . ASN B 1 83 ? -5.028  7.379   -7.332  1.00 18.99 ? 283 ASN B N   1 
ATOM   1385 C CA  . ASN B 1 83 ? -4.109  8.298   -6.668  1.00 19.63 ? 283 ASN B CA  1 
ATOM   1386 C C   . ASN B 1 83 ? -3.673  7.621   -5.363  1.00 18.73 ? 283 ASN B C   1 
ATOM   1387 O O   . ASN B 1 83 ? -4.500  7.116   -4.645  1.00 20.60 ? 283 ASN B O   1 
ATOM   1388 C CB  . ASN B 1 83 ? -4.818  9.566   -6.285  1.00 19.79 ? 283 ASN B CB  1 
ATOM   1389 C CG  . ASN B 1 83 ? -5.431  10.263  -7.474  1.00 19.84 ? 283 ASN B CG  1 
ATOM   1390 O OD1 . ASN B 1 83 ? -4.895  10.242  -8.552  1.00 19.83 ? 283 ASN B OD1 1 
ATOM   1391 N ND2 . ASN B 1 83 ? -6.596  10.908  -7.387  1.00 21.74 ? 283 ASN B ND2 1 
ATOM   1392 N N   . ILE B 1 84 ? -2.374  7.621   -5.088  1.00 17.73 ? 284 ILE B N   1 
ATOM   1393 C CA  . ILE B 1 84 ? -1.778  6.994   -3.904  1.00 14.92 ? 284 ILE B CA  1 
ATOM   1394 C C   . ILE B 1 84 ? -0.987  8.013   -3.038  1.00 14.63 ? 284 ILE B C   1 
ATOM   1395 O O   . ILE B 1 84 ? -0.133  8.732   -3.567  1.00 15.07 ? 284 ILE B O   1 
ATOM   1396 C CB  . ILE B 1 84 ? -0.723  5.968   -4.349  1.00 15.89 ? 284 ILE B CB  1 
ATOM   1397 C CG1 . ILE B 1 84 ? -1.335  4.832   -4.961  1.00 18.30 ? 284 ILE B CG1 1 
ATOM   1398 C CG2 . ILE B 1 84 ? 0.159   5.541   -3.207  1.00 16.88 ? 284 ILE B CG2 1 
ATOM   1399 C CD1 . ILE B 1 84 ? -0.327  4.007   -5.724  1.00 15.88 ? 284 ILE B CD1 1 
ATOM   1400 N N   . ILE B 1 85 ? -1.231  8.029   -1.727  1.00 10.63 ? 285 ILE B N   1 
ATOM   1401 C CA  . ILE B 1 85 ? -0.489  8.901   -0.832  1.00 9.87  ? 285 ILE B CA  1 
ATOM   1402 C C   . ILE B 1 85 ? 0.468   8.001   -0.121  1.00 9.16  ? 285 ILE B C   1 
ATOM   1403 O O   . ILE B 1 85 ? 0.085   7.295   0.752   1.00 13.87 ? 285 ILE B O   1 
ATOM   1404 C CB  . ILE B 1 85 ? -1.403  9.605   0.155   1.00 11.63 ? 285 ILE B CB  1 
ATOM   1405 C CG1 . ILE B 1 85 ? -2.422  10.399  -0.597  1.00 14.45 ? 285 ILE B CG1 1 
ATOM   1406 C CG2 . ILE B 1 85 ? -0.616  10.557  1.031   1.00 12.48 ? 285 ILE B CG2 1 
ATOM   1407 C CD1 . ILE B 1 85 ? -3.273  11.279  0.290   1.00 14.26 ? 285 ILE B CD1 1 
ATOM   1408 N N   . GLY B 1 86 ? 1.727   8.004   -0.537  1.00 10.59 ? 286 GLY B N   1 
ATOM   1409 C CA  . GLY B 1 86 ? 2.712   7.113   0.052   1.00 10.71 ? 286 GLY B CA  1 
ATOM   1410 C C   . GLY B 1 86 ? 3.254   7.580   1.367   1.00 12.53 ? 286 GLY B C   1 
ATOM   1411 O O   . GLY B 1 86 ? 2.936   8.655   1.794   1.00 14.52 ? 286 GLY B O   1 
ATOM   1412 N N   . ARG B 1 87 ? 4.156   6.815   1.958   1.00 13.29 ? 287 ARG B N   1 
ATOM   1413 C CA  . ARG B 1 87 ? 4.697   7.195   3.249   1.00 15.80 ? 287 ARG B CA  1 
ATOM   1414 C C   . ARG B 1 87 ? 5.723   8.423   3.284   1.00 19.71 ? 287 ARG B C   1 
ATOM   1415 O O   . ARG B 1 87 ? 6.493   8.573   4.236   1.00 22.06 ? 287 ARG B O   1 
ATOM   1416 C CB  . ARG B 1 87 ? 5.177   5.956   3.996   1.00 14.78 ? 287 ARG B CB  1 
ATOM   1417 C CG  . ARG B 1 87 ? 6.148   5.148   3.229   1.00 15.45 ? 287 ARG B CG  1 
ATOM   1418 C CD  . ARG B 1 87 ? 6.739   4.064   4.075   1.00 13.05 ? 287 ARG B CD  1 
ATOM   1419 N NE  . ARG B 1 87 ? 8.023   3.701   3.511   1.00 13.34 ? 287 ARG B NE  1 
ATOM   1420 C CZ  . ARG B 1 87 ? 9.182   4.193   3.928   1.00 16.47 ? 287 ARG B CZ  1 
ATOM   1421 N NH1 . ARG B 1 87 ? 10.299  3.804   3.330   1.00 20.97 ? 287 ARG B NH1 1 
ATOM   1422 N NH2 . ARG B 1 87 ? 9.251   5.039   4.942   1.00 16.57 ? 287 ARG B NH2 1 
ATOM   1423 N N   . ASN B 1 88 ? 5.667   9.310   2.297   1.00 19.34 ? 288 ASN B N   1 
ATOM   1424 C CA  . ASN B 1 88 ? 6.583   10.448  2.310   1.00 16.33 ? 288 ASN B CA  1 
ATOM   1425 C C   . ASN B 1 88 ? 5.809   11.622  2.836   1.00 15.08 ? 288 ASN B C   1 
ATOM   1426 O O   . ASN B 1 88 ? 6.333   12.455  3.530   1.00 14.32 ? 288 ASN B O   1 
ATOM   1427 C CB  . ASN B 1 88 ? 7.290   10.603  0.912   1.00 14.92 ? 288 ASN B CB  1 
ATOM   1428 C CG  . ASN B 1 88 ? 6.315   10.907  -0.209  1.00 14.61 ? 288 ASN B CG  1 
ATOM   1429 O OD1 . ASN B 1 88 ? 5.198   10.421  -0.373  1.00 13.25 ? 288 ASN B OD1 1 
ATOM   1430 N ND2 . ASN B 1 88 ? 6.755   11.792  -1.118  1.00 12.72 ? 288 ASN B ND2 1 
ATOM   1431 N N   . LEU B 1 89 ? 4.528   11.666  2.495   1.00 13.02 ? 289 LEU B N   1 
ATOM   1432 C CA  . LEU B 1 89 ? 3.629   12.718  2.948   1.00 13.70 ? 289 LEU B CA  1 
ATOM   1433 C C   . LEU B 1 89 ? 2.842   12.249  4.207   1.00 14.69 ? 289 LEU B C   1 
ATOM   1434 O O   . LEU B 1 89 ? 2.296   13.052  4.950   1.00 16.24 ? 289 LEU B O   1 
ATOM   1435 C CB  . LEU B 1 89 ? 2.566   12.994  1.905   1.00 13.91 ? 289 LEU B CB  1 
ATOM   1436 C CG  . LEU B 1 89 ? 3.093   13.444  0.543   1.00 15.83 ? 289 LEU B CG  1 
ATOM   1437 C CD1 . LEU B 1 89 ? 1.937   13.612  -0.421  1.00 14.21 ? 289 LEU B CD1 1 
ATOM   1438 C CD2 . LEU B 1 89 ? 3.873   14.747  0.699   1.00 13.71 ? 289 LEU B CD2 1 
ATOM   1439 N N   . LEU B 1 90 ? 2.800   10.942  4.431   1.00 12.77 ? 290 LEU B N   1 
ATOM   1440 C CA  . LEU B 1 90 ? 2.065   10.409  5.561   1.00 10.90 ? 290 LEU B CA  1 
ATOM   1441 C C   . LEU B 1 90 ? 2.796   10.663  6.841   1.00 11.76 ? 290 LEU B C   1 
ATOM   1442 O O   . LEU B 1 90 ? 2.176   11.024  7.842   1.00 8.68  ? 290 LEU B O   1 
ATOM   1443 C CB  . LEU B 1 90 ? 1.697   8.911   5.348   1.00 10.47 ? 290 LEU B CB  1 
ATOM   1444 C CG  . LEU B 1 90 ? 0.711   8.471   4.247   1.00 7.13  ? 290 LEU B CG  1 
ATOM   1445 C CD1 . LEU B 1 90 ? 0.467   6.998   4.397   1.00 8.81  ? 290 LEU B CD1 1 
ATOM   1446 C CD2 . LEU B 1 90 ? -0.597  9.213   4.309   1.00 7.84  ? 290 LEU B CD2 1 
ATOM   1447 N N   . THR B 1 91 ? 4.122   10.502  6.830   1.00 11.60 ? 291 THR B N   1 
ATOM   1448 C CA  . THR B 1 91 ? 4.925   10.749  8.029   1.00 11.94 ? 291 THR B CA  1 
ATOM   1449 C C   . THR B 1 91 ? 4.812   12.217  8.376   1.00 14.19 ? 291 THR B C   1 
ATOM   1450 O O   . THR B 1 91 ? 5.069   12.627  9.482   1.00 15.64 ? 291 THR B O   1 
ATOM   1451 C CB  . THR B 1 91 ? 6.407   10.453  7.805   1.00 10.20 ? 291 THR B CB  1 
ATOM   1452 O OG1 . THR B 1 91 ? 6.913   11.344  6.811   1.00 14.20 ? 291 THR B OG1 1 
ATOM   1453 C CG2 . THR B 1 91 ? 6.601   9.030   7.330   1.00 10.02 ? 291 THR B CG2 1 
ATOM   1454 N N   . GLN B 1 92 ? 4.440   13.013  7.387   1.00 15.67 ? 292 GLN B N   1 
ATOM   1455 C CA  . GLN B 1 92 ? 4.299   14.439  7.580   1.00 17.55 ? 292 GLN B CA  1 
ATOM   1456 C C   . GLN B 1 92 ? 3.076   14.769  8.246   1.00 16.55 ? 292 GLN B C   1 
ATOM   1457 O O   . GLN B 1 92 ? 3.018   15.724  9.008   1.00 19.08 ? 292 GLN B O   1 
ATOM   1458 C CB  . GLN B 1 92 ? 4.362   15.201  6.210   1.00 17.23 ? 292 GLN B CB  1 
ATOM   1459 C CG  . GLN B 1 92 ? 5.764   15.079  5.660   1.00 12.15 ? 292 GLN B CG  1 
ATOM   1460 C CD  . GLN B 1 92 ? 6.763   15.875  6.447   1.00 11.88 ? 292 GLN B CD  1 
ATOM   1461 O OE1 . GLN B 1 92 ? 7.710   15.470  7.072   1.00 8.98  ? 292 GLN B OE1 1 
ATOM   1462 N NE2 . GLN B 1 92 ? 6.512   17.183  6.341   1.00 12.90 ? 292 GLN B NE2 1 
ATOM   1463 N N   . ILE B 1 93 ? 2.019   14.022  7.967   1.00 15.86 ? 293 ILE B N   1 
ATOM   1464 C CA  . ILE B 1 93 ? 0.755   14.326  8.623   1.00 15.18 ? 293 ILE B CA  1 
ATOM   1465 C C   . ILE B 1 93 ? 0.579   13.606  9.979   1.00 15.03 ? 293 ILE B C   1 
ATOM   1466 O O   . ILE B 1 93 ? -0.479  13.620  10.559  1.00 16.80 ? 293 ILE B O   1 
ATOM   1467 C CB  . ILE B 1 93 ? -0.446  14.103  7.708   1.00 11.21 ? 293 ILE B CB  1 
ATOM   1468 C CG1 . ILE B 1 93 ? -0.622  12.675  7.418   1.00 8.44  ? 293 ILE B CG1 1 
ATOM   1469 C CG2 . ILE B 1 93 ? -0.312  14.974  6.461   1.00 8.76  ? 293 ILE B CG2 1 
ATOM   1470 C CD1 . ILE B 1 93 ? -1.971  12.371  6.866   1.00 6.92  ? 293 ILE B CD1 1 
ATOM   1471 N N   . GLY B 1 94 ? 1.660   13.008  10.461  1.00 14.94 ? 294 GLY B N   1 
ATOM   1472 C CA  . GLY B 1 94 ? 1.639   12.329  11.739  1.00 15.20 ? 294 GLY B CA  1 
ATOM   1473 C C   . GLY B 1 94 ? 0.785   11.083  11.767  1.00 16.01 ? 294 GLY B C   1 
ATOM   1474 O O   . GLY B 1 94 ? 0.110   10.837  12.738  1.00 17.02 ? 294 GLY B O   1 
ATOM   1475 N N   . CYS B 1 95 ? 0.872   10.280  10.711  1.00 15.43 ? 295 CYS B N   1 
ATOM   1476 C CA  . CYS B 1 95 ? 0.094   9.053   10.574  1.00 14.51 ? 295 CYS B CA  1 
ATOM   1477 C C   . CYS B 1 95 ? 0.785   7.831   11.133  1.00 15.68 ? 295 CYS B C   1 
ATOM   1478 O O   . CYS B 1 95 ? 1.971   7.590   10.851  1.00 14.05 ? 295 CYS B O   1 
ATOM   1479 C CB  . CYS B 1 95 ? -0.127  8.748   9.101   1.00 15.38 ? 295 CYS B CB  1 
ATOM   1480 S SG  . CYS B 1 95 ? -1.545  7.735   8.699   1.00 15.83 ? 295 CYS B SG  1 
ATOM   1481 N N   . THR B 1 96 ? 0.046   7.041   11.907  1.00 14.81 ? 296 THR B N   1 
ATOM   1482 C CA  . THR B 1 96 ? 0.574   5.814   12.489  1.00 14.26 ? 296 THR B CA  1 
ATOM   1483 C C   . THR B 1 96 ? -0.364  4.646   12.266  1.00 13.05 ? 296 THR B C   1 
ATOM   1484 O O   . THR B 1 96 ? -1.521  4.814   11.911  1.00 11.31 ? 296 THR B O   1 
ATOM   1485 C CB  . THR B 1 96 ? 0.771   5.947   13.998  1.00 15.79 ? 296 THR B CB  1 
ATOM   1486 O OG1 . THR B 1 96 ? -0.389  6.547   14.576  1.00 14.66 ? 296 THR B OG1 1 
ATOM   1487 C CG2 . THR B 1 96 ? 1.990   6.774   14.312  1.00 18.89 ? 296 THR B CG2 1 
ATOM   1488 N N   . LEU B 1 97 ? 0.161   3.450   12.492  1.00 13.95 ? 297 LEU B N   1 
ATOM   1489 C CA  . LEU B 1 97 ? -0.600  2.212   12.365  1.00 13.50 ? 297 LEU B CA  1 
ATOM   1490 C C   . LEU B 1 97 ? -0.730  1.618   13.735  1.00 13.94 ? 297 LEU B C   1 
ATOM   1491 O O   . LEU B 1 97 ? 0.275   1.352   14.424  1.00 12.20 ? 297 LEU B O   1 
ATOM   1492 C CB  . LEU B 1 97 ? 0.135   1.211   11.539  1.00 10.47 ? 297 LEU B CB  1 
ATOM   1493 C CG  . LEU B 1 97 ? 0.183   1.458   10.071  1.00 9.61  ? 297 LEU B CG  1 
ATOM   1494 C CD1 . LEU B 1 97 ? 1.254   0.583   9.470   1.00 5.75  ? 297 LEU B CD1 1 
ATOM   1495 C CD2 . LEU B 1 97 ? -1.180  1.202   9.451   1.00 2.29  ? 297 LEU B CD2 1 
ATOM   1496 N N   . ASN B 1 98 ? -1.967  1.432   14.166  1.00 17.72 ? 298 ASN B N   1 
ATOM   1497 C CA  . ASN B 1 98 ? -2.233  0.863   15.492  1.00 20.38 ? 298 ASN B CA  1 
ATOM   1498 C C   . ASN B 1 98 ? -3.077  -0.433  15.419  1.00 19.59 ? 298 ASN B C   1 
ATOM   1499 O O   . ASN B 1 98 ? -3.942  -0.566  14.549  1.00 17.25 ? 298 ASN B O   1 
ATOM   1500 C CB  . ASN B 1 98 ? -3.146  1.796   16.350  1.00 23.12 ? 298 ASN B CB  1 
ATOM   1501 C CG  . ASN B 1 98 ? -2.469  3.091   16.754  1.00 23.04 ? 298 ASN B CG  1 
ATOM   1502 O OD1 . ASN B 1 98 ? -2.531  3.459   17.917  1.00 23.73 ? 298 ASN B OD1 1 
ATOM   1503 N ND2 . ASN B 1 98 ? -1.829  3.909   15.913  1.00 24.51 ? 298 ASN B ND2 1 
ATOM   1504 N N   . PHE B 1 99 ? -2.776  -1.370  16.316  1.00 20.38 ? 299 PHE B N   1 
ATOM   1505 C CA  . PHE B 1 99 ? -3.505  -2.637  16.430  1.00 22.69 ? 299 PHE B CA  1 
ATOM   1506 C C   . PHE B 1 99 ? -3.198  -3.419  17.765  1.00 22.98 ? 299 PHE B C   1 
ATOM   1507 O O   . PHE B 1 99 ? -2.034  -3.347  18.239  1.00 23.87 ? 299 PHE B O   1 
ATOM   1508 C CB  . PHE B 1 99 ? -3.292  -3.565  15.155  1.00 20.92 ? 299 PHE B CB  1 
ATOM   1509 C CG  . PHE B 1 99 ? -1.863  -3.873  14.852  1.00 18.61 ? 299 PHE B CG  1 
ATOM   1510 C CD1 . PHE B 1 99 ? -1.118  -4.722  15.671  1.00 20.32 ? 299 PHE B CD1 1 
ATOM   1511 C CD2 . PHE B 1 99 ? -1.266  -3.329  13.731  1.00 19.18 ? 299 PHE B CD2 1 
ATOM   1512 C CE1 . PHE B 1 99 ? 0.197   -5.015  15.371  1.00 20.01 ? 299 PHE B CE1 1 
ATOM   1513 C CE2 . PHE B 1 99 ? 0.043   -3.618  13.430  1.00 19.56 ? 299 PHE B CE2 1 
ATOM   1514 C CZ  . PHE B 1 99 ? 0.777   -4.461  14.248  1.00 18.25 ? 299 PHE B CZ  1 
HETATM 1515 C C   A ROC C 2 .  ? 7.422   0.034   -3.850  0.50 7.58  ? 505 ROC B C   1 
HETATM 1516 C C   B ROC C 2 .  ? -5.155  -3.074  -5.825  0.50 10.51 ? 505 ROC B C   1 
HETATM 1517 O O   A ROC C 2 .  ? 7.227   0.654   -2.808  0.50 4.28  ? 505 ROC B O   1 
HETATM 1518 O O   B ROC C 2 .  ? -5.539  -2.947  -4.676  0.50 9.13  ? 505 ROC B O   1 
HETATM 1519 N N1  A ROC C 2 .  ? 8.504   -1.632  -5.193  0.50 7.61  ? 505 ROC B N1  1 
HETATM 1520 N N1  B ROC C 2 .  ? -5.239  -2.493  -8.133  0.50 9.43  ? 505 ROC B N1  1 
HETATM 1521 C C2  A ROC C 2 .  ? 8.539   -0.850  -4.111  0.50 8.27  ? 505 ROC B C2  1 
HETATM 1522 C C2  B ROC C 2 .  ? -5.891  -2.638  -6.977  0.50 9.72  ? 505 ROC B C2  1 
HETATM 1523 C C3  A ROC C 2 .  ? 9.616   -0.850  -3.238  0.50 10.37 ? 505 ROC B C3  1 
HETATM 1524 C C3  B ROC C 2 .  ? -7.237  -2.369  -6.835  0.50 9.93  ? 505 ROC B C3  1 
HETATM 1525 C C4  A ROC C 2 .  ? 10.719  -1.600  -3.621  0.50 10.68 ? 505 ROC B C4  1 
HETATM 1526 C C4  B ROC C 2 .  ? -7.894  -1.912  -7.968  0.50 12.63 ? 505 ROC B C4  1 
HETATM 1527 C C5  A ROC C 2 .  ? 11.835  -3.041  -5.228  0.50 10.65 ? 505 ROC B C5  1 
HETATM 1528 C C5  B ROC C 2 .  ? -7.886  -1.368  -10.339 0.50 14.68 ? 505 ROC B C5  1 
HETATM 1529 C C6  A ROC C 2 .  ? 11.796  -3.766  -6.422  0.50 8.15  ? 505 ROC B C6  1 
HETATM 1530 C C6  B ROC C 2 .  ? -7.195  -1.286  -11.551 0.50 12.79 ? 505 ROC B C6  1 
HETATM 1531 C C7  A ROC C 2 .  ? 10.705  -3.705  -7.264  0.50 8.13  ? 505 ROC B C7  1 
HETATM 1532 C C7  B ROC C 2 .  ? -5.854  -1.608  -11.649 0.50 13.17 ? 505 ROC B C7  1 
HETATM 1533 C C8  A ROC C 2 .  ? 9.581   -2.990  -6.862  0.50 7.67  ? 505 ROC B C8  1 
HETATM 1534 C C8  B ROC C 2 .  ? -5.192  -2.079  -10.511 0.50 12.43 ? 505 ROC B C8  1 
HETATM 1535 C C4A A ROC C 2 .  ? 10.722  -2.308  -4.819  0.50 10.16 ? 505 ROC B C4A 1 
HETATM 1536 C C4A B ROC C 2 .  ? -7.224  -1.799  -9.186  0.50 12.59 ? 505 ROC B C4A 1 
HETATM 1537 C C8A A ROC C 2 .  ? 9.584   -2.305  -5.635  0.50 9.10  ? 505 ROC B C8A 1 
HETATM 1538 C C8A B ROC C 2 .  ? -5.865  -2.132  -9.272  0.50 11.88 ? 505 ROC B C8A 1 
HETATM 1539 N N   A ROC C 2 .  ? 6.602   0.114   -4.886  0.50 9.18  ? 505 ROC B N   1 
HETATM 1540 N N   B ROC C 2 .  ? -3.990  -3.630  -6.144  0.50 12.98 ? 505 ROC B N   1 
HETATM 1541 C CA  A ROC C 2 .  ? 5.403   0.922   -4.674  0.50 11.27 ? 505 ROC B CA  1 
HETATM 1542 C CA  B ROC C 2 .  ? -2.961  -3.847  -5.121  0.50 13.29 ? 505 ROC B CA  1 
HETATM 1543 C C1  A ROC C 2 .  ? 4.152   0.152   -4.949  0.50 11.99 ? 505 ROC B C1  1 
HETATM 1544 C C1  B ROC C 2 .  ? -1.748  -2.944  -5.305  0.50 13.68 ? 505 ROC B C1  1 
HETATM 1545 O O1  A ROC C 2 .  ? 3.666   0.108   -6.080  0.50 11.57 ? 505 ROC B O1  1 
HETATM 1546 O O1  B ROC C 2 .  ? -0.912  -3.172  -6.183  0.50 13.69 ? 505 ROC B O1  1 
HETATM 1547 C CB  A ROC C 2 .  ? 5.370   2.173   -5.529  0.50 13.42 ? 505 ROC B CB  1 
HETATM 1548 C CB  B ROC C 2 .  ? -2.439  -5.272  -5.118  0.50 13.40 ? 505 ROC B CB  1 
HETATM 1549 C CG  A ROC C 2 .  ? 6.362   3.218   -5.080  0.50 12.60 ? 505 ROC B CG  1 
HETATM 1550 C CG  B ROC C 2 .  ? -3.481  -6.277  -4.688  0.50 15.08 ? 505 ROC B CG  1 
HETATM 1551 O OD1 A ROC C 2 .  ? 6.056   4.061   -4.239  0.50 15.71 ? 505 ROC B OD1 1 
HETATM 1552 O OD1 B ROC C 2 .  ? -3.447  -6.802  -3.577  0.50 16.75 ? 505 ROC B OD1 1 
HETATM 1553 N ND2 A ROC C 2 .  ? 7.607   3.253   -5.614  0.50 12.21 ? 505 ROC B ND2 1 
HETATM 1554 N ND2 B ROC C 2 .  ? -4.485  -6.646  -5.522  0.50 15.36 ? 505 ROC B ND2 1 
HETATM 1555 C C9  A ROC C 2 .  ? 1.320   -0.416  -3.172  0.50 12.95 ? 505 ROC B C9  1 
HETATM 1556 C C9  B ROC C 2 .  ? 0.234   -1.134  -3.084  0.50 15.68 ? 505 ROC B C9  1 
HETATM 1557 O O2  A ROC C 2 .  ? 1.578   -0.007  -1.977  0.50 15.45 ? 505 ROC B O2  1 
HETATM 1558 O O2  B ROC C 2 .  ? -0.461  -0.896  -2.031  0.50 18.14 ? 505 ROC B O2  1 
HETATM 1559 C CA1 A ROC C 2 .  ? 2.433   -1.241  -3.862  0.50 13.45 ? 505 ROC B CA1 1 
HETATM 1560 C CA1 B ROC C 2 .  ? -0.500  -1.039  -4.437  0.50 15.22 ? 505 ROC B CA1 1 
HETATM 1561 N N2  A ROC C 2 .  ? 3.662   -0.443  -3.836  0.50 12.89 ? 505 ROC B N2  1 
HETATM 1562 N N2  B ROC C 2 .  ? -1.673  -1.924  -4.426  0.50 14.06 ? 505 ROC B N2  1 
HETATM 1563 C CB1 A ROC C 2 .  ? 2.696   -2.538  -3.083  0.50 11.81 ? 505 ROC B CB1 1 
HETATM 1564 C CB1 B ROC C 2 .  ? -0.969  0.395   -4.673  0.50 15.53 ? 505 ROC B CB1 1 
HETATM 1565 C CG1 A ROC C 2 .  ? 4.018   -3.185  -3.486  0.50 11.71 ? 505 ROC B CG1 1 
HETATM 1566 C CG1 B ROC C 2 .  ? -1.876  0.500   -5.879  0.50 17.21 ? 505 ROC B CG1 1 
HETATM 1567 C CD1 A ROC C 2 .  ? 4.101   -4.004  -4.654  0.50 11.31 ? 505 ROC B CD1 1 
HETATM 1568 C CD1 B ROC C 2 .  ? -1.331  0.474   -7.197  0.50 16.79 ? 505 ROC B CD1 1 
HETATM 1569 C CD2 A ROC C 2 .  ? 5.156   -2.938  -2.652  0.50 10.08 ? 505 ROC B CD2 1 
HETATM 1570 C CD2 B ROC C 2 .  ? -3.276  0.619   -5.616  0.50 16.44 ? 505 ROC B CD2 1 
HETATM 1571 C CE1 A ROC C 2 .  ? 5.365   -4.556  -4.987  0.50 9.90  ? 505 ROC B CE1 1 
HETATM 1572 C CE1 B ROC C 2 .  ? -2.242  0.608   -8.276  0.50 17.22 ? 505 ROC B CE1 1 
HETATM 1573 C CE2 A ROC C 2 .  ? 6.394   -3.520  -3.024  0.50 9.55  ? 505 ROC B CE2 1 
HETATM 1574 C CE2 B ROC C 2 .  ? -4.134  0.747   -6.735  0.50 18.08 ? 505 ROC B CE2 1 
HETATM 1575 C CZ  A ROC C 2 .  ? 6.491   -4.327  -4.181  0.50 9.10  ? 505 ROC B CZ  1 
HETATM 1576 C CZ  B ROC C 2 .  ? -3.622  0.773   -8.053  0.50 16.04 ? 505 ROC B CZ  1 
HETATM 1577 N N11 A ROC C 2 .  ? -0.656  -0.899  -4.735  0.50 11.35 ? 505 ROC B N11 1 
HETATM 1578 N N11 B ROC C 2 .  ? 2.631   -1.295  -3.832  0.50 17.47 ? 505 ROC B N11 1 
HETATM 1579 C CM  A ROC C 2 .  ? -0.082  -1.010  -3.391  0.50 11.42 ? 505 ROC B CM  1 
HETATM 1580 C CM  B ROC C 2 .  ? 1.625   -0.498  -3.123  0.50 16.89 ? 505 ROC B CM  1 
HETATM 1581 C C21 A ROC C 2 .  ? -1.634  -1.996  -4.784  0.50 10.52 ? 505 ROC B C21 1 
HETATM 1582 C C21 B ROC C 2 .  ? 3.748   -0.358  -4.028  0.50 17.01 ? 505 ROC B C21 1 
HETATM 1583 C CC  A ROC C 2 .  ? -1.051  -3.360  -4.948  0.50 10.28 ? 505 ROC B CC  1 
HETATM 1584 C CC  B ROC C 2 .  ? 3.553   0.772   -5.019  0.50 16.87 ? 505 ROC B CC  1 
HETATM 1585 O O3  A ROC C 2 .  ? 0.022   -3.513  -5.521  0.50 9.93  ? 505 ROC B O3  1 
HETATM 1586 O O3  B ROC C 2 .  ? 2.907   0.606   -6.046  0.50 16.22 ? 505 ROC B O3  1 
HETATM 1587 C C31 A ROC C 2 .  ? -2.641  -1.796  -5.919  0.50 11.21 ? 505 ROC B C31 1 
HETATM 1588 C C31 B ROC C 2 .  ? 5.024   -1.149  -4.401  0.50 16.23 ? 505 ROC B C31 1 
HETATM 1589 C C3A A ROC C 2 .  ? -3.347  -0.446  -5.856  0.50 12.68 ? 505 ROC B C3A 1 
HETATM 1590 C C3A B ROC C 2 .  ? 5.393   -2.219  -3.347  0.50 16.64 ? 505 ROC B C3A 1 
HETATM 1591 C C41 A ROC C 2 .  ? -4.288  -0.224  -7.018  0.50 14.64 ? 505 ROC B C41 1 
HETATM 1592 C C41 B ROC C 2 .  ? 6.612   -3.049  -3.707  0.50 16.45 ? 505 ROC B C41 1 
HETATM 1593 C C51 A ROC C 2 .  ? -3.569  -0.162  -8.369  0.50 13.13 ? 505 ROC B C51 1 
HETATM 1594 C C51 B ROC C 2 .  ? 6.394   -3.893  -4.967  0.50 14.43 ? 505 ROC B C51 1 
HETATM 1595 C C61 A ROC C 2 .  ? -2.523  0.949   -8.336  0.50 13.24 ? 505 ROC B C61 1 
HETATM 1596 C C61 B ROC C 2 .  ? 5.207   -4.824  -4.753  0.50 15.75 ? 505 ROC B C61 1 
HETATM 1597 C C71 A ROC C 2 .  ? -1.552  0.720   -7.171  0.50 13.39 ? 505 ROC B C71 1 
HETATM 1598 C C71 B ROC C 2 .  ? 3.965   -4.001  -4.392  0.50 16.41 ? 505 ROC B C71 1 
HETATM 1599 C C7A A ROC C 2 .  ? -2.305  0.666   -5.822  0.50 13.17 ? 505 ROC B C7A 1 
HETATM 1600 C C7A B ROC C 2 .  ? 4.200   -3.140  -3.129  0.50 16.67 ? 505 ROC B C7A 1 
HETATM 1601 C C81 A ROC C 2 .  ? -1.344  0.431   -4.654  0.50 11.47 ? 505 ROC B C81 1 
HETATM 1602 C C81 B ROC C 2 .  ? 2.970   -2.308  -2.776  0.50 16.25 ? 505 ROC B C81 1 
HETATM 1603 N N3  A ROC C 2 .  ? -1.862  -4.312  -4.423  0.50 8.30  ? 505 ROC B N3  1 
HETATM 1604 N N3  B ROC C 2 .  ? 4.184   1.891   -4.605  0.50 16.24 ? 505 ROC B N3  1 
HETATM 1605 C CD  A ROC C 2 .  ? -1.561  -5.736  -4.433  0.50 5.66  ? 505 ROC B CD  1 
HETATM 1606 C CD  B ROC C 2 .  ? 4.326   3.115   -5.374  0.50 17.61 ? 505 ROC B CD  1 
HETATM 1607 C C11 A ROC C 2 .  ? -2.752  -6.439  -3.772  0.50 6.85  ? 505 ROC B C11 1 
HETATM 1608 C C11 B ROC C 2 .  ? 5.440   3.928   -4.704  0.50 17.48 ? 505 ROC B C11 1 
HETATM 1609 C C22 A ROC C 2 .  ? -1.417  -6.238  -5.860  0.50 4.46  ? 505 ROC B C22 1 
HETATM 1610 C C22 B ROC C 2 .  ? 4.759   2.810   -6.832  0.50 16.87 ? 505 ROC B C22 1 
HETATM 1611 C C32 A ROC C 2 .  ? -0.245  -6.018  -3.678  0.50 5.03  ? 505 ROC B C32 1 
HETATM 1612 C C32 B ROC C 2 .  ? 3.003   3.886   -5.333  0.50 16.89 ? 505 ROC B C32 1 
HETATM 1613 O O   . HOH D 3 .  ? -6.464  0.758   17.162  1.00 38.62 ? 302 HOH A O   1 
HETATM 1614 O O   . HOH D 3 .  ? 5.680   7.179   18.852  1.00 53.38 ? 306 HOH A O   1 
HETATM 1615 O O   . HOH D 3 .  ? 9.505   -18.066 -1.293  1.00 81.75 ? 310 HOH A O   1 
HETATM 1616 O O   . HOH D 3 .  ? -6.950  -0.408  0.091   1.00 3.91  ? 311 HOH A O   1 
HETATM 1617 O O   . HOH D 3 .  ? -13.178 -17.416 6.602   1.00 44.21 ? 315 HOH A O   1 
HETATM 1618 O O   . HOH D 3 .  ? -11.222 -7.908  -1.122  1.00 44.13 ? 316 HOH A O   1 
HETATM 1619 O O   . HOH D 3 .  ? -8.366  -3.154  18.504  1.00 64.67 ? 317 HOH A O   1 
HETATM 1620 O O   . HOH D 3 .  ? 13.493  -11.313 -1.333  1.00 68.26 ? 319 HOH A O   1 
HETATM 1621 O O   . HOH D 3 .  ? -6.515  -12.340 -0.639  1.00 23.65 ? 320 HOH A O   1 
HETATM 1622 O O   . HOH D 3 .  ? 8.866   -14.228 -5.665  1.00 37.30 ? 321 HOH A O   1 
HETATM 1623 O O   . HOH D 3 .  ? 8.056   1.981   14.615  1.00 23.88 ? 322 HOH A O   1 
HETATM 1624 O O   . HOH D 3 .  ? 12.702  -6.221  10.382  1.00 25.83 ? 323 HOH A O   1 
HETATM 1625 O O   . HOH D 3 .  ? 8.837   -22.696 -1.615  1.00 54.35 ? 326 HOH A O   1 
HETATM 1626 O O   . HOH D 3 .  ? -2.371  -18.920 -18.638 1.00 42.63 ? 327 HOH A O   1 
HETATM 1627 O O   . HOH D 3 .  ? -1.862  -15.904 19.608  1.00 35.74 ? 329 HOH A O   1 
HETATM 1628 O O   . HOH D 3 .  ? -9.926  -13.230 1.728   1.00 89.06 ? 331 HOH A O   1 
HETATM 1629 O O   . HOH D 3 .  ? -9.170  -12.573 7.788   1.00 54.16 ? 333 HOH A O   1 
HETATM 1630 O O   . HOH D 3 .  ? 1.988   -18.653 -9.275  1.00 41.80 ? 335 HOH A O   1 
HETATM 1631 O O   . HOH D 3 .  ? 6.614   -25.694 -6.895  1.00 46.50 ? 336 HOH A O   1 
HETATM 1632 O O   . HOH D 3 .  ? 4.714   -21.383 -10.046 1.00 30.03 ? 337 HOH A O   1 
HETATM 1633 O O   . HOH D 3 .  ? -3.235  -21.355 -14.604 1.00 63.23 ? 339 HOH A O   1 
HETATM 1634 O O   . HOH D 3 .  ? 2.255   -13.063 -13.938 1.00 44.14 ? 342 HOH A O   1 
HETATM 1635 O O   . HOH D 3 .  ? -13.459 -18.764 -4.004  1.00 87.03 ? 345 HOH A O   1 
HETATM 1636 O O   . HOH D 3 .  ? -11.047 -12.939 -2.788  1.00 36.25 ? 349 HOH A O   1 
HETATM 1637 O O   . HOH D 3 .  ? 5.764   4.568   17.158  1.00 41.39 ? 350 HOH A O   1 
HETATM 1638 O O   . HOH D 3 .  ? 6.768   10.665  13.998  1.00 21.62 ? 351 HOH A O   1 
HETATM 1639 O O   . HOH D 3 .  ? 10.661  2.417   16.197  1.00 77.65 ? 352 HOH A O   1 
HETATM 1640 O O   . HOH D 3 .  ? -2.306  -19.426 12.968  1.00 63.84 ? 353 HOH A O   1 
HETATM 1641 O O   . HOH D 3 .  ? -10.316 -16.615 -8.140  1.00 35.25 ? 356 HOH A O   1 
HETATM 1642 O O   . HOH D 3 .  ? -3.512  9.330   17.007  1.00 50.38 ? 357 HOH A O   1 
HETATM 1643 O O   . HOH D 3 .  ? 6.572   0.520   17.796  1.00 42.47 ? 360 HOH A O   1 
HETATM 1644 O O   . HOH D 3 .  ? 6.189   -17.506 -11.755 1.00 50.89 ? 361 HOH A O   1 
HETATM 1645 O O   . HOH D 3 .  ? 14.052  -5.643  6.277   1.00 23.68 ? 362 HOH A O   1 
HETATM 1646 O O   . HOH D 3 .  ? -1.230  -28.506 -3.731  1.00 32.38 ? 364 HOH A O   1 
HETATM 1647 O O   . HOH D 3 .  ? -10.915 -8.663  6.045   1.00 44.22 ? 365 HOH A O   1 
HETATM 1648 O O   . HOH D 3 .  ? 1.031   -20.875 11.347  1.00 38.68 ? 366 HOH A O   1 
HETATM 1649 O O   . HOH D 3 .  ? -10.158 -13.935 13.917  1.00 34.86 ? 367 HOH A O   1 
HETATM 1650 O O   . HOH D 3 .  ? 8.041   1.617   10.715  1.00 40.27 ? 370 HOH A O   1 
HETATM 1651 O O   . HOH D 3 .  ? 4.533   -11.114 -15.483 1.00 16.89 ? 371 HOH A O   1 
HETATM 1652 O O   . HOH D 3 .  ? 13.973  -9.759  -4.401  1.00 42.91 ? 372 HOH A O   1 
HETATM 1653 O O   . HOH E 3 .  ? 5.996   1.110   2.485   1.00 2.03  ? 300 HOH B O   1 
HETATM 1654 O O   . HOH E 3 .  ? 1.557   -2.106  -7.310  1.00 21.14 ? 301 HOH B O   1 
HETATM 1655 O O   . HOH E 3 .  ? -9.905  -2.521  10.090  1.00 14.16 ? 303 HOH B O   1 
HETATM 1656 O O   . HOH E 3 .  ? 14.009  10.440  -9.282  1.00 41.97 ? 304 HOH B O   1 
HETATM 1657 O O   . HOH E 3 .  ? 16.012  15.601  -6.584  1.00 31.31 ? 305 HOH B O   1 
HETATM 1658 O O   . HOH E 3 .  ? 4.557   7.836   13.571  1.00 44.53 ? 307 HOH B O   1 
HETATM 1659 O O   . HOH E 3 .  ? 6.882   10.969  -4.088  1.00 22.79 ? 308 HOH B O   1 
HETATM 1660 O O   . HOH E 3 .  ? -13.105 9.728   4.237   1.00 65.75 ? 309 HOH B O   1 
HETATM 1661 O O   . HOH E 3 .  ? -11.259 -3.919  11.870  1.00 29.53 ? 312 HOH B O   1 
HETATM 1662 O O   . HOH E 3 .  ? 4.180   7.951   10.686  1.00 17.51 ? 313 HOH B O   1 
HETATM 1663 O O   . HOH E 3 .  ? -3.802  2.445   -15.966 1.00 39.13 ? 314 HOH B O   1 
HETATM 1664 O O   . HOH E 3 .  ? -16.209 2.724   10.091  1.00 58.85 ? 318 HOH B O   1 
HETATM 1665 O O   . HOH E 3 .  ? -11.627 2.977   5.823   1.00 38.17 ? 324 HOH B O   1 
HETATM 1666 O O   . HOH E 3 .  ? -8.383  1.841   -4.831  1.00 89.55 ? 325 HOH B O   1 
HETATM 1667 O O   . HOH E 3 .  ? -3.180  -5.611  18.738  1.00 65.13 ? 328 HOH B O   1 
HETATM 1668 O O   . HOH E 3 .  ? -1.337  24.084  0.784   1.00 79.32 ? 330 HOH B O   1 
HETATM 1669 O O   . HOH E 3 .  ? 10.771  24.468  -21.506 1.00 36.34 ? 332 HOH B O   1 
HETATM 1670 O O   . HOH E 3 .  ? -8.929  6.463   -10.336 1.00 94.91 ? 334 HOH B O   1 
HETATM 1671 O O   . HOH E 3 .  ? -13.710 0.924   7.268   1.00 18.21 ? 338 HOH B O   1 
HETATM 1672 O O   . HOH E 3 .  ? -4.555  8.832   -15.417 1.00 35.53 ? 340 HOH B O   1 
HETATM 1673 O O   . HOH E 3 .  ? -4.425  23.735  6.651   1.00 37.05 ? 341 HOH B O   1 
HETATM 1674 O O   . HOH E 3 .  ? 0.111   12.357  15.546  1.00 38.63 ? 343 HOH B O   1 
HETATM 1675 O O   . HOH E 3 .  ? 7.750   -5.512  -10.199 1.00 50.88 ? 344 HOH B O   1 
HETATM 1676 O O   . HOH E 3 .  ? -13.839 -2.267  13.451  1.00 12.19 ? 346 HOH B O   1 
HETATM 1677 O O   . HOH E 3 .  ? 5.263   10.683  11.345  1.00 28.07 ? 347 HOH B O   1 
HETATM 1678 O O   . HOH E 3 .  ? 9.168   14.696  -0.406  1.00 11.79 ? 348 HOH B O   1 
HETATM 1679 O O   . HOH E 3 .  ? 11.883  3.238   -2.952  1.00 52.43 ? 354 HOH B O   1 
HETATM 1680 O O   . HOH E 3 .  ? 10.100  11.812  -0.981  1.00 34.32 ? 355 HOH B O   1 
HETATM 1681 O O   . HOH E 3 .  ? -11.791 0.022   15.757  1.00 71.99 ? 358 HOH B O   1 
HETATM 1682 O O   . HOH E 3 .  ? 6.109   24.382  -4.216  1.00 62.24 ? 359 HOH B O   1 
HETATM 1683 O O   . HOH E 3 .  ? 2.279   15.315  14.215  1.00 40.75 ? 363 HOH B O   1 
HETATM 1684 O O   . HOH E 3 .  ? 4.287   10.707  -17.768 1.00 59.15 ? 368 HOH B O   1 
HETATM 1685 O O   . HOH E 3 .  ? -13.152 4.659   9.605   1.00 25.16 ? 369 HOH B O   1 
HETATM 1686 O O   . HOH E 3 .  ? 5.293   12.135  -21.308 1.00 44.76 ? 373 HOH B O   1 
HETATM 1687 O O   . HOH E 3 .  ? 4.951   19.697  8.005   1.00 31.11 ? 374 HOH B O   1 
HETATM 1688 O O   . HOH E 3 .  ? 9.410   8.868   3.150   1.00 50.80 ? 375 HOH B O   1 
# 
